data_8ES8
#
_entry.id   8ES8
#
_cell.length_a   1.00
_cell.length_b   1.00
_cell.length_c   1.00
_cell.angle_alpha   90.00
_cell.angle_beta   90.00
_cell.angle_gamma   90.00
#
_symmetry.space_group_name_H-M   'P 1'
#
loop_
_entity.id
_entity.type
_entity.pdbx_description
1 polymer 'T-cell surface glycoprotein CD3 zeta chain'
2 polymer 'T-cell surface glycoprotein CD3 delta chain'
3 polymer 'T-cell surface glycoprotein CD3 epsilon chain'
4 polymer 'T-cell surface glycoprotein CD3 gamma chain'
5 polymer 'PN45545 TCR alpha chain'
6 polymer 'PN45545 TCR beta chain'
7 polymer 'MHC class I antigen'
8 polymer Beta-2-microglobulin
9 polymer 'Melanoma-associated antigen 4'
10 branched beta-D-mannopyranose-(1-4)-2-acetamido-2-deoxy-beta-D-glucopyranose-(1-4)-2-acetamido-2-deoxy-beta-D-glucopyranose
11 branched 2-acetamido-2-deoxy-beta-D-glucopyranose-(1-4)-2-acetamido-2-deoxy-beta-D-glucopyranose
12 non-polymer 'CHOLESTEROL HEMISUCCINATE'
13 non-polymer 2-acetamido-2-deoxy-beta-D-glucopyranose
#
loop_
_entity_poly.entity_id
_entity_poly.type
_entity_poly.pdbx_seq_one_letter_code
_entity_poly.pdbx_strand_id
1 'polypeptide(L)'
;MKWKALFTAAILQAQLPITEAQSFGLLDPKLCYLLDGILFIYGVILTALFLRVKFSRSADAPAYQQGQNQLYNELNLGRR
EEYDVLDKRRGRDPEMGGKPQRRKNPQEGLYNELQKDKMAEAYSEIGMKGERRRGKGHDGLYQGLSTATKDTYDALHMQA
LPPRGSGLEVLFQ
;
Z,Y
2 'polypeptide(L)'
;MEHSTFLSGLVLATLLSQVSPFKIPIEELEDRVFVNCNTSITWVEGTVGTLLSDITRLDLGKRILDPRGIYRCNGTDIYK
DKESTVQVHYRMCQSCVELDPATVAGIIVTDVIATLLLALGVFCFAGHETGRLSGAADTQALLRNDQVYQPLRDRDDAQY
SHLGGNWARNKGSG
;
D
3 'polypeptide(L)'
;MGQSGTHWRVLGLCLLSVGVWGQDGNEEMGGITQTPYKVSISGTTVILTCPQYPGSEILWQHNDKNIGGDEDDKNIGSDE
DHLSLKEFSELEQSGYYVCYPRGSKPEDANFYLYLRARVCENCMEMDVMSVATIVIVDICITGGLLLLVYYWSKNRKAKA
KPVTRGAGAGGRQRGQNKERPPPVPNPDYEPIRKGQRDLYSGLNQRRIGSG
;
F,E
4 'polypeptide(L)'
;MEQGKGLAVLILAIILLQGTLAQSIKGNHLVKVYDYQEDGSVLLTCDAEAKNITWFKDGKMIGFLTEDKKKWNLGSNAKD
PRGMYQCKGSQNKSKPLQVYYRMCQNCIELNAATISGFLFAEIVSIFVLAVGVYFIAGQDGVRQSRASDKQTLLPNDQLY
QPLKDREDDQYSHLQGNQLRRNGSG
;
G
5 'polypeptide(L)'
;MSLSSLLKVVTASLWLGPGIAQKITQTQPGMFVQEKEAVTLDCTYDTSDPSYGLFWYKQPSSGEMIFLIYQGSYDQQNAT
EGRYSLNFQKARKSANLVISASQLGDSAMYFCAMRGGGSGGSYIPTFGRGTSLIVHPNIQNPDPAVYQLRDSKSSDKSVC
LFTDFDSQTNVSQSKDSDVYITDKTVLDMRSMDFKSNSAVAWSNKSDFACANAFNNSIIPEDTFFPSPESSCDVKLVEKS
FETDTNLNFQNLSVIGFRILLLKVAGFNLLMTLRLWSS
;
A
6 'polypeptide(L)'
;MGFRLLCCVAFCLLGAGPVDVKVTQSSRYLVKRTGEKVFLECVQDMDHENMFWYRQDPGLGLRLIYFSYDVKMKEKGDIP
EGYSVSREKKERFSLILESASTNQTSMYLCASSFTGPYNSPLHFGNGTRLTVTEDLNKVFPPEVAVFEPSEAEISHTQKA
TLVCLATGFFPDHVELSWWVNGKEVHSGVSTDPQPLKEQPALNDSRYCLSSRLRVSATFWQNPRNHFRCQVQFYGLSEND
EWTQDRAKPVTQIVSAEAWGRADCGFTSVSYQQGVLSATILYEILLGKATLYAVLVSALVLMAMVKRKDSRGRAKRGSG
;
B
7 'polypeptide(L)'
;MGSHSMRYFFTSVSRPGRGEPRFIAVGYVDDTQFVRFDSDAASQRMEPRAPWIEQEGPEYWDGETRKVKAHSQTHRVDLG
TLRGYYNQSEAGSHTVQRMYGCDVGSDWRFLRGYHQYAYDGKDYIALKEDLRSWTAADMAAQTTKHKWEAAHVAEQLRAY
LEGTCVEWLRRYLENGKETLQRTDAPKTHMTHHAVSDHEATLRCWALSFYPAEITLTWQRDGEDQTQDTELVETRPAGDG
TFQKWAAVVVPSGQEQRYTCHVQHEGLPKPLTLRWEP
;
N
8 'polypeptide(L)'
;MIQRTPKIQVYSRHPAENGKSNFLNCYVSGFHPSDIEVDLLKNGERIEKVEHSDLSFSKDWSFYLLYYTEFTPTEKDEYA
CRVNHVTLSQPKIVKWDRDM
;
M
9 'polypeptide(L)' GVYDGREHTV P
#
# COMPACT_ATOMS: atom_id res chain seq x y z
N GLN A 22 14.03 -6.01 -31.31
CA GLN A 22 14.52 -5.94 -32.68
C GLN A 22 13.38 -5.67 -33.65
N SER A 23 12.74 -4.51 -33.51
CA SER A 23 11.64 -4.10 -34.38
C SER A 23 12.09 -2.91 -35.20
N PHE A 24 12.04 -3.05 -36.52
CA PHE A 24 12.39 -1.96 -37.43
C PHE A 24 11.19 -1.11 -37.83
N GLY A 25 10.00 -1.71 -37.88
CA GLY A 25 8.86 -0.98 -38.42
C GLY A 25 9.11 -0.68 -39.89
N LEU A 26 8.91 0.57 -40.28
CA LEU A 26 9.24 1.00 -41.64
C LEU A 26 10.70 1.41 -41.74
N LEU A 27 11.58 0.56 -41.22
CA LEU A 27 13.02 0.75 -41.31
C LEU A 27 13.71 -0.51 -41.81
N ASP A 28 12.95 -1.50 -42.26
CA ASP A 28 13.50 -2.72 -42.81
C ASP A 28 14.37 -2.38 -44.01
N PRO A 29 15.64 -2.80 -44.03
CA PRO A 29 16.51 -2.45 -45.16
C PRO A 29 16.08 -3.06 -46.49
N LYS A 30 14.96 -3.76 -46.54
CA LYS A 30 14.49 -4.34 -47.79
C LYS A 30 14.08 -3.29 -48.81
N LEU A 31 13.76 -2.06 -48.37
CA LEU A 31 13.26 -1.05 -49.30
C LEU A 31 14.38 -0.42 -50.12
N CYS A 32 15.41 0.10 -49.45
CA CYS A 32 16.53 0.68 -50.20
C CYS A 32 17.22 -0.39 -51.03
N TYR A 33 17.35 -1.60 -50.49
CA TYR A 33 17.91 -2.70 -51.26
C TYR A 33 16.99 -3.10 -52.42
N LEU A 34 15.68 -2.95 -52.26
CA LEU A 34 14.76 -3.17 -53.38
C LEU A 34 15.01 -2.18 -54.50
N LEU A 35 15.19 -0.91 -54.14
CA LEU A 35 15.51 0.10 -55.14
C LEU A 35 16.83 -0.24 -55.82
N ASP A 36 17.81 -0.70 -55.03
CA ASP A 36 19.09 -1.11 -55.60
C ASP A 36 18.93 -2.28 -56.55
N GLY A 37 18.06 -3.23 -56.22
CA GLY A 37 17.84 -4.36 -57.10
C GLY A 37 17.19 -3.96 -58.41
N ILE A 38 16.22 -3.04 -58.35
CA ILE A 38 15.61 -2.53 -59.57
C ILE A 38 16.65 -1.84 -60.44
N LEU A 39 17.45 -0.96 -59.84
CA LEU A 39 18.47 -0.26 -60.60
C LEU A 39 19.50 -1.22 -61.17
N PHE A 40 19.89 -2.22 -60.38
CA PHE A 40 20.89 -3.19 -60.81
C PHE A 40 20.38 -4.04 -61.98
N ILE A 41 19.14 -4.52 -61.90
CA ILE A 41 18.61 -5.32 -63.01
C ILE A 41 18.51 -4.46 -64.27
N TYR A 42 18.02 -3.23 -64.14
CA TYR A 42 17.96 -2.35 -65.30
C TYR A 42 19.34 -2.13 -65.90
N GLY A 43 20.34 -1.85 -65.05
CA GLY A 43 21.67 -1.60 -65.54
C GLY A 43 22.30 -2.81 -66.21
N VAL A 44 22.11 -3.99 -65.63
CA VAL A 44 22.74 -5.18 -66.18
C VAL A 44 22.09 -5.57 -67.51
N ILE A 45 20.76 -5.49 -67.60
CA ILE A 45 20.13 -5.80 -68.88
C ILE A 45 20.52 -4.77 -69.94
N LEU A 46 20.64 -3.49 -69.54
CA LEU A 46 21.00 -2.46 -70.51
C LEU A 46 22.42 -2.64 -71.00
N THR A 47 23.37 -2.93 -70.10
CA THR A 47 24.75 -3.14 -70.55
C THR A 47 24.89 -4.43 -71.35
N ALA A 48 24.11 -5.46 -71.01
CA ALA A 48 24.11 -6.66 -71.85
C ALA A 48 23.62 -6.35 -73.25
N LEU A 49 22.56 -5.56 -73.36
CA LEU A 49 22.07 -5.14 -74.67
C LEU A 49 23.12 -4.33 -75.41
N PHE A 50 23.83 -3.44 -74.71
CA PHE A 50 24.86 -2.63 -75.35
C PHE A 50 25.98 -3.51 -75.90
N LEU A 51 26.44 -4.48 -75.11
CA LEU A 51 27.46 -5.41 -75.59
C LEU A 51 26.97 -6.23 -76.77
N ARG A 52 25.71 -6.69 -76.72
CA ARG A 52 25.15 -7.45 -77.83
C ARG A 52 25.13 -6.61 -79.11
N VAL A 53 24.70 -5.35 -79.01
CA VAL A 53 24.64 -4.49 -80.18
C VAL A 53 26.04 -4.24 -80.71
N LYS A 54 27.00 -3.96 -79.82
CA LYS A 54 28.35 -3.65 -80.26
C LYS A 54 28.99 -4.84 -80.95
N PHE A 55 28.80 -6.04 -80.41
CA PHE A 55 29.39 -7.23 -81.04
C PHE A 55 28.65 -7.61 -82.31
N SER A 56 27.36 -7.31 -82.39
CA SER A 56 26.58 -7.53 -83.60
C SER A 56 26.95 -6.52 -84.68
N GLY B 25 23.13 -9.68 -41.00
CA GLY B 25 22.74 -8.41 -40.41
C GLY B 25 22.96 -7.22 -41.33
N LEU B 26 23.95 -6.40 -41.01
CA LEU B 26 24.30 -5.21 -41.77
C LEU B 26 23.08 -4.28 -41.91
N LEU B 27 22.63 -3.77 -40.78
CA LEU B 27 21.52 -2.83 -40.73
C LEU B 27 21.96 -1.40 -41.01
N ASP B 28 23.25 -1.16 -41.19
CA ASP B 28 23.73 0.17 -41.53
C ASP B 28 23.31 0.52 -42.94
N PRO B 29 22.56 1.61 -43.16
CA PRO B 29 22.19 2.00 -44.52
C PRO B 29 23.31 2.65 -45.30
N LYS B 30 24.47 2.88 -44.67
CA LYS B 30 25.60 3.47 -45.37
C LYS B 30 26.07 2.58 -46.51
N LEU B 31 26.09 1.26 -46.29
CA LEU B 31 26.45 0.34 -47.36
C LEU B 31 25.44 0.42 -48.49
N CYS B 32 24.16 0.53 -48.17
CA CYS B 32 23.13 0.67 -49.20
C CYS B 32 23.37 1.94 -50.02
N TYR B 33 23.72 3.04 -49.35
CA TYR B 33 24.01 4.29 -50.03
C TYR B 33 25.26 4.16 -50.92
N LEU B 34 26.29 3.48 -50.44
CA LEU B 34 27.46 3.28 -51.28
C LEU B 34 27.10 2.51 -52.54
N LEU B 35 26.31 1.45 -52.39
CA LEU B 35 25.91 0.65 -53.55
C LEU B 35 25.06 1.45 -54.54
N ASP B 36 24.08 2.22 -54.06
CA ASP B 36 23.27 2.95 -55.04
C ASP B 36 24.08 4.07 -55.67
N GLY B 37 25.04 4.65 -54.95
CA GLY B 37 25.90 5.66 -55.55
C GLY B 37 26.76 5.10 -56.66
N ILE B 38 27.34 3.92 -56.46
CA ILE B 38 28.11 3.28 -57.53
C ILE B 38 27.19 2.89 -58.69
N LEU B 39 26.04 2.30 -58.38
CA LEU B 39 25.13 1.80 -59.41
C LEU B 39 24.62 2.95 -60.28
N PHE B 40 24.36 4.11 -59.67
CA PHE B 40 23.81 5.23 -60.43
C PHE B 40 24.79 5.69 -61.51
N ILE B 41 26.05 5.91 -61.13
CA ILE B 41 27.02 6.38 -62.11
C ILE B 41 27.28 5.31 -63.17
N TYR B 42 27.39 4.04 -62.75
CA TYR B 42 27.58 2.99 -63.75
C TYR B 42 26.43 2.95 -64.74
N GLY B 43 25.20 3.05 -64.23
CA GLY B 43 24.04 3.00 -65.10
C GLY B 43 23.96 4.18 -66.04
N VAL B 44 24.26 5.38 -65.55
CA VAL B 44 24.16 6.55 -66.42
C VAL B 44 25.23 6.50 -67.50
N ILE B 45 26.45 6.07 -67.16
CA ILE B 45 27.50 5.97 -68.17
C ILE B 45 27.12 4.95 -69.24
N LEU B 46 26.63 3.78 -68.81
CA LEU B 46 26.27 2.76 -69.80
C LEU B 46 25.07 3.16 -70.62
N THR B 47 24.10 3.87 -70.02
CA THR B 47 22.98 4.39 -70.79
C THR B 47 23.44 5.38 -71.86
N ALA B 48 24.32 6.30 -71.47
CA ALA B 48 24.82 7.28 -72.45
C ALA B 48 25.50 6.57 -73.61
N LEU B 49 26.38 5.61 -73.30
CA LEU B 49 27.10 4.89 -74.34
C LEU B 49 26.14 4.15 -75.26
N PHE B 50 25.23 3.35 -74.67
CA PHE B 50 24.32 2.53 -75.47
C PHE B 50 23.40 3.40 -76.33
N LEU B 51 22.85 4.46 -75.75
CA LEU B 51 21.91 5.29 -76.51
C LEU B 51 22.60 6.08 -77.60
N ARG B 52 23.85 6.53 -77.40
CA ARG B 52 24.51 7.22 -78.49
C ARG B 52 24.94 6.25 -79.59
N VAL B 53 25.44 5.06 -79.23
CA VAL B 53 25.84 4.11 -80.27
C VAL B 53 24.63 3.64 -81.07
N LYS B 54 23.51 3.37 -80.40
CA LYS B 54 22.35 2.82 -81.10
C LYS B 54 21.66 3.87 -81.97
N PHE B 55 21.49 5.09 -81.46
CA PHE B 55 20.78 6.12 -82.20
C PHE B 55 21.58 6.58 -83.41
N PHE C 22 -13.74 -12.17 -11.55
CA PHE C 22 -12.82 -13.21 -11.99
C PHE C 22 -12.16 -12.87 -13.33
N LYS C 23 -11.24 -11.90 -13.26
CA LYS C 23 -10.45 -11.47 -14.39
C LYS C 23 -9.06 -12.09 -14.28
N ILE C 24 -8.54 -12.57 -15.40
CA ILE C 24 -7.19 -13.13 -15.43
C ILE C 24 -6.16 -12.00 -15.34
N PRO C 25 -5.31 -11.98 -14.32
CA PRO C 25 -4.36 -10.88 -14.16
C PRO C 25 -3.33 -10.87 -15.29
N ILE C 26 -3.15 -9.68 -15.87
CA ILE C 26 -2.13 -9.43 -16.88
C ILE C 26 -1.15 -8.43 -16.28
N GLU C 27 0.12 -8.80 -16.25
CA GLU C 27 1.14 -7.99 -15.59
C GLU C 27 2.11 -7.44 -16.62
N GLU C 28 2.63 -6.24 -16.33
CA GLU C 28 3.47 -5.50 -17.25
C GLU C 28 4.79 -5.22 -16.55
N LEU C 29 5.75 -6.12 -16.73
CA LEU C 29 7.10 -5.94 -16.20
C LEU C 29 7.91 -5.08 -17.17
N GLU C 30 9.24 -5.07 -16.97
CA GLU C 30 10.14 -4.07 -17.53
C GLU C 30 9.83 -3.70 -18.99
N ASP C 31 9.85 -4.66 -19.90
CA ASP C 31 9.45 -4.38 -21.27
C ASP C 31 8.60 -5.51 -21.87
N ARG C 32 8.24 -6.51 -21.09
CA ARG C 32 7.46 -7.64 -21.56
C ARG C 32 6.09 -7.65 -20.88
N VAL C 33 5.24 -8.56 -21.35
CA VAL C 33 3.90 -8.75 -20.81
C VAL C 33 3.72 -10.21 -20.43
N PHE C 34 3.11 -10.44 -19.28
CA PHE C 34 2.95 -11.77 -18.72
C PHE C 34 1.49 -12.02 -18.36
N VAL C 35 1.10 -13.30 -18.46
CA VAL C 35 -0.21 -13.78 -18.00
C VAL C 35 0.01 -14.57 -16.71
N ASN C 36 -0.79 -14.26 -15.69
CA ASN C 36 -0.69 -14.91 -14.39
C ASN C 36 -2.01 -15.58 -14.04
N CYS C 37 -1.92 -16.86 -13.67
CA CYS C 37 -3.02 -17.64 -13.12
C CYS C 37 -2.54 -18.36 -11.86
N ASN C 38 -3.43 -19.08 -11.20
CA ASN C 38 -3.00 -19.98 -10.14
C ASN C 38 -2.80 -21.39 -10.64
N THR C 39 -3.09 -21.66 -11.92
CA THR C 39 -2.93 -22.99 -12.50
C THR C 39 -2.30 -22.85 -13.88
N SER C 40 -2.28 -23.95 -14.62
CA SER C 40 -1.75 -23.97 -15.97
C SER C 40 -2.62 -23.11 -16.88
N ILE C 41 -1.98 -22.38 -17.79
CA ILE C 41 -2.69 -21.50 -18.71
C ILE C 41 -2.94 -22.26 -20.00
N THR C 42 -4.17 -22.24 -20.48
CA THR C 42 -4.57 -22.91 -21.70
C THR C 42 -4.55 -21.90 -22.84
N TRP C 43 -3.76 -22.20 -23.87
CA TRP C 43 -3.67 -21.34 -25.04
C TRP C 43 -4.85 -21.61 -25.96
N VAL C 44 -5.70 -20.61 -26.15
CA VAL C 44 -6.86 -20.75 -27.03
C VAL C 44 -6.53 -20.29 -28.45
N GLU C 45 -5.91 -19.12 -28.59
CA GLU C 45 -5.54 -18.62 -29.90
C GLU C 45 -4.53 -17.49 -29.74
N GLY C 46 -3.86 -17.15 -30.84
CA GLY C 46 -2.97 -16.01 -30.90
C GLY C 46 -1.52 -16.31 -30.59
N THR C 47 -0.84 -15.40 -29.89
CA THR C 47 0.57 -15.60 -29.58
C THR C 47 0.74 -16.80 -28.65
N VAL C 48 1.64 -17.71 -29.04
CA VAL C 48 1.84 -18.93 -28.27
C VAL C 48 2.53 -18.61 -26.94
N GLY C 49 3.60 -17.82 -26.99
CA GLY C 49 4.32 -17.47 -25.78
C GLY C 49 5.29 -18.55 -25.34
N THR C 50 6.04 -18.24 -24.30
CA THR C 50 7.04 -19.14 -23.74
C THR C 50 6.82 -19.31 -22.25
N LEU C 51 6.92 -20.55 -21.78
CA LEU C 51 6.77 -20.84 -20.36
C LEU C 51 8.09 -20.60 -19.62
N LEU C 52 7.97 -20.16 -18.37
CA LEU C 52 9.10 -19.75 -17.55
C LEU C 52 9.67 -20.86 -16.69
N SER C 53 9.20 -22.10 -16.87
CA SER C 53 9.33 -23.22 -15.95
C SER C 53 8.47 -23.04 -14.70
N ASP C 54 7.77 -21.92 -14.58
CA ASP C 54 6.70 -21.75 -13.60
C ASP C 54 5.39 -21.97 -14.33
N ILE C 55 4.68 -23.04 -13.97
CA ILE C 55 3.49 -23.45 -14.72
C ILE C 55 2.41 -22.38 -14.68
N THR C 56 2.36 -21.58 -13.62
CA THR C 56 1.33 -20.57 -13.44
C THR C 56 1.69 -19.21 -14.05
N ARG C 57 2.67 -19.16 -14.96
CA ARG C 57 3.04 -17.92 -15.60
C ARG C 57 3.42 -18.16 -17.06
N LEU C 58 2.95 -17.28 -17.94
CA LEU C 58 3.22 -17.37 -19.37
C LEU C 58 3.69 -16.02 -19.88
N ASP C 59 4.82 -16.00 -20.57
CA ASP C 59 5.41 -14.78 -21.12
C ASP C 59 5.01 -14.63 -22.58
N LEU C 60 4.51 -13.44 -22.93
CA LEU C 60 4.09 -13.15 -24.30
C LEU C 60 5.09 -12.32 -25.06
N GLY C 61 6.20 -11.93 -24.46
CA GLY C 61 7.23 -11.18 -25.14
C GLY C 61 7.08 -9.69 -25.00
N LYS C 62 7.82 -8.99 -25.86
CA LYS C 62 7.85 -7.53 -25.83
C LYS C 62 6.50 -6.94 -26.23
N ARG C 63 6.19 -5.79 -25.65
CA ARG C 63 4.91 -5.13 -25.92
C ARG C 63 4.89 -4.47 -27.29
N ILE C 64 6.03 -3.97 -27.77
CA ILE C 64 6.05 -3.27 -29.05
C ILE C 64 5.88 -4.21 -30.22
N LEU C 65 5.93 -5.52 -29.99
CA LEU C 65 5.65 -6.52 -31.01
C LEU C 65 4.17 -6.83 -31.14
N ASP C 66 3.31 -6.11 -30.41
CA ASP C 66 1.86 -6.24 -30.45
C ASP C 66 1.40 -7.67 -30.17
N PRO C 67 1.58 -8.18 -28.96
CA PRO C 67 1.07 -9.52 -28.64
C PRO C 67 -0.45 -9.52 -28.58
N ARG C 68 -1.05 -10.50 -29.26
CA ARG C 68 -2.50 -10.64 -29.32
C ARG C 68 -2.86 -12.11 -29.18
N GLY C 69 -3.89 -12.40 -28.38
CA GLY C 69 -4.30 -13.78 -28.21
C GLY C 69 -5.43 -13.92 -27.23
N ILE C 70 -5.85 -15.17 -27.03
CA ILE C 70 -6.94 -15.53 -26.13
C ILE C 70 -6.46 -16.70 -25.26
N TYR C 71 -6.61 -16.55 -23.94
CA TYR C 71 -6.12 -17.56 -23.00
C TYR C 71 -7.19 -17.88 -21.95
N ARG C 72 -6.99 -19.00 -21.25
CA ARG C 72 -8.00 -19.54 -20.35
C ARG C 72 -7.32 -20.26 -19.19
N CYS C 73 -7.87 -20.12 -17.98
CA CYS C 73 -7.37 -20.85 -16.82
C CYS C 73 -8.42 -20.85 -15.71
N ASN C 74 -8.13 -21.61 -14.64
CA ASN C 74 -8.98 -21.73 -13.47
C ASN C 74 -8.46 -20.89 -12.29
N GLY C 75 -9.06 -21.09 -11.11
CA GLY C 75 -8.67 -20.42 -9.89
C GLY C 75 -8.13 -21.38 -8.84
N THR C 76 -8.13 -20.93 -7.58
CA THR C 76 -7.64 -21.78 -6.50
C THR C 76 -8.26 -21.50 -5.12
N ASP C 77 -8.43 -20.23 -4.75
CA ASP C 77 -9.01 -19.91 -3.44
C ASP C 77 -10.47 -20.34 -3.37
N ILE C 78 -11.26 -20.04 -4.40
CA ILE C 78 -12.67 -20.36 -4.51
C ILE C 78 -12.93 -20.37 -6.01
N TYR C 79 -14.18 -20.59 -6.42
CA TYR C 79 -14.50 -20.71 -7.84
C TYR C 79 -13.62 -21.75 -8.55
N LYS C 80 -13.57 -22.95 -8.00
CA LYS C 80 -12.81 -24.04 -8.62
C LYS C 80 -13.64 -24.85 -9.60
N ASP C 81 -14.75 -24.30 -10.09
CA ASP C 81 -15.55 -25.00 -11.07
C ASP C 81 -16.05 -24.07 -12.17
N LYS C 82 -15.69 -22.79 -12.14
CA LYS C 82 -16.07 -21.85 -13.19
C LYS C 82 -14.83 -21.35 -13.91
N GLU C 83 -14.88 -21.36 -15.25
CA GLU C 83 -13.76 -21.01 -16.10
C GLU C 83 -13.57 -19.49 -16.17
N SER C 84 -12.48 -19.08 -16.81
CA SER C 84 -12.27 -17.68 -17.16
C SER C 84 -11.43 -17.59 -18.41
N THR C 85 -11.73 -16.60 -19.24
CA THR C 85 -11.07 -16.38 -20.50
C THR C 85 -10.71 -14.91 -20.61
N VAL C 86 -9.57 -14.62 -21.22
CA VAL C 86 -9.11 -13.25 -21.40
C VAL C 86 -8.56 -13.10 -22.81
N GLN C 87 -8.78 -11.92 -23.40
CA GLN C 87 -8.23 -11.54 -24.69
C GLN C 87 -7.33 -10.33 -24.53
N VAL C 88 -6.06 -10.47 -24.90
CA VAL C 88 -5.09 -9.38 -24.85
C VAL C 88 -4.91 -8.83 -26.26
N HIS C 89 -5.01 -7.52 -26.40
CA HIS C 89 -4.84 -6.86 -27.68
C HIS C 89 -3.95 -5.63 -27.49
N TYR C 90 -2.79 -5.64 -28.13
CA TYR C 90 -1.85 -4.53 -28.03
C TYR C 90 -1.70 -3.84 -29.39
N ARG C 91 -1.57 -2.52 -29.36
CA ARG C 91 -1.42 -1.70 -30.57
C ARG C 91 -0.52 -0.53 -30.20
N MET C 92 0.75 -0.59 -30.60
CA MET C 92 1.72 0.43 -30.20
C MET C 92 2.34 1.19 -31.38
N CYS C 93 1.68 1.24 -32.53
CA CYS C 93 2.21 1.98 -33.70
C CYS C 93 3.69 1.74 -33.96
N GLN C 94 4.05 0.46 -34.07
CA GLN C 94 5.41 0.17 -34.50
C GLN C 94 5.59 0.65 -35.93
N SER C 95 4.56 0.48 -36.76
CA SER C 95 4.57 0.87 -38.16
C SER C 95 3.73 2.11 -38.47
N CYS C 96 3.23 2.84 -37.48
CA CYS C 96 2.42 4.02 -37.81
C CYS C 96 3.33 5.14 -38.31
N VAL C 97 2.71 6.12 -38.98
CA VAL C 97 3.44 7.24 -39.57
C VAL C 97 2.57 8.48 -39.73
N GLU C 98 3.09 9.64 -39.35
CA GLU C 98 2.33 10.88 -39.47
C GLU C 98 2.13 11.24 -40.94
N LEU C 99 0.88 11.40 -41.36
CA LEU C 99 0.58 11.71 -42.76
C LEU C 99 -0.53 12.76 -42.80
N ASP C 100 -0.15 14.02 -42.96
CA ASP C 100 -1.12 15.07 -43.17
C ASP C 100 -1.75 14.93 -44.55
N PRO C 101 -3.05 15.20 -44.69
CA PRO C 101 -3.66 15.12 -46.03
C PRO C 101 -3.02 16.07 -47.03
N ALA C 102 -2.63 17.26 -46.57
CA ALA C 102 -1.96 18.20 -47.45
C ALA C 102 -0.62 17.65 -47.91
N THR C 103 0.12 17.01 -47.00
CA THR C 103 1.43 16.47 -47.35
C THR C 103 1.31 15.36 -48.39
N VAL C 104 0.36 14.44 -48.22
CA VAL C 104 0.21 13.35 -49.18
C VAL C 104 -0.28 13.89 -50.51
N ALA C 105 -1.17 14.90 -50.48
CA ALA C 105 -1.57 15.57 -51.71
C ALA C 105 -0.38 16.17 -52.42
N GLY C 106 0.50 16.85 -51.67
CA GLY C 106 1.69 17.42 -52.28
C GLY C 106 2.60 16.38 -52.89
N ILE C 107 2.79 15.25 -52.20
CA ILE C 107 3.64 14.19 -52.74
C ILE C 107 3.06 13.65 -54.03
N ILE C 108 1.76 13.34 -54.03
CA ILE C 108 1.14 12.77 -55.23
C ILE C 108 1.21 13.76 -56.40
N VAL C 109 0.93 15.04 -56.14
CA VAL C 109 0.92 16.01 -57.23
C VAL C 109 2.35 16.22 -57.75
N THR C 110 3.34 16.22 -56.86
CA THR C 110 4.72 16.38 -57.32
C THR C 110 5.17 15.19 -58.14
N ASP C 111 4.74 13.99 -57.77
CA ASP C 111 5.07 12.81 -58.56
C ASP C 111 4.40 12.89 -59.93
N VAL C 112 3.17 13.39 -59.98
CA VAL C 112 2.49 13.57 -61.27
C VAL C 112 3.23 14.58 -62.12
N ILE C 113 3.68 15.68 -61.52
CA ILE C 113 4.46 16.67 -62.25
C ILE C 113 5.73 16.03 -62.82
N ALA C 114 6.39 15.20 -62.01
CA ALA C 114 7.61 14.54 -62.48
C ALA C 114 7.32 13.62 -63.66
N THR C 115 6.22 12.86 -63.61
CA THR C 115 5.93 11.93 -64.68
C THR C 115 5.55 12.65 -65.97
N LEU C 116 4.82 13.76 -65.88
CA LEU C 116 4.56 14.57 -67.07
C LEU C 116 5.83 15.22 -67.61
N LEU C 117 6.72 15.70 -66.75
CA LEU C 117 7.98 16.24 -67.25
C LEU C 117 8.79 15.18 -67.99
N LEU C 118 8.82 13.95 -67.44
CA LEU C 118 9.52 12.87 -68.12
C LEU C 118 8.88 12.53 -69.46
N ALA C 119 7.55 12.53 -69.52
CA ALA C 119 6.86 12.28 -70.78
C ALA C 119 7.17 13.36 -71.80
N LEU C 120 7.22 14.62 -71.36
CA LEU C 120 7.58 15.71 -72.25
C LEU C 120 9.01 15.54 -72.76
N GLY C 121 9.92 15.12 -71.89
CA GLY C 121 11.28 14.84 -72.33
C GLY C 121 11.33 13.74 -73.37
N VAL C 122 10.54 12.69 -73.19
CA VAL C 122 10.46 11.62 -74.19
C VAL C 122 9.95 12.17 -75.51
N PHE C 123 8.90 13.01 -75.46
CA PHE C 123 8.33 13.59 -76.66
C PHE C 123 9.36 14.45 -77.39
N CYS C 124 10.12 15.24 -76.65
CA CYS C 124 11.16 16.06 -77.27
C CYS C 124 12.27 15.21 -77.85
N PHE C 125 12.59 14.08 -77.20
CA PHE C 125 13.64 13.21 -77.71
C PHE C 125 13.21 12.53 -79.01
N ALA C 126 11.92 12.23 -79.15
CA ALA C 126 11.47 11.55 -80.36
C ALA C 126 11.71 12.40 -81.60
N GLY C 127 11.47 13.70 -81.49
CA GLY C 127 11.69 14.61 -82.61
C GLY C 127 13.15 14.88 -82.92
N GLN D 34 3.51 38.12 -18.51
CA GLN D 34 4.30 39.33 -18.65
C GLN D 34 5.35 39.19 -19.75
N THR D 35 6.62 39.21 -19.35
CA THR D 35 7.74 39.07 -20.25
C THR D 35 8.54 37.82 -19.92
N PRO D 36 8.80 36.96 -20.90
CA PRO D 36 9.45 35.67 -20.63
C PRO D 36 10.95 35.81 -20.43
N TYR D 37 11.56 34.69 -20.04
CA TYR D 37 13.01 34.60 -20.02
C TYR D 37 13.56 34.56 -21.43
N LYS D 38 14.83 34.92 -21.57
CA LYS D 38 15.56 34.73 -22.81
C LYS D 38 16.51 33.56 -22.62
N VAL D 39 16.46 32.60 -23.54
CA VAL D 39 17.32 31.42 -23.51
C VAL D 39 18.23 31.48 -24.71
N SER D 40 19.54 31.53 -24.46
CA SER D 40 20.53 31.58 -25.52
C SER D 40 21.40 30.33 -25.43
N ILE D 41 21.61 29.67 -26.58
CA ILE D 41 22.41 28.46 -26.65
C ILE D 41 23.51 28.68 -27.67
N SER D 42 24.75 28.45 -27.25
CA SER D 42 25.91 28.58 -28.14
C SER D 42 26.84 27.44 -27.78
N GLY D 43 26.79 26.36 -28.55
CA GLY D 43 27.63 25.22 -28.27
C GLY D 43 27.12 24.50 -27.03
N THR D 44 27.98 24.34 -26.04
CA THR D 44 27.59 23.73 -24.77
C THR D 44 27.32 24.76 -23.68
N THR D 45 27.19 26.03 -24.06
CA THR D 45 26.93 27.11 -23.12
C THR D 45 25.49 27.58 -23.24
N VAL D 46 24.81 27.69 -22.10
CA VAL D 46 23.41 28.10 -22.04
C VAL D 46 23.31 29.33 -21.16
N ILE D 47 22.68 30.38 -21.66
CA ILE D 47 22.53 31.65 -20.95
C ILE D 47 21.06 31.92 -20.69
N LEU D 48 20.72 32.18 -19.43
CA LEU D 48 19.37 32.50 -19.00
C LEU D 48 19.27 33.96 -18.58
N THR D 49 18.27 34.66 -19.11
CA THR D 49 18.07 36.08 -18.84
C THR D 49 16.68 36.31 -18.26
N CYS D 50 16.59 37.09 -17.19
CA CYS D 50 15.34 37.37 -16.49
C CYS D 50 15.07 38.85 -16.64
N PRO D 51 14.23 39.27 -17.59
CA PRO D 51 14.07 40.71 -17.86
C PRO D 51 13.35 41.47 -16.77
N GLN D 52 12.57 40.82 -15.93
CA GLN D 52 11.82 41.55 -14.93
C GLN D 52 12.75 42.16 -13.89
N TYR D 53 12.27 43.22 -13.23
CA TYR D 53 12.99 43.93 -12.19
C TYR D 53 14.29 44.49 -12.76
N PRO D 54 14.22 45.48 -13.66
CA PRO D 54 15.44 46.02 -14.25
C PRO D 54 16.29 46.78 -13.25
N GLY D 55 17.61 46.55 -13.32
CA GLY D 55 18.56 47.23 -12.46
C GLY D 55 18.76 46.61 -11.10
N SER D 56 17.69 46.05 -10.53
CA SER D 56 17.80 45.40 -9.24
C SER D 56 18.62 44.12 -9.33
N GLU D 57 19.37 43.84 -8.27
CA GLU D 57 20.18 42.63 -8.23
C GLU D 57 19.27 41.40 -8.15
N ILE D 58 19.72 40.30 -8.73
CA ILE D 58 18.90 39.13 -8.97
C ILE D 58 19.55 37.91 -8.33
N LEU D 59 18.75 37.07 -7.69
CA LEU D 59 19.19 35.78 -7.17
C LEU D 59 18.41 34.66 -7.85
N TRP D 60 19.09 33.55 -8.12
CA TRP D 60 18.55 32.44 -8.89
C TRP D 60 18.51 31.16 -8.07
N GLN D 61 17.41 30.42 -8.21
CA GLN D 61 17.25 29.11 -7.60
C GLN D 61 16.92 28.07 -8.66
N HIS D 62 17.53 26.90 -8.56
CA HIS D 62 17.23 25.77 -9.44
C HIS D 62 16.91 24.57 -8.56
N ASN D 63 15.73 23.99 -8.74
CA ASN D 63 15.28 22.84 -7.96
C ASN D 63 15.37 23.12 -6.46
N ASP D 64 14.94 24.31 -6.07
CA ASP D 64 14.91 24.78 -4.68
C ASP D 64 16.30 24.92 -4.08
N LYS D 65 17.34 24.98 -4.91
CA LYS D 65 18.70 25.24 -4.45
C LYS D 65 19.21 26.51 -5.10
N ASN D 66 19.71 27.44 -4.29
CA ASN D 66 20.21 28.69 -4.83
C ASN D 66 21.46 28.42 -5.66
N ILE D 67 21.55 29.08 -6.81
CA ILE D 67 22.67 28.93 -7.73
C ILE D 67 23.06 30.32 -8.22
N GLY D 68 24.23 30.41 -8.85
CA GLY D 68 24.73 31.67 -9.38
C GLY D 68 25.55 32.48 -8.41
N GLY D 69 25.64 32.07 -7.15
CA GLY D 69 26.45 32.77 -6.17
C GLY D 69 27.94 32.60 -6.43
N ASP D 70 28.72 33.24 -5.57
CA ASP D 70 30.18 33.17 -5.67
C ASP D 70 30.73 31.86 -5.07
N GLU D 71 30.32 30.73 -5.64
CA GLU D 71 30.87 29.45 -5.20
C GLU D 71 31.95 29.00 -6.18
N ASP D 72 32.87 28.19 -5.66
CA ASP D 72 34.08 27.82 -6.40
C ASP D 72 33.71 26.87 -7.54
N ASP D 73 33.20 27.46 -8.62
CA ASP D 73 32.87 26.73 -9.83
C ASP D 73 32.95 27.69 -11.01
N LYS D 74 33.61 27.26 -12.09
CA LYS D 74 33.72 28.11 -13.28
C LYS D 74 32.62 27.82 -14.30
N ASN D 75 31.99 26.64 -14.24
CA ASN D 75 30.94 26.33 -15.18
C ASN D 75 29.74 27.26 -14.99
N ILE D 76 29.41 27.58 -13.75
CA ILE D 76 28.25 28.41 -13.44
C ILE D 76 28.73 29.81 -13.11
N GLY D 77 28.20 30.80 -13.82
CA GLY D 77 28.54 32.18 -13.58
C GLY D 77 27.31 33.06 -13.66
N SER D 78 27.37 34.20 -12.98
CA SER D 78 26.24 35.11 -12.93
C SER D 78 26.75 36.55 -13.01
N ASP D 79 26.03 37.37 -13.79
CA ASP D 79 26.31 38.79 -13.89
C ASP D 79 24.98 39.52 -13.68
N GLU D 80 24.94 40.80 -14.05
CA GLU D 80 23.74 41.64 -13.87
C GLU D 80 22.44 40.92 -14.22
N ASP D 81 22.29 40.44 -15.46
CA ASP D 81 21.05 39.77 -15.82
C ASP D 81 21.27 38.55 -16.73
N HIS D 82 22.47 37.98 -16.76
CA HIS D 82 22.72 36.74 -17.48
C HIS D 82 23.25 35.68 -16.52
N LEU D 83 23.06 34.42 -16.90
CA LEU D 83 23.64 33.28 -16.20
C LEU D 83 24.21 32.32 -17.22
N SER D 84 25.51 32.06 -17.13
CA SER D 84 26.21 31.24 -18.11
C SER D 84 26.52 29.89 -17.47
N LEU D 85 26.10 28.83 -18.14
CA LEU D 85 26.36 27.46 -17.72
C LEU D 85 27.14 26.79 -18.83
N LYS D 86 28.41 26.51 -18.56
CA LYS D 86 29.30 25.91 -19.54
C LYS D 86 29.33 24.40 -19.36
N GLU D 87 29.46 23.69 -20.48
CA GLU D 87 29.37 22.24 -20.53
C GLU D 87 28.08 21.75 -19.88
N PHE D 88 26.97 22.17 -20.48
CA PHE D 88 25.64 21.85 -19.97
C PHE D 88 25.41 20.35 -20.01
N SER D 89 24.86 19.81 -18.92
CA SER D 89 24.52 18.40 -18.83
C SER D 89 23.01 18.27 -18.74
N GLU D 90 22.44 17.51 -19.68
CA GLU D 90 20.98 17.41 -19.78
C GLU D 90 20.38 16.79 -18.54
N LEU D 91 20.99 15.71 -18.03
CA LEU D 91 20.37 14.96 -16.95
C LEU D 91 20.37 15.75 -15.64
N GLU D 92 21.46 16.46 -15.33
CA GLU D 92 21.56 17.10 -14.04
C GLU D 92 21.04 18.53 -14.02
N GLN D 93 21.08 19.25 -15.15
CA GLN D 93 20.80 20.68 -15.16
C GLN D 93 19.45 21.02 -15.78
N SER D 94 18.62 20.03 -16.08
CA SER D 94 17.27 20.28 -16.54
C SER D 94 16.33 20.38 -15.35
N GLY D 95 15.30 21.22 -15.50
CA GLY D 95 14.33 21.38 -14.43
C GLY D 95 13.81 22.80 -14.26
N TYR D 96 13.51 23.17 -13.03
CA TYR D 96 12.86 24.44 -12.71
C TYR D 96 13.88 25.50 -12.33
N TYR D 97 13.78 26.67 -12.97
CA TYR D 97 14.60 27.83 -12.67
C TYR D 97 13.70 29.01 -12.34
N VAL D 98 14.11 29.82 -11.36
CA VAL D 98 13.35 30.98 -10.93
C VAL D 98 14.32 32.14 -10.60
N CYS D 99 13.88 33.36 -10.90
CA CYS D 99 14.66 34.57 -10.66
C CYS D 99 13.89 35.46 -9.69
N TYR D 100 14.56 35.92 -8.64
CA TYR D 100 13.92 36.78 -7.64
C TYR D 100 14.92 37.82 -7.14
N PRO D 101 14.44 38.99 -6.72
CA PRO D 101 15.35 40.02 -6.22
C PRO D 101 15.94 39.65 -4.86
N ARG D 102 17.07 40.26 -4.54
CA ARG D 102 17.74 39.99 -3.28
C ARG D 102 16.89 40.42 -2.08
N GLY D 103 16.89 39.58 -1.05
CA GLY D 103 16.14 39.83 0.16
C GLY D 103 14.68 39.47 0.09
N SER D 104 14.25 38.81 -0.97
CA SER D 104 12.87 38.34 -1.11
C SER D 104 12.86 36.83 -0.98
N LYS D 105 11.68 36.24 -1.19
CA LYS D 105 11.57 34.79 -1.09
C LYS D 105 11.17 34.22 -2.44
N PRO D 106 11.69 33.05 -2.80
CA PRO D 106 11.44 32.51 -4.16
C PRO D 106 9.98 32.41 -4.52
N GLU D 107 9.11 32.13 -3.54
CA GLU D 107 7.69 32.03 -3.85
C GLU D 107 7.10 33.37 -4.23
N ASP D 108 7.69 34.48 -3.78
CA ASP D 108 7.21 35.79 -4.20
C ASP D 108 7.57 36.09 -5.64
N ALA D 109 8.46 35.32 -6.26
CA ALA D 109 8.66 35.44 -7.69
C ALA D 109 7.38 35.01 -8.40
N ASN D 110 7.06 35.69 -9.50
CA ASN D 110 5.79 35.49 -10.17
C ASN D 110 5.90 34.63 -11.42
N PHE D 111 7.04 33.99 -11.67
CA PHE D 111 7.12 33.10 -12.81
C PHE D 111 8.09 31.97 -12.54
N TYR D 112 7.84 30.80 -13.15
CA TYR D 112 8.77 29.69 -13.19
C TYR D 112 9.11 29.29 -14.62
N LEU D 113 10.34 28.79 -14.80
CA LEU D 113 10.80 28.29 -16.09
C LEU D 113 11.17 26.82 -15.97
N TYR D 114 10.62 25.98 -16.85
CA TYR D 114 10.98 24.56 -16.95
C TYR D 114 11.81 24.37 -18.20
N LEU D 115 13.10 24.09 -18.03
CA LEU D 115 14.05 23.98 -19.15
C LEU D 115 14.57 22.56 -19.26
N ARG D 116 14.41 21.97 -20.45
CA ARG D 116 15.00 20.67 -20.78
C ARG D 116 15.61 20.77 -22.17
N ALA D 117 16.92 20.58 -22.27
CA ALA D 117 17.62 20.78 -23.54
C ALA D 117 18.77 19.78 -23.70
N ARG D 118 19.08 19.49 -24.96
CA ARG D 118 20.28 18.73 -25.34
C ARG D 118 21.24 19.67 -26.05
N VAL D 119 22.49 19.68 -25.60
CA VAL D 119 23.49 20.59 -26.12
C VAL D 119 24.55 19.83 -26.91
N CYS D 120 25.14 20.53 -27.88
CA CYS D 120 26.17 20.01 -28.77
C CYS D 120 27.32 21.01 -28.90
N GLU D 121 28.54 20.48 -28.91
CA GLU D 121 29.68 21.32 -29.23
C GLU D 121 29.61 21.77 -30.69
N ASN D 122 29.37 20.82 -31.61
CA ASN D 122 29.23 21.10 -33.04
C ASN D 122 28.00 20.41 -33.66
N CYS D 123 26.84 21.06 -33.56
CA CYS D 123 25.60 20.57 -34.19
C CYS D 123 24.88 21.77 -34.82
N MET D 124 25.11 21.97 -36.12
CA MET D 124 24.40 23.00 -36.86
C MET D 124 22.96 22.56 -37.17
N GLU D 125 22.01 23.45 -36.91
CA GLU D 125 20.59 23.12 -36.99
C GLU D 125 20.10 23.23 -38.43
N MET D 126 19.19 22.33 -38.81
CA MET D 126 18.56 22.39 -40.13
C MET D 126 17.10 22.82 -39.95
N ASP D 127 16.88 24.13 -39.95
CA ASP D 127 15.54 24.69 -40.06
C ASP D 127 15.32 25.08 -41.51
N VAL D 128 14.18 25.71 -41.80
CA VAL D 128 13.86 26.03 -43.18
C VAL D 128 14.87 27.04 -43.74
N MET D 129 15.24 28.04 -42.95
CA MET D 129 16.15 29.07 -43.44
C MET D 129 17.55 28.52 -43.73
N SER D 130 18.08 27.67 -42.85
CA SER D 130 19.41 27.12 -43.06
C SER D 130 19.46 26.20 -44.28
N VAL D 131 18.48 25.30 -44.40
CA VAL D 131 18.46 24.39 -45.54
C VAL D 131 18.27 25.18 -46.84
N ALA D 132 17.38 26.18 -46.82
CA ALA D 132 17.20 27.01 -48.00
C ALA D 132 18.49 27.73 -48.37
N THR D 133 19.19 28.27 -47.38
CA THR D 133 20.44 28.97 -47.65
C THR D 133 21.47 28.03 -48.28
N ILE D 134 21.60 26.83 -47.73
CA ILE D 134 22.57 25.87 -48.26
C ILE D 134 22.20 25.48 -49.68
N VAL D 135 20.91 25.25 -49.94
CA VAL D 135 20.50 24.88 -51.29
C VAL D 135 20.79 26.01 -52.27
N ILE D 136 20.46 27.25 -51.90
CA ILE D 136 20.66 28.38 -52.80
C ILE D 136 22.13 28.58 -53.11
N VAL D 137 23.00 28.49 -52.09
CA VAL D 137 24.41 28.70 -52.33
C VAL D 137 24.98 27.59 -53.21
N ASP D 138 24.54 26.34 -52.99
CA ASP D 138 24.98 25.25 -53.85
C ASP D 138 24.56 25.48 -55.30
N ILE D 139 23.32 25.90 -55.52
CA ILE D 139 22.87 26.19 -56.89
C ILE D 139 23.70 27.31 -57.51
N CYS D 140 23.99 28.36 -56.73
CA CYS D 140 24.68 29.50 -57.31
C CYS D 140 26.11 29.15 -57.68
N ILE D 141 26.82 28.44 -56.80
CA ILE D 141 28.19 28.04 -57.10
C ILE D 141 28.23 27.08 -58.30
N THR D 142 27.35 26.08 -58.32
CA THR D 142 27.37 25.15 -59.44
C THR D 142 27.03 25.85 -60.75
N GLY D 143 26.05 26.75 -60.74
CA GLY D 143 25.70 27.46 -61.96
C GLY D 143 26.84 28.35 -62.45
N GLY D 144 27.51 29.03 -61.52
CA GLY D 144 28.66 29.84 -61.92
C GLY D 144 29.73 29.01 -62.58
N LEU D 145 30.07 27.86 -61.97
CA LEU D 145 31.07 26.98 -62.58
C LEU D 145 30.60 26.47 -63.93
N LEU D 146 29.32 26.13 -64.07
CA LEU D 146 28.84 25.61 -65.35
C LEU D 146 28.93 26.65 -66.46
N LEU D 147 28.53 27.89 -66.17
CA LEU D 147 28.63 28.92 -67.21
C LEU D 147 30.08 29.25 -67.53
N LEU D 148 30.95 29.26 -66.51
CA LEU D 148 32.36 29.50 -66.77
C LEU D 148 32.96 28.43 -67.66
N VAL D 149 32.68 27.16 -67.35
CA VAL D 149 33.25 26.08 -68.16
C VAL D 149 32.62 26.06 -69.54
N TYR D 150 31.35 26.47 -69.66
CA TYR D 150 30.73 26.51 -70.98
C TYR D 150 31.39 27.55 -71.87
N TYR D 151 31.64 28.75 -71.33
CA TYR D 151 32.36 29.76 -72.09
C TYR D 151 33.78 29.32 -72.41
N TRP D 152 34.45 28.68 -71.46
CA TRP D 152 35.82 28.19 -71.71
C TRP D 152 35.82 27.14 -72.82
N SER D 153 34.83 26.25 -72.83
CA SER D 153 34.74 25.22 -73.85
C SER D 153 34.45 25.82 -75.21
N LYS D 154 33.61 26.85 -75.27
CA LYS D 154 33.39 27.56 -76.52
C LYS D 154 34.67 28.25 -77.00
N ASN D 155 35.44 28.80 -76.06
CA ASN D 155 36.68 29.47 -76.46
C ASN D 155 37.69 28.47 -77.02
N ARG D 156 37.83 27.31 -76.37
CA ARG D 156 38.76 26.30 -76.89
C ARG D 156 38.24 25.73 -78.21
N LYS D 157 36.99 25.31 -78.24
CA LYS D 157 36.40 24.73 -79.44
C LYS D 157 35.34 25.67 -80.03
N GLN E 23 8.59 26.26 -5.86
CA GLN E 23 7.85 25.10 -6.35
C GLN E 23 6.88 24.61 -5.27
N SER E 24 6.00 25.51 -4.85
CA SER E 24 5.10 25.28 -3.72
C SER E 24 3.67 25.46 -4.16
N ILE E 25 2.79 24.58 -3.66
CA ILE E 25 1.36 24.68 -3.97
C ILE E 25 0.80 26.00 -3.48
N LYS E 26 1.02 26.32 -2.21
CA LYS E 26 0.74 27.66 -1.73
C LYS E 26 1.67 28.66 -2.41
N GLY E 27 1.14 29.82 -2.75
CA GLY E 27 1.83 30.75 -3.62
C GLY E 27 1.36 30.74 -5.05
N ASN E 28 0.32 29.96 -5.37
CA ASN E 28 -0.33 29.95 -6.69
C ASN E 28 0.60 29.37 -7.76
N HIS E 29 1.35 28.33 -7.41
CA HIS E 29 2.10 27.54 -8.38
C HIS E 29 1.47 26.16 -8.40
N LEU E 30 0.67 25.89 -9.43
CA LEU E 30 -0.11 24.67 -9.49
C LEU E 30 0.18 23.77 -10.68
N VAL E 31 0.70 24.33 -11.76
CA VAL E 31 0.95 23.56 -12.98
C VAL E 31 2.34 22.93 -12.90
N LYS E 32 2.41 21.62 -13.18
CA LYS E 32 3.65 20.87 -13.13
C LYS E 32 3.82 20.07 -14.41
N VAL E 33 5.06 19.69 -14.69
CA VAL E 33 5.41 18.93 -15.88
C VAL E 33 5.66 17.48 -15.48
N TYR E 34 5.11 16.56 -16.26
CA TYR E 34 5.19 15.13 -16.00
C TYR E 34 5.92 14.50 -17.18
N ASP E 35 7.21 14.22 -17.00
CA ASP E 35 8.14 13.96 -18.09
C ASP E 35 8.62 12.51 -18.07
N TYR E 36 9.47 12.18 -19.04
CA TYR E 36 10.16 10.89 -19.14
C TYR E 36 9.18 9.73 -19.22
N GLN E 37 8.41 9.70 -20.29
CA GLN E 37 7.48 8.61 -20.54
C GLN E 37 8.04 7.65 -21.58
N GLU E 38 7.32 6.54 -21.78
CA GLU E 38 7.75 5.56 -22.77
C GLU E 38 7.76 6.16 -24.17
N ASP E 39 6.72 6.93 -24.51
CA ASP E 39 6.71 7.74 -25.71
C ASP E 39 7.34 9.10 -25.41
N GLY E 40 7.39 9.96 -26.41
CA GLY E 40 7.96 11.27 -26.23
C GLY E 40 6.99 12.32 -25.75
N SER E 41 5.80 11.92 -25.34
CA SER E 41 4.76 12.88 -24.97
C SER E 41 5.14 13.67 -23.74
N VAL E 42 4.71 14.94 -23.71
CA VAL E 42 4.90 15.83 -22.59
C VAL E 42 3.54 16.14 -22.00
N LEU E 43 3.39 15.97 -20.69
CA LEU E 43 2.11 16.11 -20.03
C LEU E 43 2.19 17.19 -18.94
N LEU E 44 1.08 17.89 -18.76
CA LEU E 44 0.96 18.93 -17.75
C LEU E 44 -0.12 18.54 -16.75
N THR E 45 0.16 18.81 -15.48
CA THR E 45 -0.73 18.45 -14.38
C THR E 45 -1.09 19.70 -13.60
N CYS E 46 -2.37 19.82 -13.26
CA CYS E 46 -2.87 20.93 -12.46
C CYS E 46 -3.22 20.37 -11.09
N ASP E 47 -2.81 21.10 -10.05
CA ASP E 47 -2.98 20.59 -8.69
C ASP E 47 -4.42 20.68 -8.21
N ALA E 48 -5.19 21.65 -8.72
CA ALA E 48 -6.52 21.89 -8.18
C ALA E 48 -7.36 20.62 -8.23
N GLU E 49 -8.13 20.39 -7.16
CA GLU E 49 -8.93 19.18 -6.99
C GLU E 49 -10.30 19.32 -7.60
N ALA E 50 -10.56 20.44 -8.27
CA ALA E 50 -11.83 20.70 -8.93
C ALA E 50 -12.08 19.76 -10.10
N LYS E 51 -13.36 19.47 -10.30
CA LYS E 51 -13.81 18.54 -11.33
C LYS E 51 -13.50 19.07 -12.73
N ASN E 52 -13.78 20.34 -12.95
CA ASN E 52 -13.55 21.01 -14.22
C ASN E 52 -12.21 21.70 -14.23
N ILE E 53 -11.39 21.41 -15.23
CA ILE E 53 -10.08 22.06 -15.34
C ILE E 53 -10.02 22.74 -16.69
N THR E 54 -9.85 24.05 -16.70
CA THR E 54 -9.68 24.75 -17.96
C THR E 54 -8.20 25.08 -18.17
N TRP E 55 -7.76 25.03 -19.42
CA TRP E 55 -6.36 25.24 -19.73
C TRP E 55 -6.23 26.43 -20.67
N PHE E 56 -5.24 27.26 -20.41
CA PHE E 56 -4.96 28.45 -21.19
C PHE E 56 -3.54 28.44 -21.71
N LYS E 57 -3.35 28.83 -22.96
CA LYS E 57 -2.02 28.99 -23.55
C LYS E 57 -1.88 30.44 -23.98
N ASP E 58 -0.90 31.14 -23.39
CA ASP E 58 -0.71 32.57 -23.62
C ASP E 58 -1.95 33.37 -23.24
N GLY E 59 -2.71 32.87 -22.27
CA GLY E 59 -3.89 33.57 -21.80
C GLY E 59 -5.19 33.01 -22.34
N LYS E 60 -5.19 32.63 -23.61
CA LYS E 60 -6.41 32.18 -24.28
C LYS E 60 -6.69 30.71 -23.98
N MET E 61 -7.95 30.42 -23.68
CA MET E 61 -8.36 29.05 -23.37
C MET E 61 -8.14 28.13 -24.57
N ILE E 62 -7.63 26.93 -24.29
CA ILE E 62 -7.32 25.94 -25.31
C ILE E 62 -8.04 24.62 -25.09
N GLY E 63 -8.85 24.51 -24.05
CA GLY E 63 -9.63 23.31 -23.82
C GLY E 63 -9.93 23.13 -22.34
N PHE E 64 -10.58 22.01 -22.04
CA PHE E 64 -10.95 21.67 -20.67
C PHE E 64 -10.97 20.16 -20.52
N LEU E 65 -10.84 19.71 -19.26
CA LEU E 65 -10.79 18.29 -18.93
C LEU E 65 -11.75 18.01 -17.78
N THR E 66 -12.09 16.73 -17.63
CA THR E 66 -13.09 16.27 -16.65
C THR E 66 -12.41 15.39 -15.61
N GLU E 67 -13.23 14.74 -14.76
CA GLU E 67 -12.69 13.97 -13.65
C GLU E 67 -11.88 12.76 -14.13
N ASP E 68 -12.19 12.25 -15.32
CA ASP E 68 -11.51 11.05 -15.80
C ASP E 68 -10.09 11.36 -16.25
N LYS E 69 -9.88 12.51 -16.87
CA LYS E 69 -8.58 12.89 -17.41
C LYS E 69 -7.97 13.94 -16.50
N LYS E 70 -6.76 13.68 -16.02
CA LYS E 70 -6.10 14.56 -15.08
C LYS E 70 -4.95 15.35 -15.70
N LYS E 71 -4.53 15.01 -16.92
CA LYS E 71 -3.31 15.57 -17.49
C LYS E 71 -3.59 16.09 -18.90
N TRP E 72 -2.94 17.20 -19.24
CA TRP E 72 -3.04 17.80 -20.56
C TRP E 72 -1.85 17.40 -21.41
N ASN E 73 -2.11 16.95 -22.64
CA ASN E 73 -1.08 16.44 -23.53
C ASN E 73 -0.57 17.53 -24.45
N LEU E 74 0.75 17.72 -24.47
CA LEU E 74 1.39 18.67 -25.38
C LEU E 74 2.06 17.99 -26.57
N GLY E 75 1.87 16.69 -26.74
CA GLY E 75 2.49 15.99 -27.85
C GLY E 75 3.93 15.58 -27.58
N SER E 76 4.55 15.07 -28.63
CA SER E 76 5.92 14.57 -28.52
C SER E 76 6.90 15.68 -28.19
N ASN E 77 7.96 15.32 -27.46
CA ASN E 77 9.00 16.27 -27.12
C ASN E 77 9.97 16.54 -28.27
N ALA E 78 9.89 15.78 -29.35
CA ALA E 78 10.76 15.98 -30.50
C ALA E 78 10.35 17.18 -31.35
N LYS E 79 9.17 17.76 -31.12
CA LYS E 79 8.74 18.95 -31.83
C LYS E 79 9.02 20.23 -31.05
N ASP E 80 9.77 20.13 -29.95
CA ASP E 80 10.17 21.25 -29.10
C ASP E 80 8.96 22.07 -28.65
N PRO E 81 8.12 21.54 -27.76
CA PRO E 81 7.00 22.35 -27.25
C PRO E 81 7.51 23.56 -26.46
N ARG E 82 6.99 24.73 -26.80
CA ARG E 82 7.36 25.98 -26.15
C ARG E 82 6.10 26.82 -25.98
N GLY E 83 6.06 27.61 -24.91
CA GLY E 83 4.93 28.47 -24.69
C GLY E 83 4.58 28.61 -23.22
N MET E 84 3.46 29.30 -22.99
CA MET E 84 3.01 29.75 -21.68
C MET E 84 1.71 29.05 -21.35
N TYR E 85 1.67 28.36 -20.21
CA TYR E 85 0.51 27.55 -19.86
C TYR E 85 0.03 27.89 -18.46
N GLN E 86 -1.30 27.90 -18.29
CA GLN E 86 -1.95 28.08 -17.00
C GLN E 86 -3.15 27.16 -16.93
N CYS E 87 -3.58 26.86 -15.71
CA CYS E 87 -4.76 26.05 -15.48
C CYS E 87 -5.65 26.71 -14.44
N LYS E 88 -6.95 26.45 -14.55
CA LYS E 88 -7.96 27.00 -13.67
C LYS E 88 -9.02 25.93 -13.39
N GLY E 89 -9.43 25.83 -12.14
CA GLY E 89 -10.50 24.93 -11.77
C GLY E 89 -11.73 25.71 -11.33
N SER E 90 -11.94 25.81 -10.02
CA SER E 90 -13.01 26.63 -9.47
C SER E 90 -12.52 27.98 -8.96
N GLN E 91 -11.24 28.08 -8.61
CA GLN E 91 -10.69 29.34 -8.12
C GLN E 91 -10.11 30.13 -9.29
N ASN E 92 -9.34 31.18 -8.97
CA ASN E 92 -8.75 32.03 -10.00
C ASN E 92 -7.66 31.29 -10.77
N LYS E 93 -7.20 31.93 -11.85
CA LYS E 93 -6.18 31.34 -12.70
C LYS E 93 -4.81 31.27 -12.01
N SER E 94 -4.12 30.15 -12.22
CA SER E 94 -2.78 29.95 -11.71
C SER E 94 -1.77 30.80 -12.49
N LYS E 95 -0.59 30.97 -11.90
CA LYS E 95 0.48 31.71 -12.55
C LYS E 95 0.99 30.96 -13.79
N PRO E 96 1.42 31.68 -14.81
CA PRO E 96 1.92 31.02 -16.03
C PRO E 96 3.21 30.24 -15.77
N LEU E 97 3.35 29.13 -16.49
CA LEU E 97 4.60 28.36 -16.53
C LEU E 97 5.12 28.32 -17.95
N GLN E 98 6.41 28.61 -18.12
CA GLN E 98 7.06 28.59 -19.42
C GLN E 98 7.76 27.26 -19.63
N VAL E 99 7.51 26.66 -20.78
CA VAL E 99 8.09 25.37 -21.16
C VAL E 99 8.98 25.60 -22.36
N TYR E 100 10.17 25.04 -22.33
CA TYR E 100 11.16 25.23 -23.40
C TYR E 100 11.89 23.91 -23.61
N TYR E 101 11.83 23.39 -24.83
CA TYR E 101 12.49 22.14 -25.18
C TYR E 101 13.42 22.36 -26.37
N ARG E 102 14.59 21.73 -26.31
CA ARG E 102 15.58 21.81 -27.40
C ARG E 102 16.30 20.47 -27.42
N MET E 103 15.85 19.56 -28.28
CA MET E 103 16.24 18.17 -28.20
C MET E 103 17.19 17.69 -29.29
N CYS E 104 17.38 18.46 -30.37
CA CYS E 104 18.19 18.03 -31.50
C CYS E 104 17.70 16.69 -32.08
N GLN E 105 16.48 16.74 -32.61
CA GLN E 105 16.05 15.66 -33.48
C GLN E 105 16.60 15.80 -34.89
N ASN E 106 17.25 16.93 -35.19
CA ASN E 106 17.88 17.13 -36.48
C ASN E 106 19.37 17.43 -36.39
N CYS E 107 19.94 17.54 -35.20
CA CYS E 107 21.35 17.88 -35.08
C CYS E 107 22.23 16.75 -35.63
N ILE E 108 23.24 17.14 -36.40
CA ILE E 108 24.17 16.20 -37.04
C ILE E 108 25.59 16.50 -36.56
N GLU E 109 26.28 15.46 -36.08
CA GLU E 109 27.69 15.59 -35.73
C GLU E 109 28.51 15.64 -37.01
N LEU E 110 29.13 16.78 -37.28
CA LEU E 110 29.92 16.96 -38.50
C LEU E 110 31.35 16.49 -38.25
N ASN E 111 31.52 15.17 -38.27
CA ASN E 111 32.81 14.54 -38.06
C ASN E 111 33.48 14.25 -39.40
N ALA E 112 34.54 13.46 -39.38
CA ALA E 112 35.33 13.21 -40.59
C ALA E 112 34.51 12.46 -41.63
N ALA E 113 33.70 11.50 -41.20
CA ALA E 113 32.94 10.70 -42.16
C ALA E 113 31.95 11.57 -42.93
N THR E 114 31.27 12.47 -42.23
CA THR E 114 30.27 13.32 -42.87
C THR E 114 30.91 14.23 -43.92
N ILE E 115 32.00 14.89 -43.56
CA ILE E 115 32.65 15.79 -44.52
C ILE E 115 33.25 15.01 -45.68
N SER E 116 33.77 13.81 -45.40
CA SER E 116 34.31 12.99 -46.48
C SER E 116 33.21 12.60 -47.48
N GLY E 117 32.07 12.16 -46.97
CA GLY E 117 30.96 11.85 -47.85
C GLY E 117 30.47 13.05 -48.62
N PHE E 118 30.39 14.20 -47.95
CA PHE E 118 29.96 15.42 -48.62
C PHE E 118 30.89 15.78 -49.77
N LEU E 119 32.20 15.74 -49.51
CA LEU E 119 33.16 16.08 -50.56
C LEU E 119 33.12 15.09 -51.71
N PHE E 120 33.00 13.80 -51.40
CA PHE E 120 32.92 12.81 -52.48
C PHE E 120 31.69 13.05 -53.35
N ALA E 121 30.54 13.28 -52.72
CA ALA E 121 29.33 13.56 -53.49
C ALA E 121 29.48 14.83 -54.32
N GLU E 122 30.07 15.88 -53.73
CA GLU E 122 30.25 17.13 -54.44
C GLU E 122 31.14 16.96 -55.66
N ILE E 123 32.27 16.27 -55.50
CA ILE E 123 33.20 16.13 -56.63
C ILE E 123 32.58 15.25 -57.71
N VAL E 124 31.87 14.19 -57.32
CA VAL E 124 31.23 13.33 -58.31
C VAL E 124 30.20 14.12 -59.10
N SER E 125 29.37 14.90 -58.40
CA SER E 125 28.34 15.67 -59.07
C SER E 125 28.93 16.73 -60.00
N ILE E 126 29.93 17.47 -59.53
CA ILE E 126 30.52 18.50 -60.38
C ILE E 126 31.17 17.88 -61.61
N PHE E 127 31.86 16.74 -61.43
CA PHE E 127 32.47 16.08 -62.58
C PHE E 127 31.41 15.62 -63.58
N VAL E 128 30.30 15.04 -63.10
CA VAL E 128 29.26 14.57 -64.00
C VAL E 128 28.66 15.74 -64.78
N LEU E 129 28.35 16.83 -64.09
CA LEU E 129 27.78 17.99 -64.78
C LEU E 129 28.78 18.61 -65.75
N ALA E 130 30.06 18.63 -65.39
CA ALA E 130 31.07 19.19 -66.28
C ALA E 130 31.20 18.37 -67.56
N VAL E 131 31.22 17.03 -67.44
CA VAL E 131 31.26 16.19 -68.62
C VAL E 131 30.02 16.42 -69.47
N GLY E 132 28.85 16.48 -68.82
CA GLY E 132 27.61 16.68 -69.56
C GLY E 132 27.59 17.99 -70.33
N VAL E 133 28.07 19.07 -69.71
CA VAL E 133 28.06 20.35 -70.40
C VAL E 133 29.17 20.42 -71.44
N TYR E 134 30.23 19.64 -71.27
CA TYR E 134 31.26 19.56 -72.31
C TYR E 134 30.72 18.87 -73.56
N PHE E 135 30.01 17.74 -73.39
CA PHE E 135 29.46 17.05 -74.54
C PHE E 135 28.34 17.85 -75.21
N ILE E 136 27.52 18.54 -74.43
CA ILE E 136 26.34 19.19 -74.98
C ILE E 136 26.75 20.57 -75.51
N ALA E 137 28.03 20.86 -75.50
CA ALA E 137 28.53 22.12 -76.03
C ALA E 137 28.61 22.01 -77.55
N GLY E 138 27.87 22.86 -78.26
CA GLY E 138 27.87 22.82 -79.71
C GLY E 138 26.97 21.74 -80.27
N GLN F 34 -14.45 -19.78 -29.39
CA GLN F 34 -14.70 -18.46 -28.81
C GLN F 34 -14.67 -17.37 -29.87
N THR F 35 -15.63 -16.46 -29.79
CA THR F 35 -15.71 -15.34 -30.72
C THR F 35 -15.12 -14.10 -30.06
N PRO F 36 -14.03 -13.55 -30.57
CA PRO F 36 -13.35 -12.46 -29.87
C PRO F 36 -14.06 -11.14 -30.05
N TYR F 37 -13.60 -10.15 -29.29
CA TYR F 37 -14.04 -8.77 -29.47
C TYR F 37 -13.51 -8.23 -30.80
N LYS F 38 -14.24 -7.25 -31.33
CA LYS F 38 -13.79 -6.53 -32.53
C LYS F 38 -13.27 -5.15 -32.11
N VAL F 39 -12.02 -4.86 -32.45
CA VAL F 39 -11.37 -3.61 -32.09
C VAL F 39 -10.99 -2.88 -33.37
N SER F 40 -11.43 -1.63 -33.48
CA SER F 40 -11.08 -0.77 -34.62
C SER F 40 -10.52 0.54 -34.11
N ILE F 41 -9.36 0.93 -34.63
CA ILE F 41 -8.71 2.18 -34.24
C ILE F 41 -8.58 3.06 -35.49
N SER F 42 -9.05 4.30 -35.39
CA SER F 42 -8.94 5.27 -36.48
C SER F 42 -8.58 6.61 -35.86
N GLY F 43 -7.36 7.09 -36.13
CA GLY F 43 -6.90 8.33 -35.53
C GLY F 43 -6.78 8.21 -34.02
N THR F 44 -7.69 8.85 -33.30
CA THR F 44 -7.78 8.74 -31.86
C THR F 44 -9.17 8.25 -31.44
N THR F 45 -9.77 7.41 -32.27
CA THR F 45 -11.10 6.87 -32.03
C THR F 45 -11.01 5.35 -31.93
N VAL F 46 -11.56 4.79 -30.86
CA VAL F 46 -11.52 3.36 -30.61
C VAL F 46 -12.95 2.85 -30.49
N ILE F 47 -13.27 1.80 -31.26
CA ILE F 47 -14.58 1.18 -31.24
C ILE F 47 -14.42 -0.27 -30.80
N LEU F 48 -15.19 -0.67 -29.79
CA LEU F 48 -15.17 -2.03 -29.26
C LEU F 48 -16.53 -2.67 -29.48
N THR F 49 -16.53 -3.94 -29.89
CA THR F 49 -17.75 -4.67 -30.17
C THR F 49 -17.86 -5.87 -29.24
N CYS F 50 -19.04 -6.05 -28.64
CA CYS F 50 -19.31 -7.15 -27.73
C CYS F 50 -19.74 -8.37 -28.52
N PRO F 51 -18.97 -9.47 -28.50
CA PRO F 51 -19.17 -10.55 -29.48
C PRO F 51 -20.38 -11.46 -29.29
N GLN F 52 -20.64 -11.92 -28.06
CA GLN F 52 -21.52 -13.07 -27.86
C GLN F 52 -22.83 -12.70 -27.18
N TYR F 53 -23.35 -11.50 -27.44
CA TYR F 53 -24.67 -11.08 -26.94
C TYR F 53 -25.44 -10.44 -28.08
N PRO F 54 -25.95 -11.25 -29.03
CA PRO F 54 -26.60 -10.67 -30.21
C PRO F 54 -28.04 -10.24 -30.00
N GLY F 55 -28.70 -10.67 -28.93
CA GLY F 55 -30.12 -10.40 -28.81
C GLY F 55 -30.55 -9.65 -27.56
N SER F 56 -29.69 -8.78 -27.03
CA SER F 56 -30.06 -7.99 -25.86
C SER F 56 -29.26 -6.71 -25.83
N GLU F 57 -29.78 -5.74 -25.09
CA GLU F 57 -29.06 -4.50 -24.84
C GLU F 57 -27.97 -4.78 -23.81
N ILE F 58 -26.76 -4.32 -24.10
CA ILE F 58 -25.58 -4.66 -23.32
C ILE F 58 -25.09 -3.43 -22.56
N LEU F 59 -24.34 -3.69 -21.50
CA LEU F 59 -23.70 -2.65 -20.71
C LEU F 59 -22.22 -2.95 -20.59
N TRP F 60 -21.42 -1.90 -20.42
CA TRP F 60 -19.97 -2.01 -20.41
C TRP F 60 -19.41 -1.52 -19.10
N GLN F 61 -18.34 -2.17 -18.64
CA GLN F 61 -17.61 -1.75 -17.45
C GLN F 61 -16.12 -1.72 -17.78
N HIS F 62 -15.41 -0.76 -17.20
CA HIS F 62 -13.98 -0.61 -17.42
C HIS F 62 -13.28 -0.41 -16.08
N ASN F 63 -12.44 -1.38 -15.71
CA ASN F 63 -11.67 -1.33 -14.46
C ASN F 63 -12.57 -1.12 -13.25
N ASP F 64 -13.66 -1.87 -13.21
CA ASP F 64 -14.64 -1.85 -12.11
C ASP F 64 -15.24 -0.45 -11.95
N LYS F 65 -15.87 0.00 -13.03
CA LYS F 65 -16.60 1.26 -13.05
C LYS F 65 -17.49 1.28 -14.27
N ASN F 66 -18.79 1.54 -14.06
CA ASN F 66 -19.73 1.55 -15.18
C ASN F 66 -19.34 2.61 -16.19
N ILE F 67 -19.34 2.23 -17.47
CA ILE F 67 -18.95 3.12 -18.55
C ILE F 67 -19.97 3.00 -19.68
N GLY F 68 -20.17 4.11 -20.39
CA GLY F 68 -21.08 4.12 -21.52
C GLY F 68 -22.55 4.03 -21.15
N GLY F 69 -23.41 4.36 -22.11
CA GLY F 69 -24.84 4.26 -21.89
C GLY F 69 -25.44 5.33 -21.00
N ASP F 70 -24.72 6.42 -20.76
CA ASP F 70 -25.22 7.51 -19.94
C ASP F 70 -25.85 8.63 -20.75
N GLU F 71 -25.88 8.51 -22.08
CA GLU F 71 -26.39 9.53 -22.99
C GLU F 71 -25.66 10.86 -22.87
N ASP F 72 -24.53 10.89 -22.18
CA ASP F 72 -23.74 12.11 -22.02
C ASP F 72 -22.27 11.74 -22.25
N ASP F 73 -21.37 12.67 -21.90
CA ASP F 73 -19.94 12.46 -22.06
C ASP F 73 -19.62 12.18 -23.54
N LYS F 74 -19.78 13.24 -24.33
CA LYS F 74 -19.70 13.22 -25.79
C LYS F 74 -18.61 12.30 -26.33
N ASN F 75 -17.45 12.26 -25.66
CA ASN F 75 -16.36 11.42 -26.14
C ASN F 75 -16.64 9.93 -25.96
N ILE F 76 -17.68 9.56 -25.23
CA ILE F 76 -18.02 8.17 -24.99
C ILE F 76 -19.46 7.94 -25.46
N GLY F 77 -19.64 6.93 -26.30
CA GLY F 77 -20.95 6.67 -26.86
C GLY F 77 -21.20 5.17 -26.97
N SER F 78 -22.48 4.82 -27.04
CA SER F 78 -22.89 3.44 -27.16
C SER F 78 -23.99 3.30 -28.21
N ASP F 79 -24.06 2.13 -28.82
CA ASP F 79 -25.10 1.80 -29.79
C ASP F 79 -25.48 0.34 -29.54
N GLU F 80 -26.11 -0.28 -30.55
CA GLU F 80 -26.56 -1.67 -30.46
C GLU F 80 -25.52 -2.59 -29.81
N ASP F 81 -24.34 -2.71 -30.42
CA ASP F 81 -23.33 -3.61 -29.86
C ASP F 81 -21.90 -3.06 -29.99
N HIS F 82 -21.73 -1.74 -30.08
CA HIS F 82 -20.41 -1.13 -30.13
C HIS F 82 -20.27 -0.08 -29.03
N LEU F 83 -19.06 0.06 -28.51
CA LEU F 83 -18.70 1.11 -27.57
C LEU F 83 -17.65 1.99 -28.24
N SER F 84 -17.93 3.28 -28.32
CA SER F 84 -17.07 4.23 -29.03
C SER F 84 -16.41 5.16 -28.02
N LEU F 85 -15.10 5.32 -28.14
CA LEU F 85 -14.30 6.14 -27.23
C LEU F 85 -13.56 7.18 -28.06
N LYS F 86 -13.94 8.44 -27.91
CA LYS F 86 -13.32 9.53 -28.63
C LYS F 86 -12.21 10.14 -27.79
N GLU F 87 -11.20 10.68 -28.47
CA GLU F 87 -10.03 11.28 -27.82
C GLU F 87 -9.41 10.30 -26.83
N PHE F 88 -9.22 9.07 -27.29
CA PHE F 88 -8.71 8.01 -26.43
C PHE F 88 -7.37 8.39 -25.83
N SER F 89 -7.24 8.17 -24.52
CA SER F 89 -6.01 8.45 -23.78
C SER F 89 -5.40 7.12 -23.34
N GLU F 90 -4.16 6.87 -23.77
CA GLU F 90 -3.52 5.59 -23.47
C GLU F 90 -3.31 5.42 -21.97
N LEU F 91 -2.90 6.48 -21.28
CA LEU F 91 -2.55 6.36 -19.86
C LEU F 91 -3.76 6.04 -19.00
N GLU F 92 -4.91 6.70 -19.25
CA GLU F 92 -6.07 6.54 -18.39
C GLU F 92 -7.17 5.66 -18.95
N GLN F 93 -7.15 5.33 -20.25
CA GLN F 93 -8.20 4.51 -20.83
C GLN F 93 -7.73 3.11 -21.19
N SER F 94 -6.51 2.73 -20.80
CA SER F 94 -6.04 1.38 -21.02
C SER F 94 -6.37 0.51 -19.81
N GLY F 95 -6.63 -0.77 -20.08
CA GLY F 95 -6.92 -1.70 -19.01
C GLY F 95 -7.98 -2.74 -19.35
N TYR F 96 -8.75 -3.14 -18.35
CA TYR F 96 -9.75 -4.19 -18.52
C TYR F 96 -11.08 -3.60 -18.99
N TYR F 97 -11.77 -4.35 -19.85
CA TYR F 97 -13.10 -4.01 -20.31
C TYR F 97 -13.96 -5.27 -20.29
N VAL F 98 -15.24 -5.12 -19.95
CA VAL F 98 -16.16 -6.25 -19.88
C VAL F 98 -17.55 -5.82 -20.34
N CYS F 99 -18.25 -6.76 -20.97
CA CYS F 99 -19.59 -6.57 -21.51
C CYS F 99 -20.54 -7.59 -20.89
N TYR F 100 -21.73 -7.12 -20.47
CA TYR F 100 -22.66 -8.00 -19.80
C TYR F 100 -24.10 -7.57 -20.12
N PRO F 101 -25.04 -8.50 -20.18
CA PRO F 101 -26.44 -8.14 -20.42
C PRO F 101 -27.03 -7.37 -19.26
N ARG F 102 -28.07 -6.59 -19.55
CA ARG F 102 -28.80 -5.91 -18.49
C ARG F 102 -29.53 -6.94 -17.63
N GLY F 103 -29.54 -6.70 -16.32
CA GLY F 103 -30.17 -7.61 -15.39
C GLY F 103 -29.23 -8.57 -14.70
N SER F 104 -27.98 -8.66 -15.14
CA SER F 104 -26.99 -9.55 -14.52
C SER F 104 -25.92 -8.70 -13.85
N LYS F 105 -25.63 -9.02 -12.60
CA LYS F 105 -24.62 -8.28 -11.86
C LYS F 105 -23.26 -8.51 -12.53
N PRO F 106 -22.45 -7.45 -12.72
CA PRO F 106 -21.27 -7.53 -13.58
C PRO F 106 -20.07 -8.29 -13.01
N GLU F 107 -20.32 -9.49 -12.47
CA GLU F 107 -19.25 -10.43 -12.18
C GLU F 107 -19.54 -11.85 -12.67
N ASP F 108 -20.76 -12.12 -13.16
CA ASP F 108 -21.04 -13.40 -13.79
C ASP F 108 -20.29 -13.56 -15.10
N ALA F 109 -19.92 -12.45 -15.74
CA ALA F 109 -19.17 -12.52 -17.00
C ALA F 109 -17.83 -13.22 -16.79
N ASN F 110 -17.44 -14.01 -17.79
CA ASN F 110 -16.24 -14.83 -17.72
C ASN F 110 -15.41 -14.66 -18.99
N PHE F 111 -15.40 -13.45 -19.54
CA PHE F 111 -14.62 -13.16 -20.75
C PHE F 111 -14.30 -11.68 -20.77
N TYR F 112 -13.05 -11.33 -20.46
CA TYR F 112 -12.62 -9.94 -20.38
C TYR F 112 -11.70 -9.62 -21.56
N LEU F 113 -11.54 -8.32 -21.82
CA LEU F 113 -10.61 -7.83 -22.83
C LEU F 113 -9.63 -6.87 -22.18
N TYR F 114 -8.34 -7.14 -22.35
CA TYR F 114 -7.28 -6.26 -21.89
C TYR F 114 -6.77 -5.45 -23.09
N LEU F 115 -6.96 -4.14 -23.05
CA LEU F 115 -6.64 -3.27 -24.17
C LEU F 115 -5.59 -2.24 -23.76
N ARG F 116 -4.51 -2.17 -24.53
CA ARG F 116 -3.53 -1.09 -24.42
C ARG F 116 -3.21 -0.63 -25.83
N ALA F 117 -3.57 0.60 -26.14
CA ALA F 117 -3.43 1.13 -27.49
C ALA F 117 -2.69 2.46 -27.47
N ARG F 118 -1.78 2.63 -28.41
CA ARG F 118 -1.11 3.91 -28.65
C ARG F 118 -1.78 4.56 -29.84
N VAL F 119 -2.56 5.61 -29.58
CA VAL F 119 -3.33 6.27 -30.61
C VAL F 119 -2.64 7.55 -31.01
N CYS F 120 -3.02 8.08 -32.16
CA CYS F 120 -2.33 9.22 -32.74
C CYS F 120 -3.23 9.88 -33.77
N GLU F 121 -3.17 11.20 -33.84
CA GLU F 121 -3.96 11.94 -34.82
C GLU F 121 -3.28 11.86 -36.18
N ASN F 122 -4.07 11.50 -37.19
CA ASN F 122 -3.63 11.30 -38.58
C ASN F 122 -2.68 10.13 -38.74
N CYS F 123 -2.42 9.36 -37.69
CA CYS F 123 -1.50 8.24 -37.78
C CYS F 123 -2.23 7.01 -38.31
N MET F 124 -1.75 6.46 -39.42
CA MET F 124 -2.38 5.31 -40.07
C MET F 124 -1.37 4.18 -40.15
N GLU F 125 -1.84 2.96 -39.94
CA GLU F 125 -0.96 1.79 -39.91
C GLU F 125 -0.82 1.21 -41.30
N MET F 126 0.40 0.85 -41.66
CA MET F 126 0.68 0.25 -42.94
C MET F 126 2.03 -0.46 -42.88
N ASP F 127 2.14 -1.58 -43.58
CA ASP F 127 3.31 -2.45 -43.55
C ASP F 127 4.26 -2.19 -44.71
N VAL F 128 5.42 -2.85 -44.65
CA VAL F 128 6.45 -2.69 -45.69
C VAL F 128 5.97 -3.24 -47.02
N MET F 129 5.08 -4.24 -46.99
CA MET F 129 4.56 -4.80 -48.22
C MET F 129 3.82 -3.74 -49.03
N SER F 130 3.10 -2.85 -48.33
CA SER F 130 2.43 -1.75 -49.01
C SER F 130 3.42 -0.82 -49.70
N VAL F 131 4.54 -0.51 -49.03
CA VAL F 131 5.57 0.33 -49.63
C VAL F 131 6.14 -0.34 -50.87
N ALA F 132 6.43 -1.63 -50.77
CA ALA F 132 6.97 -2.36 -51.91
C ALA F 132 6.01 -2.31 -53.08
N THR F 133 4.72 -2.58 -52.82
CA THR F 133 3.76 -2.63 -53.90
C THR F 133 3.52 -1.25 -54.52
N ILE F 134 3.53 -0.19 -53.70
CA ILE F 134 3.31 1.14 -54.26
C ILE F 134 4.50 1.57 -55.11
N VAL F 135 5.72 1.26 -54.67
CA VAL F 135 6.89 1.58 -55.47
C VAL F 135 6.88 0.81 -56.78
N ILE F 136 6.56 -0.49 -56.73
CA ILE F 136 6.57 -1.30 -57.95
C ILE F 136 5.51 -0.81 -58.93
N VAL F 137 4.29 -0.55 -58.44
CA VAL F 137 3.24 -0.14 -59.37
C VAL F 137 3.52 1.25 -59.93
N ASP F 138 4.12 2.15 -59.13
CA ASP F 138 4.48 3.46 -59.68
C ASP F 138 5.53 3.32 -60.78
N ILE F 139 6.57 2.52 -60.54
CA ILE F 139 7.60 2.33 -61.56
C ILE F 139 6.99 1.69 -62.81
N CYS F 140 6.11 0.70 -62.63
CA CYS F 140 5.53 0.01 -63.77
C CYS F 140 4.66 0.94 -64.59
N ILE F 141 3.82 1.75 -63.95
CA ILE F 141 2.93 2.62 -64.71
C ILE F 141 3.73 3.73 -65.40
N THR F 142 4.74 4.28 -64.74
CA THR F 142 5.55 5.30 -65.41
C THR F 142 6.27 4.70 -66.62
N GLY F 143 6.84 3.50 -66.48
CA GLY F 143 7.50 2.88 -67.62
C GLY F 143 6.53 2.59 -68.76
N GLY F 144 5.34 2.08 -68.43
CA GLY F 144 4.36 1.83 -69.47
C GLY F 144 3.95 3.10 -70.19
N LEU F 145 3.76 4.19 -69.44
CA LEU F 145 3.45 5.47 -70.07
C LEU F 145 4.59 5.92 -70.97
N LEU F 146 5.83 5.72 -70.54
CA LEU F 146 6.98 6.10 -71.37
C LEU F 146 6.97 5.34 -72.69
N LEU F 147 6.78 4.02 -72.64
CA LEU F 147 6.72 3.25 -73.88
C LEU F 147 5.56 3.67 -74.76
N LEU F 148 4.39 3.92 -74.16
CA LEU F 148 3.24 4.34 -74.94
C LEU F 148 3.49 5.67 -75.64
N VAL F 149 4.09 6.62 -74.92
CA VAL F 149 4.38 7.92 -75.52
C VAL F 149 5.40 7.80 -76.64
N TYR F 150 6.45 6.98 -76.42
CA TYR F 150 7.45 6.81 -77.46
C TYR F 150 6.87 6.18 -78.70
N TYR F 151 6.02 5.16 -78.54
CA TYR F 151 5.40 4.52 -79.70
C TYR F 151 4.45 5.49 -80.41
N TRP F 152 3.72 6.30 -79.64
CA TRP F 152 2.81 7.27 -80.24
C TRP F 152 3.54 8.34 -81.01
N SER F 153 4.74 8.71 -80.57
CA SER F 153 5.50 9.79 -81.19
C SER F 153 6.43 9.31 -82.31
N LYS F 154 6.85 8.04 -82.30
CA LYS F 154 7.85 7.58 -83.25
C LYS F 154 7.33 7.61 -84.67
N ASN F 155 6.11 7.12 -84.90
CA ASN F 155 5.58 7.04 -86.26
C ASN F 155 5.35 8.43 -86.84
N ARG F 156 4.90 9.36 -86.01
CA ARG F 156 4.66 10.74 -86.44
C ARG F 156 5.95 11.55 -86.42
N GLN G 22 4.19 -12.74 35.69
CA GLN G 22 3.73 -12.63 34.31
C GLN G 22 4.90 -12.21 33.42
N LYS G 23 5.61 -13.18 32.87
CA LYS G 23 6.77 -12.88 32.05
C LYS G 23 6.89 -13.88 30.91
N ILE G 24 7.47 -13.40 29.81
CA ILE G 24 7.65 -14.17 28.58
C ILE G 24 9.12 -14.17 28.23
N THR G 25 9.61 -15.30 27.75
CA THR G 25 10.98 -15.36 27.24
C THR G 25 11.00 -16.11 25.91
N GLN G 26 11.70 -15.53 24.95
CA GLN G 26 12.03 -16.16 23.67
C GLN G 26 13.53 -16.43 23.70
N THR G 27 13.90 -17.68 23.97
CA THR G 27 15.30 -17.99 24.26
C THR G 27 16.19 -17.75 23.06
N GLN G 28 15.73 -18.12 21.87
CA GLN G 28 16.61 -18.20 20.71
C GLN G 28 16.55 -16.92 19.89
N PRO G 29 17.65 -16.17 19.79
CA PRO G 29 17.69 -15.04 18.85
C PRO G 29 18.19 -15.47 17.49
N GLY G 30 17.41 -15.20 16.44
CA GLY G 30 17.86 -15.51 15.10
C GLY G 30 17.52 -16.92 14.66
N MET G 31 16.79 -17.03 13.54
CA MET G 31 16.49 -18.31 12.93
C MET G 31 16.71 -18.19 11.42
N PHE G 32 17.05 -19.31 10.79
CA PHE G 32 17.24 -19.38 9.36
C PHE G 32 16.41 -20.52 8.79
N VAL G 33 15.86 -20.31 7.60
CA VAL G 33 15.02 -21.33 6.95
C VAL G 33 15.17 -21.19 5.45
N GLN G 34 15.14 -22.33 4.76
CA GLN G 34 15.05 -22.34 3.30
C GLN G 34 13.62 -22.08 2.86
N GLU G 35 13.47 -21.53 1.67
CA GLU G 35 12.15 -21.18 1.18
C GLU G 35 11.38 -22.44 0.81
N LYS G 36 10.04 -22.35 0.89
CA LYS G 36 9.14 -23.50 0.73
C LYS G 36 9.33 -24.52 1.85
N GLU G 37 9.61 -24.03 3.06
CA GLU G 37 9.80 -24.91 4.21
C GLU G 37 9.06 -24.35 5.41
N ALA G 38 8.83 -25.23 6.39
CA ALA G 38 8.13 -24.85 7.61
C ALA G 38 9.14 -24.58 8.71
N VAL G 39 8.86 -23.54 9.51
CA VAL G 39 9.74 -23.14 10.60
C VAL G 39 8.90 -22.94 11.85
N THR G 40 9.54 -23.10 13.01
CA THR G 40 8.88 -22.94 14.31
C THR G 40 9.66 -21.96 15.15
N LEU G 41 8.95 -20.99 15.74
CA LEU G 41 9.53 -20.03 16.67
C LEU G 41 8.97 -20.29 18.06
N ASP G 42 9.85 -20.30 19.06
CA ASP G 42 9.51 -20.76 20.40
C ASP G 42 9.22 -19.61 21.35
N CYS G 43 8.30 -19.86 22.29
CA CYS G 43 7.89 -18.88 23.28
C CYS G 43 7.41 -19.63 24.51
N THR G 44 7.95 -19.29 25.68
CA THR G 44 7.49 -19.87 26.93
C THR G 44 7.11 -18.77 27.90
N TYR G 45 6.02 -19.00 28.63
CA TYR G 45 5.43 -18.03 29.53
C TYR G 45 5.20 -18.67 30.89
N ASP G 46 5.11 -17.84 31.92
CA ASP G 46 4.58 -18.28 33.19
C ASP G 46 3.73 -17.17 33.81
N THR G 47 2.62 -17.58 34.42
CA THR G 47 1.71 -16.65 35.08
C THR G 47 0.86 -17.43 36.06
N SER G 48 0.27 -16.71 37.01
CA SER G 48 -0.68 -17.28 37.94
C SER G 48 -2.08 -16.70 37.78
N ASP G 49 -2.29 -15.88 36.77
CA ASP G 49 -3.59 -15.26 36.56
C ASP G 49 -4.56 -16.30 36.01
N PRO G 50 -5.76 -16.45 36.60
CA PRO G 50 -6.71 -17.44 36.09
C PRO G 50 -7.14 -17.22 34.64
N SER G 51 -7.07 -15.99 34.13
CA SER G 51 -7.47 -15.70 32.75
C SER G 51 -6.37 -14.94 32.05
N TYR G 52 -6.01 -15.38 30.84
CA TYR G 52 -4.95 -14.73 30.08
C TYR G 52 -5.07 -15.13 28.62
N GLY G 53 -4.37 -14.37 27.77
CA GLY G 53 -4.31 -14.68 26.35
C GLY G 53 -2.92 -14.48 25.80
N LEU G 54 -2.59 -15.27 24.78
CA LEU G 54 -1.30 -15.22 24.11
C LEU G 54 -1.50 -14.79 22.65
N PHE G 55 -0.52 -14.05 22.11
CA PHE G 55 -0.68 -13.50 20.78
C PHE G 55 0.65 -12.99 20.23
N TRP G 56 0.73 -12.96 18.89
CA TRP G 56 1.99 -12.82 18.15
C TRP G 56 1.94 -11.62 17.22
N TYR G 57 3.10 -10.98 17.03
CA TYR G 57 3.26 -9.87 16.10
C TYR G 57 4.46 -10.10 15.19
N LYS G 58 4.40 -9.48 14.02
CA LYS G 58 5.49 -9.48 13.05
C LYS G 58 5.85 -8.04 12.72
N GLN G 59 7.14 -7.72 12.77
CA GLN G 59 7.61 -6.37 12.48
C GLN G 59 8.61 -6.39 11.34
N PRO G 60 8.26 -5.90 10.16
CA PRO G 60 9.21 -5.83 9.04
C PRO G 60 10.15 -4.65 9.20
N SER G 61 10.99 -4.46 8.18
CA SER G 61 12.01 -3.40 8.21
C SER G 61 11.40 -2.00 8.22
N SER G 62 10.16 -1.85 7.77
CA SER G 62 9.51 -0.55 7.84
C SER G 62 9.34 -0.09 9.29
N GLY G 63 9.07 -1.02 10.19
CA GLY G 63 9.00 -0.72 11.61
C GLY G 63 7.62 -0.83 12.24
N GLU G 64 6.61 -1.25 11.50
CA GLU G 64 5.28 -1.37 12.04
C GLU G 64 5.05 -2.75 12.64
N MET G 65 4.09 -2.83 13.56
CA MET G 65 3.72 -4.08 14.22
C MET G 65 2.43 -4.59 13.59
N ILE G 66 2.48 -5.82 13.06
CA ILE G 66 1.35 -6.44 12.38
C ILE G 66 0.86 -7.59 13.22
N PHE G 67 -0.40 -7.53 13.64
CA PHE G 67 -0.99 -8.59 14.44
C PHE G 67 -1.19 -9.84 13.62
N LEU G 68 -0.81 -10.99 14.20
CA LEU G 68 -0.84 -12.26 13.48
C LEU G 68 -1.92 -13.21 13.99
N ILE G 69 -1.89 -13.55 15.28
CA ILE G 69 -2.70 -14.66 15.77
C ILE G 69 -2.90 -14.48 17.27
N TYR G 70 -4.08 -14.87 17.75
CA TYR G 70 -4.46 -14.75 19.16
C TYR G 70 -5.06 -16.06 19.62
N GLN G 71 -4.72 -16.48 20.84
CA GLN G 71 -5.38 -17.63 21.45
C GLN G 71 -5.56 -17.42 22.94
N GLY G 72 -6.77 -17.71 23.42
CA GLY G 72 -7.05 -17.66 24.84
C GLY G 72 -6.69 -18.94 25.56
N SER G 73 -6.78 -18.90 26.88
CA SER G 73 -6.38 -20.02 27.71
C SER G 73 -7.50 -21.01 27.98
N TYR G 74 -8.71 -20.74 27.49
CA TYR G 74 -9.88 -21.59 27.76
C TYR G 74 -10.64 -21.88 26.47
N ASP G 75 -9.93 -22.26 25.42
CA ASP G 75 -10.59 -22.69 24.19
C ASP G 75 -9.92 -23.95 23.66
N GLN G 76 -10.73 -24.94 23.33
CA GLN G 76 -10.21 -26.14 22.69
C GLN G 76 -9.71 -25.81 21.30
N GLN G 77 -8.73 -26.59 20.83
CA GLN G 77 -8.08 -26.44 19.53
C GLN G 77 -7.13 -25.25 19.52
N ASN G 78 -6.18 -25.29 18.60
CA ASN G 78 -5.27 -24.18 18.37
C ASN G 78 -5.82 -23.21 17.35
N ALA G 79 -5.36 -21.96 17.44
CA ALA G 79 -5.77 -20.93 16.50
C ALA G 79 -4.98 -21.05 15.21
N THR G 80 -5.67 -21.02 14.08
CA THR G 80 -5.05 -21.03 12.76
C THR G 80 -5.56 -19.86 11.94
N GLU G 81 -4.66 -19.22 11.21
CA GLU G 81 -5.05 -18.10 10.35
C GLU G 81 -4.10 -18.07 9.16
N GLY G 82 -4.59 -18.47 8.00
CA GLY G 82 -3.73 -18.50 6.82
C GLY G 82 -2.60 -19.48 7.00
N ARG G 83 -1.38 -19.02 6.75
CA ARG G 83 -0.18 -19.85 6.87
C ARG G 83 0.33 -19.90 8.31
N TYR G 84 -0.32 -19.21 9.24
CA TYR G 84 0.10 -19.12 10.62
C TYR G 84 -0.72 -20.07 11.48
N SER G 85 -0.04 -20.85 12.33
CA SER G 85 -0.71 -21.70 13.30
C SER G 85 0.05 -21.61 14.61
N LEU G 86 -0.57 -22.12 15.67
CA LEU G 86 0.00 -22.07 17.00
C LEU G 86 0.05 -23.47 17.59
N ASN G 87 1.14 -23.79 18.26
CA ASN G 87 1.28 -25.02 19.03
C ASN G 87 1.21 -24.61 20.50
N PHE G 88 0.04 -24.77 21.10
CA PHE G 88 -0.25 -24.30 22.45
C PHE G 88 -0.28 -25.50 23.40
N GLN G 89 0.65 -25.53 24.33
CA GLN G 89 0.74 -26.57 25.35
C GLN G 89 0.56 -25.90 26.71
N LYS G 90 -0.66 -25.94 27.24
CA LYS G 90 -0.93 -25.34 28.53
C LYS G 90 -0.24 -26.09 29.66
N ALA G 91 -0.08 -27.40 29.52
CA ALA G 91 0.55 -28.19 30.58
C ALA G 91 1.99 -27.77 30.83
N ARG G 92 2.77 -27.57 29.76
CA ARG G 92 4.15 -27.14 29.90
C ARG G 92 4.37 -25.68 29.56
N LYS G 93 3.29 -24.92 29.37
CA LYS G 93 3.34 -23.46 29.26
C LYS G 93 4.21 -23.00 28.10
N SER G 94 3.85 -23.44 26.89
CA SER G 94 4.54 -23.05 25.68
C SER G 94 3.51 -22.63 24.65
N ALA G 95 3.86 -21.61 23.85
CA ALA G 95 3.01 -21.14 22.76
C ALA G 95 3.92 -20.91 21.56
N ASN G 96 4.12 -21.94 20.77
CA ASN G 96 5.03 -21.87 19.63
C ASN G 96 4.27 -21.46 18.38
N LEU G 97 4.91 -20.61 17.58
CA LEU G 97 4.34 -20.14 16.31
C LEU G 97 4.91 -20.96 15.17
N VAL G 98 4.01 -21.50 14.35
CA VAL G 98 4.39 -22.37 13.23
C VAL G 98 4.04 -21.67 11.93
N ILE G 99 5.03 -21.54 11.05
CA ILE G 99 4.86 -20.92 9.74
C ILE G 99 5.07 -22.01 8.70
N SER G 100 4.12 -22.14 7.77
CA SER G 100 4.17 -23.17 6.75
C SER G 100 4.43 -22.55 5.38
N ALA G 101 5.26 -23.24 4.59
CA ALA G 101 5.61 -22.80 3.24
C ALA G 101 6.18 -21.38 3.25
N SER G 102 7.34 -21.25 3.91
CA SER G 102 7.93 -19.94 4.12
C SER G 102 8.26 -19.26 2.80
N GLN G 103 8.02 -17.96 2.76
CA GLN G 103 8.28 -17.13 1.58
C GLN G 103 9.38 -16.12 1.91
N LEU G 104 9.90 -15.48 0.88
CA LEU G 104 10.98 -14.51 1.07
C LEU G 104 10.52 -13.31 1.89
N GLY G 105 9.23 -12.97 1.81
CA GLY G 105 8.69 -11.86 2.55
C GLY G 105 8.45 -12.11 4.02
N ASP G 106 8.83 -13.28 4.52
CA ASP G 106 8.66 -13.63 5.92
C ASP G 106 9.83 -13.21 6.79
N SER G 107 10.85 -12.57 6.22
CA SER G 107 12.00 -12.12 7.00
C SER G 107 11.62 -10.87 7.77
N ALA G 108 11.50 -11.00 9.09
CA ALA G 108 11.09 -9.91 9.96
C ALA G 108 11.48 -10.24 11.39
N MET G 109 11.02 -9.42 12.33
CA MET G 109 11.20 -9.64 13.75
C MET G 109 9.86 -10.03 14.35
N TYR G 110 9.82 -11.14 15.08
CA TYR G 110 8.59 -11.71 15.60
C TYR G 110 8.55 -11.59 17.11
N PHE G 111 7.39 -11.16 17.64
CA PHE G 111 7.23 -10.87 19.07
C PHE G 111 6.10 -11.72 19.65
N CYS G 112 6.34 -12.26 20.84
CA CYS G 112 5.36 -13.01 21.61
C CYS G 112 4.87 -12.14 22.76
N ALA G 113 3.55 -12.09 22.97
CA ALA G 113 2.98 -11.24 24.01
C ALA G 113 1.88 -11.95 24.76
N MET G 114 1.65 -11.52 26.01
CA MET G 114 0.62 -12.08 26.88
C MET G 114 -0.03 -10.95 27.65
N ARG G 115 -1.34 -11.08 27.90
CA ARG G 115 -2.07 -10.17 28.76
C ARG G 115 -2.96 -10.97 29.70
N GLY G 116 -3.30 -10.37 30.84
CA GLY G 116 -4.01 -11.06 31.89
C GLY G 116 -5.28 -10.33 32.32
N GLY G 117 -6.06 -11.03 33.14
CA GLY G 117 -7.34 -10.49 33.58
C GLY G 117 -7.21 -9.26 34.47
N GLY G 118 -6.25 -9.28 35.38
CA GLY G 118 -5.95 -8.12 36.21
C GLY G 118 -6.09 -8.31 37.70
N SER G 119 -6.62 -9.44 38.18
CA SER G 119 -6.73 -9.68 39.61
C SER G 119 -5.78 -10.76 40.11
N GLY G 120 -5.49 -11.77 39.30
CA GLY G 120 -4.49 -12.76 39.62
C GLY G 120 -3.08 -12.37 39.20
N GLY G 121 -2.92 -11.15 38.68
CA GLY G 121 -1.62 -10.70 38.22
C GLY G 121 -1.72 -9.28 37.71
N SER G 122 -0.69 -8.85 37.00
CA SER G 122 -0.68 -7.52 36.42
C SER G 122 -1.61 -7.44 35.22
N TYR G 123 -2.09 -6.23 34.95
CA TYR G 123 -3.00 -6.01 33.83
C TYR G 123 -2.27 -5.63 32.54
N ILE G 124 -1.16 -4.92 32.63
CA ILE G 124 -0.52 -4.38 31.43
C ILE G 124 0.14 -5.51 30.65
N PRO G 125 0.06 -5.49 29.31
CA PRO G 125 0.65 -6.57 28.52
C PRO G 125 2.17 -6.62 28.65
N THR G 126 2.71 -7.84 28.60
CA THR G 126 4.14 -8.07 28.62
C THR G 126 4.57 -8.67 27.29
N PHE G 127 5.70 -8.18 26.77
CA PHE G 127 6.18 -8.59 25.46
C PHE G 127 7.45 -9.40 25.58
N GLY G 128 7.70 -10.24 24.58
CA GLY G 128 8.93 -10.99 24.50
C GLY G 128 10.07 -10.15 23.98
N ARG G 129 11.26 -10.76 23.99
CA ARG G 129 12.46 -10.02 23.61
C ARG G 129 12.54 -9.81 22.10
N GLY G 130 12.04 -10.76 21.32
CA GLY G 130 12.05 -10.66 19.87
C GLY G 130 12.96 -11.71 19.26
N THR G 131 12.51 -12.29 18.14
CA THR G 131 13.27 -13.31 17.43
C THR G 131 13.33 -12.93 15.94
N SER G 132 14.52 -12.91 15.38
CA SER G 132 14.72 -12.56 13.99
C SER G 132 14.68 -13.80 13.10
N LEU G 133 14.02 -13.68 11.97
CA LEU G 133 13.87 -14.78 11.02
C LEU G 133 14.40 -14.33 9.66
N ILE G 134 15.24 -15.17 9.04
CA ILE G 134 15.79 -14.90 7.72
C ILE G 134 15.48 -16.09 6.83
N VAL G 135 14.92 -15.81 5.65
CA VAL G 135 14.62 -16.82 4.64
C VAL G 135 15.68 -16.75 3.56
N HIS G 136 16.29 -17.90 3.25
CA HIS G 136 17.32 -18.02 2.23
C HIS G 136 16.77 -18.64 0.95
N PRO G 137 17.14 -18.10 -0.20
CA PRO G 137 16.70 -18.67 -1.47
C PRO G 137 17.46 -19.92 -1.85
N ASN G 138 16.78 -20.78 -2.62
CA ASN G 138 17.37 -22.00 -3.15
C ASN G 138 18.01 -21.68 -4.49
N ILE G 139 19.35 -21.68 -4.54
CA ILE G 139 20.09 -21.31 -5.73
C ILE G 139 20.35 -22.58 -6.54
N GLN G 140 19.62 -22.74 -7.65
CA GLN G 140 19.78 -23.92 -8.48
C GLN G 140 21.17 -24.02 -9.10
N ASN G 141 21.63 -22.95 -9.75
CA ASN G 141 22.93 -22.91 -10.42
C ASN G 141 23.76 -21.74 -9.92
N PRO G 142 24.58 -21.93 -8.89
CA PRO G 142 25.44 -20.85 -8.42
C PRO G 142 26.49 -20.48 -9.47
N ASP G 143 26.99 -19.26 -9.35
CA ASP G 143 27.99 -18.74 -10.26
C ASP G 143 28.69 -17.52 -9.66
N PRO G 144 29.45 -17.68 -8.58
CA PRO G 144 30.03 -16.52 -7.91
C PRO G 144 30.95 -15.72 -8.82
N ALA G 145 30.87 -14.39 -8.70
CA ALA G 145 31.70 -13.49 -9.48
C ALA G 145 31.83 -12.17 -8.74
N VAL G 146 32.90 -11.43 -9.07
CA VAL G 146 33.13 -10.09 -8.55
C VAL G 146 33.31 -9.18 -9.75
N TYR G 147 32.49 -8.13 -9.82
CA TYR G 147 32.48 -7.21 -10.95
C TYR G 147 32.85 -5.80 -10.51
N GLN G 148 33.37 -5.04 -11.47
CA GLN G 148 33.74 -3.65 -11.26
C GLN G 148 32.75 -2.75 -12.00
N LEU G 149 32.11 -1.86 -11.26
CA LEU G 149 31.10 -0.98 -11.84
C LEU G 149 31.78 0.25 -12.42
N ARG G 150 31.22 0.81 -13.48
CA ARG G 150 31.86 1.96 -14.10
C ARG G 150 31.83 3.16 -13.18
N ASP G 151 32.84 4.02 -13.33
CA ASP G 151 32.94 5.24 -12.54
C ASP G 151 31.76 6.17 -12.82
N SER G 152 31.34 6.90 -11.79
CA SER G 152 30.10 7.68 -11.83
C SER G 152 30.30 9.12 -12.28
N LYS G 153 31.55 9.58 -12.45
CA LYS G 153 31.93 10.91 -12.94
C LYS G 153 31.31 12.04 -12.11
N SER G 154 30.64 11.71 -11.01
CA SER G 154 30.10 12.70 -10.09
C SER G 154 30.57 12.48 -8.65
N SER G 155 31.19 11.34 -8.36
CA SER G 155 31.75 11.06 -7.05
C SER G 155 33.04 10.29 -7.21
N ASP G 156 33.94 10.45 -6.24
CA ASP G 156 35.20 9.71 -6.23
C ASP G 156 35.04 8.42 -5.43
N LYS G 157 34.31 7.48 -6.03
CA LYS G 157 34.10 6.17 -5.42
C LYS G 157 34.24 5.09 -6.49
N SER G 158 34.75 3.94 -6.08
CA SER G 158 34.81 2.76 -6.93
C SER G 158 34.01 1.65 -6.27
N VAL G 159 33.13 1.02 -7.03
CA VAL G 159 32.16 0.05 -6.50
C VAL G 159 32.47 -1.32 -7.07
N CYS G 160 32.69 -2.29 -6.18
CA CYS G 160 32.81 -3.70 -6.55
C CYS G 160 31.58 -4.46 -6.10
N LEU G 161 31.09 -5.36 -6.96
CA LEU G 161 29.86 -6.10 -6.71
C LEU G 161 30.17 -7.59 -6.69
N PHE G 162 29.90 -8.23 -5.55
CA PHE G 162 30.05 -9.67 -5.40
C PHE G 162 28.67 -10.30 -5.44
N THR G 163 28.44 -11.16 -6.43
CA THR G 163 27.08 -11.61 -6.73
C THR G 163 27.06 -13.09 -7.09
N ASP G 164 25.87 -13.68 -6.92
CA ASP G 164 25.54 -15.03 -7.40
C ASP G 164 26.26 -16.13 -6.61
N PHE G 165 26.41 -15.94 -5.30
CA PHE G 165 26.99 -16.99 -4.48
C PHE G 165 25.87 -17.88 -3.93
N ASP G 166 26.22 -18.77 -2.99
CA ASP G 166 25.40 -19.94 -2.69
C ASP G 166 24.40 -19.74 -1.57
N SER G 167 24.43 -18.60 -0.88
CA SER G 167 23.60 -18.32 0.29
C SER G 167 24.02 -19.14 1.50
N GLN G 168 24.98 -20.04 1.31
CA GLN G 168 25.74 -20.61 2.42
C GLN G 168 27.02 -19.83 2.66
N THR G 169 27.56 -19.22 1.60
CA THR G 169 28.62 -18.25 1.74
C THR G 169 28.08 -16.99 2.43
N ASN G 170 28.91 -16.36 3.24
CA ASN G 170 28.49 -15.16 3.94
C ASN G 170 29.67 -14.31 4.33
N VAL G 171 29.44 -12.99 4.30
CA VAL G 171 30.47 -11.97 4.11
C VAL G 171 30.78 -11.32 5.46
N SER G 172 31.99 -10.81 5.58
CA SER G 172 32.46 -10.16 6.79
C SER G 172 32.88 -8.72 6.48
N GLN G 173 32.88 -7.90 7.52
CA GLN G 173 33.35 -6.53 7.37
C GLN G 173 34.87 -6.51 7.17
N SER G 174 35.36 -5.37 6.72
CA SER G 174 36.78 -5.17 6.48
C SER G 174 37.42 -4.48 7.68
N LYS G 175 38.74 -4.67 7.82
CA LYS G 175 39.46 -3.94 8.86
C LYS G 175 39.63 -2.48 8.49
N ASP G 176 39.74 -2.19 7.20
CA ASP G 176 40.01 -0.83 6.74
C ASP G 176 38.86 0.10 7.09
N SER G 177 39.18 1.26 7.66
CA SER G 177 38.18 2.24 8.00
C SER G 177 37.63 2.94 6.77
N ASP G 178 38.37 2.94 5.66
CA ASP G 178 37.99 3.66 4.46
C ASP G 178 37.28 2.79 3.44
N VAL G 179 37.01 1.53 3.77
CA VAL G 179 36.34 0.60 2.88
C VAL G 179 35.04 0.16 3.55
N TYR G 180 33.93 0.27 2.82
CA TYR G 180 32.61 -0.05 3.33
C TYR G 180 32.06 -1.26 2.59
N ILE G 181 31.61 -2.26 3.36
CA ILE G 181 30.98 -3.45 2.79
C ILE G 181 29.62 -3.63 3.44
N THR G 182 28.60 -3.87 2.63
CA THR G 182 27.26 -4.17 3.12
C THR G 182 27.10 -5.67 3.34
N ASP G 183 26.05 -6.03 4.06
CA ASP G 183 25.71 -7.43 4.26
C ASP G 183 25.03 -7.98 3.00
N LYS G 184 24.92 -9.30 2.92
CA LYS G 184 24.28 -9.91 1.78
C LYS G 184 22.80 -9.54 1.74
N THR G 185 22.26 -9.48 0.53
CA THR G 185 20.86 -9.13 0.32
C THR G 185 20.31 -10.01 -0.80
N VAL G 186 19.05 -10.40 -0.68
CA VAL G 186 18.40 -11.27 -1.66
C VAL G 186 17.60 -10.40 -2.63
N LEU G 187 17.75 -10.67 -3.91
CA LEU G 187 17.03 -9.96 -4.97
C LEU G 187 16.21 -10.95 -5.77
N ASP G 188 15.01 -10.55 -6.14
CA ASP G 188 14.07 -11.38 -6.87
C ASP G 188 13.68 -10.69 -8.17
N MET G 189 13.88 -11.39 -9.28
CA MET G 189 13.50 -10.90 -10.61
C MET G 189 12.29 -11.72 -11.07
N ARG G 190 11.10 -11.13 -10.97
CA ARG G 190 9.91 -11.81 -11.46
C ARG G 190 9.84 -11.82 -12.99
N SER G 191 10.61 -10.95 -13.66
CA SER G 191 10.61 -10.92 -15.11
C SER G 191 11.17 -12.22 -15.71
N MET G 192 12.14 -12.84 -15.04
CA MET G 192 12.68 -14.11 -15.49
C MET G 192 12.90 -15.07 -14.31
N ASP G 193 12.03 -15.00 -13.31
CA ASP G 193 11.99 -15.83 -12.10
C ASP G 193 13.37 -16.26 -11.62
N PHE G 194 14.22 -15.28 -11.36
CA PHE G 194 15.61 -15.50 -10.98
C PHE G 194 15.86 -14.88 -9.63
N LYS G 195 16.39 -15.67 -8.69
CA LYS G 195 16.73 -15.20 -7.36
C LYS G 195 18.24 -15.21 -7.20
N SER G 196 18.77 -14.19 -6.51
CA SER G 196 20.21 -14.03 -6.42
C SER G 196 20.57 -13.44 -5.06
N ASN G 197 21.81 -13.67 -4.65
CA ASN G 197 22.38 -13.05 -3.48
C ASN G 197 23.46 -12.08 -3.91
N SER G 198 23.58 -10.96 -3.20
CA SER G 198 24.50 -9.93 -3.63
C SER G 198 25.05 -9.19 -2.43
N ALA G 199 26.24 -8.62 -2.61
CA ALA G 199 26.85 -7.74 -1.62
C ALA G 199 27.66 -6.72 -2.38
N VAL G 200 27.88 -5.57 -1.75
CA VAL G 200 28.48 -4.43 -2.42
C VAL G 200 29.59 -3.87 -1.53
N ALA G 201 30.68 -3.47 -2.15
CA ALA G 201 31.80 -2.84 -1.47
C ALA G 201 32.22 -1.62 -2.26
N TRP G 202 32.72 -0.61 -1.55
CA TRP G 202 33.18 0.61 -2.19
C TRP G 202 34.19 1.28 -1.29
N SER G 203 34.97 2.19 -1.87
CA SER G 203 36.06 2.80 -1.12
C SER G 203 36.52 4.09 -1.79
N ASN G 204 37.31 4.83 -1.03
CA ASN G 204 38.04 6.04 -1.42
C ASN G 204 39.54 5.79 -1.36
N LYS G 205 40.08 5.14 -2.39
CA LYS G 205 41.54 4.99 -2.47
C LYS G 205 41.95 4.44 -3.83
N SER G 206 43.14 4.85 -4.28
CA SER G 206 43.66 4.43 -5.58
C SER G 206 44.00 2.95 -5.59
N ASP G 207 44.42 2.39 -4.47
CA ASP G 207 44.84 1.00 -4.39
C ASP G 207 43.66 0.06 -4.14
N PHE G 208 42.44 0.55 -4.29
CA PHE G 208 41.24 -0.26 -4.11
C PHE G 208 40.96 -0.98 -5.43
N ALA G 209 41.06 -2.31 -5.42
CA ALA G 209 40.79 -3.12 -6.58
C ALA G 209 39.80 -4.22 -6.20
N CYS G 210 39.01 -4.65 -7.18
CA CYS G 210 38.02 -5.68 -6.91
C CYS G 210 38.67 -7.04 -6.66
N ALA G 211 39.97 -7.17 -6.90
CA ALA G 211 40.64 -8.44 -6.65
C ALA G 211 40.73 -8.72 -5.15
N ASN G 212 41.10 -7.70 -4.36
CA ASN G 212 41.26 -7.86 -2.93
C ASN G 212 40.18 -7.13 -2.15
N ALA G 213 39.01 -6.88 -2.76
CA ALA G 213 37.99 -6.13 -2.03
C ALA G 213 37.32 -7.00 -0.97
N PHE G 214 37.30 -8.31 -1.17
CA PHE G 214 36.66 -9.20 -0.23
C PHE G 214 37.62 -10.29 0.20
N ASN G 215 38.90 -9.95 0.38
CA ASN G 215 39.87 -10.89 0.94
C ASN G 215 39.36 -11.50 2.24
N ASN G 216 39.03 -10.65 3.21
CA ASN G 216 38.76 -11.10 4.57
C ASN G 216 37.57 -12.07 4.61
N SER G 217 36.74 -12.10 3.58
CA SER G 217 35.61 -13.01 3.55
C SER G 217 36.09 -14.31 2.91
N ILE G 218 35.46 -15.43 3.30
CA ILE G 218 35.82 -16.73 2.73
C ILE G 218 34.93 -16.98 1.52
N ILE G 219 35.36 -16.47 0.37
CA ILE G 219 34.69 -16.68 -0.91
C ILE G 219 35.01 -18.08 -1.39
N PRO G 220 34.10 -18.80 -2.07
CA PRO G 220 34.43 -20.16 -2.50
C PRO G 220 35.45 -20.18 -3.63
N GLU G 221 35.84 -21.37 -4.07
CA GLU G 221 36.78 -21.50 -5.16
C GLU G 221 36.10 -21.15 -6.49
N ASP G 222 36.88 -21.22 -7.56
CA ASP G 222 36.49 -20.93 -8.95
C ASP G 222 35.50 -19.78 -9.05
N THR G 223 35.79 -18.71 -8.31
CA THR G 223 35.00 -17.49 -8.42
C THR G 223 35.49 -16.67 -9.61
N PHE G 224 34.57 -16.32 -10.50
CA PHE G 224 34.94 -15.64 -11.73
C PHE G 224 35.42 -14.23 -11.46
N PHE G 225 36.60 -13.90 -11.97
CA PHE G 225 37.17 -12.55 -11.90
C PHE G 225 37.36 -12.04 -13.31
N PRO G 226 36.54 -11.10 -13.78
CA PRO G 226 36.64 -10.66 -15.17
C PRO G 226 38.00 -10.07 -15.49
N SER G 227 38.42 -10.25 -16.74
CA SER G 227 39.63 -9.61 -17.24
C SER G 227 39.38 -8.11 -17.39
N PRO G 228 40.43 -7.29 -17.27
CA PRO G 228 40.24 -5.84 -17.37
C PRO G 228 39.76 -5.37 -18.73
N GLU G 229 39.96 -6.17 -19.78
CA GLU G 229 39.51 -5.77 -21.11
C GLU G 229 38.00 -5.96 -21.24
N SER G 230 37.46 -5.62 -22.40
CA SER G 230 36.03 -5.65 -22.64
C SER G 230 35.69 -6.62 -23.77
N SER G 231 34.42 -7.00 -23.82
CA SER G 231 33.89 -7.83 -24.90
C SER G 231 32.54 -7.25 -25.34
N CYS G 232 32.20 -7.50 -26.59
CA CYS G 232 30.95 -7.02 -27.17
C CYS G 232 30.23 -8.15 -27.89
N ASP G 233 28.90 -8.07 -27.90
CA ASP G 233 28.05 -8.95 -28.71
C ASP G 233 27.10 -8.05 -29.49
N VAL G 234 27.49 -7.73 -30.73
CA VAL G 234 26.71 -6.83 -31.57
C VAL G 234 25.31 -7.39 -31.83
N LYS G 235 25.19 -8.72 -31.90
CA LYS G 235 23.87 -9.33 -32.05
C LYS G 235 22.97 -9.02 -30.86
N LEU G 236 23.52 -9.12 -29.65
CA LEU G 236 22.74 -8.81 -28.46
C LEU G 236 22.34 -7.34 -28.44
N VAL G 237 23.24 -6.46 -28.91
CA VAL G 237 22.92 -5.04 -28.98
C VAL G 237 21.77 -4.81 -29.95
N GLU G 238 21.83 -5.42 -31.14
CA GLU G 238 20.77 -5.20 -32.12
C GLU G 238 19.48 -5.92 -31.75
N LYS G 239 19.51 -6.80 -30.75
CA LYS G 239 18.26 -7.37 -30.25
C LYS G 239 17.36 -6.30 -29.67
N SER G 240 17.93 -5.29 -29.02
CA SER G 240 17.16 -4.21 -28.41
C SER G 240 17.13 -2.97 -29.31
N PHE G 241 16.55 -3.14 -30.50
CA PHE G 241 16.39 -2.04 -31.44
C PHE G 241 14.91 -1.76 -31.63
N GLU G 242 14.54 -0.48 -31.55
CA GLU G 242 13.17 -0.08 -31.81
C GLU G 242 13.17 1.34 -32.39
N THR G 243 12.08 1.66 -33.08
CA THR G 243 11.98 2.90 -33.85
C THR G 243 10.82 3.74 -33.31
N ASP G 244 10.54 4.84 -34.01
CA ASP G 244 9.38 5.66 -33.74
C ASP G 244 8.85 6.21 -35.07
N THR G 245 7.77 6.99 -34.99
CA THR G 245 7.12 7.47 -36.20
C THR G 245 8.01 8.41 -36.99
N ASN G 246 8.79 9.24 -36.31
CA ASN G 246 9.64 10.19 -37.00
C ASN G 246 10.66 9.49 -37.89
N LEU G 247 11.26 8.40 -37.39
CA LEU G 247 12.23 7.67 -38.18
C LEU G 247 11.58 7.07 -39.44
N ASN G 248 10.38 6.52 -39.29
CA ASN G 248 9.68 5.97 -40.45
C ASN G 248 9.40 7.05 -41.49
N PHE G 249 8.91 8.21 -41.03
CA PHE G 249 8.62 9.30 -41.96
C PHE G 249 9.87 9.76 -42.68
N GLN G 250 10.99 9.87 -41.94
CA GLN G 250 12.23 10.30 -42.56
C GLN G 250 12.71 9.29 -43.59
N ASN G 251 12.60 7.99 -43.29
CA ASN G 251 13.00 6.98 -44.26
C ASN G 251 12.15 7.06 -45.53
N LEU G 252 10.83 7.23 -45.39
CA LEU G 252 9.99 7.40 -46.56
C LEU G 252 10.39 8.63 -47.35
N SER G 253 10.75 9.72 -46.65
CA SER G 253 11.21 10.92 -47.33
C SER G 253 12.47 10.63 -48.15
N VAL G 254 13.39 9.85 -47.58
CA VAL G 254 14.60 9.50 -48.33
C VAL G 254 14.25 8.72 -49.59
N ILE G 255 13.33 7.76 -49.47
CA ILE G 255 12.95 6.95 -50.64
C ILE G 255 12.33 7.83 -51.72
N GLY G 256 11.44 8.74 -51.32
CA GLY G 256 10.83 9.64 -52.28
C GLY G 256 11.84 10.55 -52.96
N PHE G 257 12.80 11.07 -52.19
CA PHE G 257 13.85 11.90 -52.79
C PHE G 257 14.68 11.10 -53.79
N ARG G 258 14.98 9.84 -53.45
CA ARG G 258 15.76 8.99 -54.37
C ARG G 258 15.02 8.78 -55.68
N ILE G 259 13.73 8.46 -55.61
CA ILE G 259 13.01 8.20 -56.86
C ILE G 259 12.84 9.48 -57.67
N LEU G 260 12.61 10.62 -57.00
CA LEU G 260 12.49 11.88 -57.70
C LEU G 260 13.80 12.23 -58.41
N LEU G 261 14.93 12.05 -57.72
CA LEU G 261 16.22 12.30 -58.35
C LEU G 261 16.47 11.38 -59.52
N LEU G 262 16.06 10.11 -59.40
CA LEU G 262 16.25 9.17 -60.50
C LEU G 262 15.48 9.62 -61.74
N LYS G 263 14.21 10.00 -61.55
CA LYS G 263 13.40 10.44 -62.69
C LYS G 263 13.95 11.72 -63.31
N VAL G 264 14.39 12.67 -62.48
CA VAL G 264 14.94 13.91 -63.02
C VAL G 264 16.23 13.65 -63.78
N ALA G 265 17.08 12.76 -63.25
CA ALA G 265 18.33 12.44 -63.95
C ALA G 265 18.06 11.76 -65.28
N GLY G 266 17.09 10.86 -65.32
CA GLY G 266 16.72 10.25 -66.59
C GLY G 266 16.23 11.27 -67.60
N PHE G 267 15.37 12.20 -67.15
CA PHE G 267 14.90 13.25 -68.04
C PHE G 267 16.05 14.10 -68.56
N ASN G 268 16.98 14.47 -67.67
CA ASN G 268 18.12 15.29 -68.07
C ASN G 268 18.96 14.58 -69.12
N LEU G 269 19.26 13.30 -68.89
CA LEU G 269 20.09 12.56 -69.83
C LEU G 269 19.39 12.40 -71.18
N LEU G 270 18.08 12.16 -71.15
CA LEU G 270 17.34 12.04 -72.41
C LEU G 270 17.35 13.36 -73.17
N MET G 271 17.16 14.48 -72.47
CA MET G 271 17.18 15.78 -73.14
C MET G 271 18.55 16.09 -73.73
N THR G 272 19.62 15.79 -72.99
CA THR G 272 20.94 16.10 -73.51
C THR G 272 21.33 15.17 -74.66
N LEU G 273 20.83 13.94 -74.67
CA LEU G 273 21.03 13.10 -75.85
C LEU G 273 20.19 13.59 -77.02
N ARG G 274 19.02 14.15 -76.75
CA ARG G 274 18.18 14.69 -77.82
C ARG G 274 18.86 15.87 -78.50
N LEU G 275 19.46 16.76 -77.71
CA LEU G 275 20.10 17.93 -78.31
C LEU G 275 21.48 17.60 -78.87
N TRP G 276 22.23 16.70 -78.22
CA TRP G 276 23.55 16.35 -78.71
C TRP G 276 23.50 15.57 -80.02
N SER G 277 22.39 14.89 -80.29
CA SER G 277 22.20 14.21 -81.56
C SER G 277 21.96 15.17 -82.72
N SER G 278 21.68 16.44 -82.44
CA SER G 278 21.41 17.42 -83.49
C SER G 278 22.45 18.54 -83.47
N LYS H 22 -7.79 1.19 13.19
CA LYS H 22 -7.15 2.34 12.56
C LYS H 22 -6.62 3.31 13.61
N VAL H 23 -5.30 3.25 13.82
CA VAL H 23 -4.60 4.11 14.78
C VAL H 23 -3.62 4.97 14.00
N THR H 24 -3.67 6.28 14.23
CA THR H 24 -2.83 7.23 13.52
C THR H 24 -1.99 8.01 14.51
N GLN H 25 -0.70 8.11 14.23
CA GLN H 25 0.22 8.95 14.99
C GLN H 25 0.51 10.24 14.22
N SER H 26 0.89 11.27 14.97
CA SER H 26 0.97 12.62 14.41
C SER H 26 2.01 12.71 13.30
N SER H 27 3.18 12.11 13.51
CA SER H 27 4.28 12.20 12.56
C SER H 27 4.95 10.84 12.42
N ARG H 28 5.78 10.72 11.40
CA ARG H 28 6.59 9.53 11.20
C ARG H 28 8.06 9.76 11.47
N TYR H 29 8.58 10.95 11.21
CA TYR H 29 9.96 11.31 11.48
C TYR H 29 10.00 12.65 12.17
N LEU H 30 10.90 12.80 13.14
CA LEU H 30 11.04 14.05 13.87
C LEU H 30 12.49 14.22 14.29
N VAL H 31 12.99 15.44 14.18
CA VAL H 31 14.30 15.82 14.69
C VAL H 31 14.15 17.10 15.50
N LYS H 32 14.76 17.12 16.68
CA LYS H 32 14.59 18.21 17.62
C LYS H 32 15.91 18.51 18.30
N ARG H 33 16.00 19.69 18.89
CA ARG H 33 17.17 20.09 19.67
C ARG H 33 16.87 19.91 21.15
N THR H 34 17.93 19.65 21.93
CA THR H 34 17.76 19.43 23.36
C THR H 34 17.16 20.67 24.03
N GLY H 35 16.26 20.43 24.97
CA GLY H 35 15.60 21.48 25.71
C GLY H 35 14.23 21.87 25.19
N GLU H 36 13.84 21.38 24.01
CA GLU H 36 12.54 21.71 23.46
C GLU H 36 11.44 20.88 24.10
N LYS H 37 10.21 21.34 23.94
CA LYS H 37 9.03 20.62 24.38
C LYS H 37 8.39 19.96 23.16
N VAL H 38 8.21 18.65 23.22
CA VAL H 38 7.81 17.85 22.07
C VAL H 38 6.44 17.23 22.33
N PHE H 39 5.59 17.27 21.30
CA PHE H 39 4.23 16.76 21.40
C PHE H 39 4.06 15.59 20.44
N LEU H 40 3.45 14.51 20.93
CA LEU H 40 3.16 13.34 20.12
C LEU H 40 1.69 12.97 20.30
N GLU H 41 1.01 12.70 19.19
CA GLU H 41 -0.43 12.48 19.20
C GLU H 41 -0.75 11.08 18.71
N CYS H 42 -1.93 10.60 19.10
CA CYS H 42 -2.36 9.26 18.73
C CYS H 42 -3.88 9.23 18.77
N VAL H 43 -4.50 8.96 17.62
CA VAL H 43 -5.95 9.01 17.46
C VAL H 43 -6.43 7.67 16.93
N GLN H 44 -7.49 7.14 17.54
CA GLN H 44 -8.14 5.92 17.08
C GLN H 44 -9.64 6.15 16.98
N ASP H 45 -10.27 5.41 16.06
CA ASP H 45 -11.69 5.59 15.77
C ASP H 45 -12.49 4.31 15.98
N MET H 46 -11.94 3.33 16.68
CA MET H 46 -12.64 2.07 16.93
C MET H 46 -13.41 2.08 18.24
N ASP H 47 -13.43 3.21 18.95
CA ASP H 47 -14.06 3.32 20.26
C ASP H 47 -13.48 2.28 21.23
N HIS H 48 -12.19 2.42 21.47
CA HIS H 48 -11.43 1.52 22.33
C HIS H 48 -11.22 2.17 23.69
N GLU H 49 -11.23 1.35 24.75
CA GLU H 49 -11.04 1.87 26.10
C GLU H 49 -9.57 2.06 26.42
N ASN H 50 -8.78 1.00 26.29
CA ASN H 50 -7.39 1.02 26.71
C ASN H 50 -6.50 1.63 25.65
N MET H 51 -5.56 2.48 26.07
CA MET H 51 -4.58 3.08 25.18
C MET H 51 -3.21 3.02 25.84
N PHE H 52 -2.17 2.89 25.01
CA PHE H 52 -0.82 2.63 25.48
C PHE H 52 0.20 3.42 24.68
N TRP H 53 1.25 3.88 25.36
CA TRP H 53 2.41 4.49 24.72
C TRP H 53 3.64 3.63 25.01
N TYR H 54 4.32 3.17 23.95
CA TYR H 54 5.46 2.27 24.07
C TYR H 54 6.69 2.90 23.46
N ARG H 55 7.85 2.46 23.93
CA ARG H 55 9.15 2.91 23.43
C ARG H 55 9.97 1.69 23.05
N GLN H 56 10.61 1.74 21.88
CA GLN H 56 11.41 0.62 21.39
C GLN H 56 12.87 1.03 21.30
N ASP H 57 13.75 0.18 21.83
CA ASP H 57 15.19 0.38 21.81
C ASP H 57 15.88 -0.89 21.37
N PRO H 58 17.05 -0.78 20.76
CA PRO H 58 17.77 -1.99 20.33
C PRO H 58 18.19 -2.84 21.52
N GLY H 59 17.81 -4.11 21.48
CA GLY H 59 18.15 -5.05 22.53
C GLY H 59 17.31 -4.95 23.78
N LEU H 60 16.34 -4.04 23.83
CA LEU H 60 15.51 -3.85 25.01
C LEU H 60 14.05 -4.21 24.79
N GLY H 61 13.63 -4.43 23.54
CA GLY H 61 12.24 -4.72 23.28
C GLY H 61 11.35 -3.51 23.50
N LEU H 62 10.06 -3.78 23.66
CA LEU H 62 9.08 -2.74 23.95
C LEU H 62 9.02 -2.48 25.44
N ARG H 63 9.00 -1.20 25.81
CA ARG H 63 8.89 -0.79 27.20
C ARG H 63 7.77 0.23 27.30
N LEU H 64 6.86 0.03 28.26
CA LEU H 64 5.68 0.86 28.36
C LEU H 64 5.98 2.13 29.15
N ILE H 65 5.60 3.28 28.59
CA ILE H 65 5.77 4.55 29.27
C ILE H 65 4.54 4.89 30.11
N TYR H 66 3.36 4.83 29.50
CA TYR H 66 2.11 5.16 30.17
C TYR H 66 1.00 4.36 29.51
N PHE H 67 -0.09 4.17 30.25
CA PHE H 67 -1.30 3.63 29.64
C PHE H 67 -2.50 4.20 30.37
N SER H 68 -3.65 4.08 29.72
CA SER H 68 -4.90 4.66 30.21
C SER H 68 -6.01 3.63 30.09
N TYR H 69 -6.70 3.38 31.20
CA TYR H 69 -7.85 2.47 31.16
C TYR H 69 -8.97 3.03 30.31
N ASP H 70 -9.36 4.28 30.56
CA ASP H 70 -10.30 5.01 29.72
C ASP H 70 -10.15 6.49 30.05
N VAL H 71 -11.13 7.29 29.62
CA VAL H 71 -11.02 8.74 29.66
C VAL H 71 -10.66 9.23 31.05
N LYS H 72 -9.72 10.17 31.11
CA LYS H 72 -9.36 11.00 32.26
C LYS H 72 -8.58 10.26 33.33
N MET H 73 -8.28 8.98 33.16
CA MET H 73 -7.45 8.24 34.12
C MET H 73 -6.22 7.68 33.42
N LYS H 74 -5.13 7.58 34.17
CA LYS H 74 -3.84 7.21 33.62
C LYS H 74 -3.00 6.56 34.70
N GLU H 75 -2.02 5.76 34.27
CA GLU H 75 -1.14 5.03 35.17
C GLU H 75 0.26 4.95 34.58
N LYS H 76 1.27 5.08 35.44
CA LYS H 76 2.65 5.06 35.02
C LYS H 76 3.09 3.66 34.59
N GLY H 77 3.99 3.62 33.63
CA GLY H 77 4.63 2.39 33.20
C GLY H 77 5.94 2.15 33.95
N ASP H 78 6.78 1.31 33.37
CA ASP H 78 8.06 1.00 34.02
C ASP H 78 9.15 2.02 33.74
N ILE H 79 8.99 2.87 32.71
CA ILE H 79 9.93 3.96 32.47
C ILE H 79 9.18 5.27 32.24
N PRO H 80 8.50 5.81 33.26
CA PRO H 80 7.74 7.04 33.07
C PRO H 80 8.54 8.32 33.30
N GLU H 81 9.83 8.22 33.56
CA GLU H 81 10.62 9.40 33.89
C GLU H 81 10.82 10.27 32.66
N GLY H 82 10.51 11.56 32.78
CA GLY H 82 10.74 12.51 31.72
C GLY H 82 9.54 12.76 30.81
N TYR H 83 8.47 11.99 30.95
CA TYR H 83 7.31 12.14 30.08
C TYR H 83 6.07 12.49 30.90
N SER H 84 5.11 13.11 30.23
CA SER H 84 3.77 13.33 30.75
C SER H 84 2.76 12.95 29.68
N VAL H 85 1.52 12.68 30.10
CA VAL H 85 0.47 12.25 29.19
C VAL H 85 -0.83 12.99 29.50
N SER H 86 -1.78 12.86 28.58
CA SER H 86 -3.08 13.51 28.70
C SER H 86 -4.12 12.68 27.96
N ARG H 87 -5.25 12.43 28.60
CA ARG H 87 -6.36 11.64 28.05
C ARG H 87 -7.68 12.38 28.28
N GLU H 88 -7.71 13.65 27.89
CA GLU H 88 -8.92 14.45 28.06
C GLU H 88 -10.08 13.91 27.24
N LYS H 89 -9.80 13.23 26.14
CA LYS H 89 -10.84 12.72 25.25
C LYS H 89 -10.76 11.20 25.18
N LYS H 90 -11.82 10.60 24.61
CA LYS H 90 -11.87 9.15 24.46
C LYS H 90 -10.89 8.66 23.40
N GLU H 91 -10.80 9.37 22.27
CA GLU H 91 -10.10 8.89 21.09
C GLU H 91 -8.71 9.46 20.93
N ARG H 92 -8.19 10.18 21.92
CA ARG H 92 -6.89 10.81 21.82
C ARG H 92 -6.07 10.52 23.07
N PHE H 93 -4.78 10.27 22.88
CA PHE H 93 -3.85 10.01 23.98
C PHE H 93 -2.55 10.73 23.64
N SER H 94 -2.31 11.87 24.29
CA SER H 94 -1.20 12.74 23.96
C SER H 94 -0.02 12.49 24.89
N LEU H 95 1.18 12.45 24.33
CA LEU H 95 2.41 12.30 25.09
C LEU H 95 3.25 13.55 24.92
N ILE H 96 3.91 13.96 26.01
CA ILE H 96 4.67 15.21 26.05
C ILE H 96 6.05 14.95 26.61
N LEU H 97 7.08 15.43 25.93
CA LEU H 97 8.44 15.47 26.44
C LEU H 97 8.73 16.90 26.89
N GLU H 98 8.86 17.09 28.20
CA GLU H 98 9.00 18.45 28.75
C GLU H 98 10.31 19.09 28.32
N SER H 99 11.43 18.39 28.51
CA SER H 99 12.74 18.87 28.09
C SER H 99 13.45 17.74 27.36
N ALA H 100 13.55 17.86 26.04
CA ALA H 100 14.14 16.80 25.24
C ALA H 100 15.60 16.60 25.60
N SER H 101 15.98 15.34 25.79
CA SER H 101 17.36 14.97 26.09
C SER H 101 17.82 13.92 25.10
N THR H 102 19.14 13.80 24.95
CA THR H 102 19.70 12.90 23.94
C THR H 102 19.25 11.46 24.15
N ASN H 103 19.08 11.04 25.40
CA ASN H 103 18.72 9.66 25.72
C ASN H 103 17.24 9.38 25.54
N GLN H 104 16.52 10.26 24.82
CA GLN H 104 15.13 10.02 24.46
C GLN H 104 14.98 9.78 22.96
N THR H 105 16.09 9.58 22.26
CA THR H 105 16.10 9.25 20.83
C THR H 105 15.76 7.78 20.65
N SER H 106 14.62 7.48 20.06
CA SER H 106 14.13 6.12 19.92
C SER H 106 12.90 6.14 19.01
N MET H 107 12.25 5.00 18.87
CA MET H 107 11.00 4.88 18.13
C MET H 107 9.86 4.74 19.13
N TYR H 108 8.78 5.47 18.90
CA TYR H 108 7.64 5.51 19.81
C TYR H 108 6.41 4.95 19.12
N LEU H 109 5.69 4.09 19.83
CA LEU H 109 4.52 3.41 19.28
C LEU H 109 3.32 3.62 20.19
N CYS H 110 2.15 3.71 19.58
CA CYS H 110 0.90 3.86 20.29
C CYS H 110 -0.03 2.70 19.94
N ALA H 111 -0.73 2.19 20.94
CA ALA H 111 -1.62 1.05 20.77
C ALA H 111 -2.95 1.32 21.46
N SER H 112 -3.99 0.64 21.00
CA SER H 112 -5.30 0.71 21.63
C SER H 112 -5.96 -0.67 21.55
N SER H 113 -6.88 -0.92 22.49
CA SER H 113 -7.57 -2.20 22.54
C SER H 113 -8.80 -2.07 23.43
N PHE H 114 -9.64 -3.11 23.37
CA PHE H 114 -10.72 -3.29 24.32
C PHE H 114 -10.16 -3.65 25.69
N THR H 115 -11.05 -3.83 26.66
CA THR H 115 -10.68 -4.25 28.00
C THR H 115 -10.82 -5.76 28.12
N GLY H 116 -9.95 -6.36 28.93
CA GLY H 116 -10.02 -7.76 29.22
C GLY H 116 -9.13 -8.62 28.35
N PRO H 117 -8.97 -9.89 28.71
CA PRO H 117 -8.08 -10.80 27.98
C PRO H 117 -8.77 -11.67 26.92
N TYR H 118 -10.05 -11.48 26.63
CA TYR H 118 -10.78 -12.37 25.73
C TYR H 118 -10.76 -11.78 24.32
N ASN H 119 -9.85 -12.30 23.49
CA ASN H 119 -9.77 -11.94 22.08
C ASN H 119 -9.62 -10.44 21.87
N SER H 120 -8.71 -9.83 22.63
CA SER H 120 -8.47 -8.39 22.58
C SER H 120 -6.99 -8.10 22.43
N PRO H 121 -6.46 -8.18 21.21
CA PRO H 121 -5.07 -7.78 20.98
C PRO H 121 -4.93 -6.26 20.84
N LEU H 122 -3.70 -5.80 20.97
CA LEU H 122 -3.39 -4.40 20.76
C LEU H 122 -3.32 -4.09 19.28
N HIS H 123 -3.69 -2.85 18.92
CA HIS H 123 -3.62 -2.39 17.53
C HIS H 123 -2.62 -1.23 17.48
N PHE H 124 -1.47 -1.46 16.86
CA PHE H 124 -0.43 -0.44 16.81
C PHE H 124 -0.58 0.44 15.56
N GLY H 125 0.00 1.63 15.62
CA GLY H 125 0.17 2.47 14.46
C GLY H 125 1.46 2.13 13.74
N ASN H 126 1.84 3.02 12.81
CA ASN H 126 3.10 2.86 12.08
C ASN H 126 4.32 3.27 12.89
N GLY H 127 4.15 4.00 13.99
CA GLY H 127 5.31 4.42 14.76
C GLY H 127 5.85 5.79 14.35
N THR H 128 6.66 6.34 15.24
CA THR H 128 7.31 7.62 15.01
C THR H 128 8.74 7.55 15.52
N ARG H 129 9.70 7.75 14.61
CA ARG H 129 11.11 7.78 14.96
C ARG H 129 11.54 9.21 15.24
N LEU H 130 12.09 9.43 16.43
CA LEU H 130 12.47 10.74 16.93
C LEU H 130 13.94 10.76 17.27
N THR H 131 14.65 11.76 16.77
CA THR H 131 16.06 11.98 17.07
C THR H 131 16.19 13.33 17.77
N VAL H 132 16.90 13.34 18.89
CA VAL H 132 17.19 14.57 19.63
C VAL H 132 18.68 14.81 19.56
N THR H 133 19.07 15.96 19.04
CA THR H 133 20.47 16.32 18.88
C THR H 133 20.78 17.57 19.67
N GLU H 134 22.01 17.65 20.17
CA GLU H 134 22.42 18.80 20.96
C GLU H 134 22.62 20.05 20.13
N ASP H 135 22.60 19.95 18.80
CA ASP H 135 22.74 21.12 17.94
C ASP H 135 22.18 20.80 16.57
N LEU H 136 21.40 21.74 16.02
CA LEU H 136 20.83 21.57 14.70
C LEU H 136 21.86 21.75 13.58
N ASN H 137 23.07 22.18 13.91
CA ASN H 137 24.13 22.34 12.94
C ASN H 137 24.61 21.01 12.37
N LYS H 138 24.25 19.89 12.98
CA LYS H 138 24.70 18.58 12.56
C LYS H 138 23.77 17.88 11.58
N VAL H 139 22.69 18.53 11.17
CA VAL H 139 21.76 17.93 10.21
C VAL H 139 22.30 18.13 8.80
N PHE H 140 22.42 17.05 8.04
CA PHE H 140 22.94 17.09 6.68
C PHE H 140 22.06 16.28 5.74
N PRO H 141 21.90 16.73 4.50
CA PRO H 141 21.19 15.93 3.50
C PRO H 141 22.13 14.93 2.84
N PRO H 142 21.60 13.91 2.17
CA PRO H 142 22.46 12.92 1.53
C PRO H 142 23.02 13.39 0.20
N GLU H 143 24.09 12.72 -0.22
CA GLU H 143 24.64 12.82 -1.56
C GLU H 143 24.31 11.53 -2.30
N VAL H 144 23.73 11.66 -3.49
CA VAL H 144 23.21 10.52 -4.23
C VAL H 144 24.01 10.33 -5.51
N ALA H 145 24.42 9.09 -5.78
CA ALA H 145 25.14 8.74 -6.99
C ALA H 145 24.64 7.41 -7.51
N VAL H 146 24.76 7.21 -8.82
CA VAL H 146 24.33 5.99 -9.49
C VAL H 146 25.50 5.44 -10.29
N PHE H 147 25.62 4.11 -10.32
CA PHE H 147 26.71 3.41 -10.98
C PHE H 147 26.15 2.40 -11.97
N GLU H 148 26.64 2.47 -13.21
CA GLU H 148 26.11 1.66 -14.30
C GLU H 148 26.74 0.26 -14.32
N PRO H 149 26.02 -0.72 -14.83
CA PRO H 149 26.50 -2.12 -14.77
C PRO H 149 27.77 -2.33 -15.57
N SER H 150 28.56 -3.31 -15.14
CA SER H 150 29.77 -3.68 -15.87
C SER H 150 29.42 -4.46 -17.13
N GLU H 151 30.16 -4.17 -18.21
CA GLU H 151 29.96 -4.92 -19.45
C GLU H 151 30.41 -6.38 -19.31
N ALA H 152 31.34 -6.65 -18.39
CA ALA H 152 31.73 -8.03 -18.13
C ALA H 152 30.57 -8.85 -17.60
N GLU H 153 29.78 -8.29 -16.68
CA GLU H 153 28.61 -8.99 -16.17
C GLU H 153 27.59 -9.20 -17.29
N ILE H 154 27.39 -8.21 -18.15
CA ILE H 154 26.45 -8.37 -19.26
C ILE H 154 26.89 -9.49 -20.18
N SER H 155 28.18 -9.55 -20.49
CA SER H 155 28.69 -10.62 -21.36
C SER H 155 28.54 -11.97 -20.69
N HIS H 156 28.83 -12.05 -19.38
CA HIS H 156 28.84 -13.35 -18.71
C HIS H 156 27.43 -13.90 -18.51
N THR H 157 26.49 -13.07 -18.05
CA THR H 157 25.20 -13.58 -17.63
C THR H 157 24.00 -12.93 -18.31
N GLN H 158 24.21 -11.95 -19.20
CA GLN H 158 23.11 -11.27 -19.89
C GLN H 158 22.17 -10.58 -18.92
N LYS H 159 22.73 -10.02 -17.85
CA LYS H 159 21.95 -9.24 -16.89
C LYS H 159 22.75 -8.01 -16.50
N ALA H 160 22.04 -6.98 -16.06
CA ALA H 160 22.64 -5.70 -15.70
C ALA H 160 22.18 -5.29 -14.31
N THR H 161 23.10 -4.77 -13.51
CA THR H 161 22.81 -4.38 -12.14
C THR H 161 23.25 -2.93 -11.92
N LEU H 162 22.29 -2.06 -11.66
CA LEU H 162 22.55 -0.68 -11.29
C LEU H 162 22.64 -0.56 -9.77
N VAL H 163 23.56 0.28 -9.29
CA VAL H 163 23.81 0.46 -7.87
C VAL H 163 23.62 1.94 -7.52
N CYS H 164 22.86 2.21 -6.48
CA CYS H 164 22.61 3.55 -5.98
C CYS H 164 23.24 3.72 -4.61
N LEU H 165 23.98 4.80 -4.41
CA LEU H 165 24.64 5.08 -3.15
C LEU H 165 24.18 6.44 -2.62
N ALA H 166 23.76 6.47 -1.35
CA ALA H 166 23.43 7.71 -0.66
C ALA H 166 24.27 7.80 0.60
N THR H 167 25.07 8.85 0.72
CA THR H 167 26.09 8.94 1.76
C THR H 167 26.03 10.29 2.45
N GLY H 168 26.47 10.30 3.71
CA GLY H 168 26.75 11.55 4.41
C GLY H 168 25.56 12.27 4.99
N PHE H 169 24.48 11.57 5.31
CA PHE H 169 23.28 12.21 5.82
C PHE H 169 23.12 11.92 7.32
N PHE H 170 22.45 12.85 8.00
CA PHE H 170 22.11 12.73 9.41
C PHE H 170 20.87 13.58 9.65
N PRO H 171 19.84 13.05 10.33
CA PRO H 171 19.77 11.68 10.85
C PRO H 171 19.31 10.68 9.81
N ASP H 172 19.34 9.40 10.15
CA ASP H 172 18.96 8.35 9.21
C ASP H 172 17.46 8.29 9.01
N HIS H 173 16.92 9.28 8.30
CA HIS H 173 15.48 9.42 8.08
C HIS H 173 15.17 9.51 6.59
N VAL H 174 15.69 8.56 5.82
CA VAL H 174 15.59 8.58 4.37
C VAL H 174 14.67 7.46 3.89
N GLU H 175 14.18 7.63 2.66
CA GLU H 175 13.46 6.59 1.93
C GLU H 175 13.98 6.55 0.51
N LEU H 176 14.15 5.36 -0.03
CA LEU H 176 14.79 5.18 -1.33
C LEU H 176 13.83 4.49 -2.29
N SER H 177 13.84 4.94 -3.55
CA SER H 177 12.91 4.44 -4.56
C SER H 177 13.58 4.45 -5.93
N TRP H 178 13.12 3.57 -6.81
CA TRP H 178 13.61 3.45 -8.17
C TRP H 178 12.49 3.79 -9.15
N TRP H 179 12.79 4.63 -10.14
CA TRP H 179 11.82 5.06 -11.14
C TRP H 179 12.38 4.79 -12.52
N VAL H 180 11.66 3.99 -13.31
CA VAL H 180 12.05 3.68 -14.68
C VAL H 180 10.98 4.24 -15.61
N ASN H 181 11.40 5.05 -16.58
CA ASN H 181 10.50 5.68 -17.55
C ASN H 181 9.34 6.39 -16.85
N GLY H 182 9.66 7.04 -15.74
CA GLY H 182 8.70 7.82 -15.00
C GLY H 182 7.75 7.04 -14.11
N LYS H 183 7.93 5.73 -13.99
CA LYS H 183 7.05 4.89 -13.19
C LYS H 183 7.85 4.18 -12.11
N GLU H 184 7.28 4.12 -10.90
CA GLU H 184 7.97 3.48 -9.79
C GLU H 184 8.06 1.98 -9.99
N VAL H 185 9.20 1.41 -9.61
CA VAL H 185 9.49 0.00 -9.84
C VAL H 185 9.66 -0.69 -8.50
N HIS H 186 9.06 -1.88 -8.38
CA HIS H 186 9.19 -2.71 -7.17
C HIS H 186 9.84 -4.05 -7.42
N SER H 187 9.72 -4.62 -8.61
CA SER H 187 10.33 -5.90 -8.92
C SER H 187 11.80 -5.71 -9.29
N GLY H 188 12.63 -6.66 -8.85
CA GLY H 188 14.06 -6.59 -9.14
C GLY H 188 14.82 -5.57 -8.32
N VAL H 189 14.28 -5.16 -7.17
CA VAL H 189 14.89 -4.14 -6.33
C VAL H 189 15.28 -4.77 -5.01
N SER H 190 16.45 -4.40 -4.49
CA SER H 190 16.90 -4.86 -3.18
C SER H 190 17.60 -3.71 -2.48
N THR H 191 17.07 -3.29 -1.34
CA THR H 191 17.59 -2.18 -0.55
C THR H 191 18.11 -2.68 0.78
N ASP H 192 19.11 -1.99 1.32
CA ASP H 192 19.59 -2.32 2.66
C ASP H 192 18.49 -2.11 3.68
N PRO H 193 18.31 -3.05 4.62
CA PRO H 193 17.23 -2.89 5.62
C PRO H 193 17.37 -1.65 6.48
N GLN H 194 18.58 -1.27 6.86
CA GLN H 194 18.80 -0.12 7.72
C GLN H 194 20.00 0.66 7.24
N PRO H 195 20.00 1.98 7.42
CA PRO H 195 21.22 2.76 7.20
C PRO H 195 22.28 2.38 8.20
N LEU H 196 23.54 2.50 7.79
CA LEU H 196 24.68 2.13 8.61
C LEU H 196 25.59 3.32 8.80
N LYS H 197 26.20 3.39 9.99
CA LYS H 197 27.13 4.48 10.28
C LYS H 197 28.38 4.35 9.41
N GLU H 198 28.88 5.50 8.94
CA GLU H 198 30.08 5.48 8.13
C GLU H 198 31.30 5.04 8.93
N GLN H 199 31.56 5.72 10.05
CA GLN H 199 32.57 5.28 11.01
C GLN H 199 31.89 4.98 12.34
N PRO H 200 31.66 3.72 12.68
CA PRO H 200 30.95 3.39 13.92
C PRO H 200 31.81 3.50 15.17
N ALA H 201 33.10 3.80 15.02
CA ALA H 201 34.00 3.83 16.17
C ALA H 201 33.63 4.93 17.15
N LEU H 202 33.27 6.11 16.65
CA LEU H 202 33.09 7.28 17.48
C LEU H 202 31.71 7.89 17.28
N ASN H 203 31.41 8.88 18.12
CA ASN H 203 30.16 9.62 18.06
C ASN H 203 30.16 10.58 16.87
N ASP H 204 28.99 11.16 16.61
CA ASP H 204 28.80 12.13 15.54
C ASP H 204 29.22 11.54 14.19
N SER H 205 28.54 10.47 13.82
CA SER H 205 28.81 9.73 12.60
C SER H 205 27.62 9.84 11.66
N ARG H 206 27.89 10.13 10.39
CA ARG H 206 26.84 10.19 9.39
C ARG H 206 26.53 8.79 8.88
N TYR H 207 25.48 8.70 8.06
CA TYR H 207 24.94 7.41 7.63
C TYR H 207 25.07 7.25 6.13
N CYS H 208 25.01 5.99 5.69
CA CYS H 208 25.09 5.64 4.28
C CYS H 208 24.08 4.54 3.99
N LEU H 209 23.68 4.44 2.73
CA LEU H 209 22.69 3.46 2.30
C LEU H 209 22.95 3.09 0.85
N SER H 210 22.62 1.86 0.49
CA SER H 210 22.82 1.36 -0.86
C SER H 210 21.59 0.60 -1.34
N SER H 211 21.40 0.57 -2.66
CA SER H 211 20.32 -0.19 -3.26
C SER H 211 20.76 -0.73 -4.61
N ARG H 212 20.11 -1.81 -5.03
CA ARG H 212 20.44 -2.48 -6.28
C ARG H 212 19.20 -2.72 -7.10
N LEU H 213 19.31 -2.49 -8.41
CA LEU H 213 18.24 -2.79 -9.36
C LEU H 213 18.83 -3.67 -10.45
N ARG H 214 18.25 -4.85 -10.64
CA ARG H 214 18.73 -5.81 -11.63
C ARG H 214 17.75 -5.90 -12.78
N VAL H 215 18.28 -5.87 -13.99
CA VAL H 215 17.48 -5.79 -15.22
C VAL H 215 18.13 -6.69 -16.25
N SER H 216 17.35 -7.11 -17.24
CA SER H 216 17.91 -7.83 -18.37
C SER H 216 18.84 -6.94 -19.17
N ALA H 217 19.84 -7.56 -19.80
CA ALA H 217 20.80 -6.79 -20.59
C ALA H 217 20.14 -6.12 -21.78
N THR H 218 19.14 -6.77 -22.39
CA THR H 218 18.46 -6.17 -23.53
C THR H 218 17.72 -4.91 -23.15
N PHE H 219 17.11 -4.89 -21.96
CA PHE H 219 16.41 -3.69 -21.51
C PHE H 219 17.37 -2.57 -21.17
N TRP H 220 18.57 -2.89 -20.68
CA TRP H 220 19.48 -1.85 -20.22
C TRP H 220 20.09 -1.09 -21.39
N GLN H 221 20.54 -1.79 -22.42
CA GLN H 221 21.27 -1.14 -23.51
C GLN H 221 20.34 -0.57 -24.58
N ASN H 222 19.07 -0.38 -24.28
CA ASN H 222 18.21 0.44 -25.10
C ASN H 222 18.37 1.90 -24.70
N PRO H 223 18.86 2.77 -25.59
CA PRO H 223 19.12 4.16 -25.19
C PRO H 223 17.88 4.98 -24.89
N ARG H 224 16.69 4.47 -25.21
CA ARG H 224 15.47 5.21 -24.92
C ARG H 224 15.04 5.11 -23.47
N ASN H 225 15.57 4.13 -22.72
CA ASN H 225 15.14 3.90 -21.35
C ASN H 225 15.79 4.89 -20.39
N HIS H 226 15.01 5.35 -19.42
CA HIS H 226 15.45 6.31 -18.43
C HIS H 226 15.37 5.69 -17.03
N PHE H 227 16.47 5.75 -16.29
CA PHE H 227 16.54 5.20 -14.95
C PHE H 227 16.84 6.32 -13.96
N ARG H 228 16.20 6.26 -12.79
CA ARG H 228 16.39 7.31 -11.79
C ARG H 228 16.31 6.70 -10.40
N CYS H 229 17.23 7.08 -9.53
CA CYS H 229 17.23 6.69 -8.13
C CYS H 229 16.89 7.92 -7.29
N GLN H 230 15.85 7.80 -6.47
CA GLN H 230 15.31 8.92 -5.71
C GLN H 230 15.40 8.62 -4.22
N VAL H 231 15.85 9.61 -3.45
CA VAL H 231 15.95 9.51 -2.00
C VAL H 231 15.16 10.67 -1.39
N GLN H 232 14.13 10.33 -0.63
CA GLN H 232 13.35 11.31 0.13
C GLN H 232 13.96 11.46 1.52
N PHE H 233 14.32 12.69 1.87
CA PHE H 233 15.00 13.00 3.13
C PHE H 233 14.11 13.90 3.98
N TYR H 234 13.97 13.54 5.25
CA TYR H 234 13.19 14.33 6.21
C TYR H 234 14.14 15.07 7.13
N GLY H 235 14.03 16.40 7.15
CA GLY H 235 14.93 17.20 7.96
C GLY H 235 14.24 18.33 8.70
N LEU H 236 14.88 19.49 8.74
CA LEU H 236 14.36 20.63 9.48
C LEU H 236 13.08 21.16 8.84
N SER H 237 12.24 21.77 9.67
CA SER H 237 10.99 22.37 9.23
C SER H 237 11.16 23.88 9.10
N GLU H 238 10.10 24.53 8.60
CA GLU H 238 10.15 25.96 8.38
C GLU H 238 10.09 26.77 9.66
N ASN H 239 9.82 26.15 10.80
CA ASN H 239 9.76 26.84 12.09
C ASN H 239 11.03 26.64 12.89
N ASP H 240 12.17 26.52 12.22
CA ASP H 240 13.46 26.34 12.88
C ASP H 240 14.40 27.46 12.45
N GLU H 241 15.16 27.99 13.39
CA GLU H 241 16.10 29.06 13.08
C GLU H 241 17.39 28.51 12.50
N TRP H 242 17.88 29.16 11.46
CA TRP H 242 19.12 28.79 10.81
C TRP H 242 20.02 30.01 10.72
N THR H 243 21.19 29.95 11.36
CA THR H 243 22.15 31.04 11.36
C THR H 243 23.50 30.55 10.84
N GLN H 244 23.49 29.79 9.75
CA GLN H 244 24.71 29.25 9.17
C GLN H 244 24.79 29.62 7.70
N ASP H 245 26.02 29.65 7.19
CA ASP H 245 26.25 30.06 5.81
C ASP H 245 25.65 29.06 4.82
N ARG H 246 25.78 27.77 5.11
CA ARG H 246 25.31 26.76 4.16
C ARG H 246 23.78 26.72 4.15
N ALA H 247 23.25 26.02 3.16
CA ALA H 247 21.80 25.97 2.98
C ALA H 247 21.13 25.24 4.13
N LYS H 248 19.88 25.61 4.40
CA LYS H 248 19.13 25.03 5.51
C LYS H 248 18.69 23.61 5.15
N PRO H 249 19.07 22.60 5.92
CA PRO H 249 18.75 21.20 5.59
C PRO H 249 17.29 20.84 5.88
N VAL H 250 16.44 21.15 4.91
CA VAL H 250 15.01 20.94 5.05
C VAL H 250 14.64 19.63 4.36
N THR H 251 13.41 19.18 4.60
CA THR H 251 12.89 18.01 3.89
C THR H 251 12.93 18.26 2.38
N GLN H 252 13.48 17.31 1.63
CA GLN H 252 13.69 17.50 0.20
C GLN H 252 13.85 16.14 -0.48
N ILE H 253 14.15 16.18 -1.77
CA ILE H 253 14.37 14.99 -2.58
C ILE H 253 15.67 15.18 -3.34
N VAL H 254 16.51 14.14 -3.32
CA VAL H 254 17.76 14.13 -4.08
C VAL H 254 17.75 12.91 -4.99
N SER H 255 18.06 13.13 -6.27
CA SER H 255 17.96 12.09 -7.28
C SER H 255 19.26 11.97 -8.06
N ALA H 256 19.34 10.87 -8.83
CA ALA H 256 20.43 10.64 -9.77
C ALA H 256 19.86 9.82 -10.93
N GLU H 257 20.17 10.24 -12.16
CA GLU H 257 19.53 9.69 -13.35
C GLU H 257 20.58 9.12 -14.30
N ALA H 258 20.13 8.28 -15.22
CA ALA H 258 21.00 7.71 -16.24
C ALA H 258 20.15 7.29 -17.44
N TRP H 259 20.79 7.28 -18.61
CA TRP H 259 20.22 6.74 -19.82
C TRP H 259 20.76 5.34 -20.07
N GLY H 260 19.99 4.52 -20.79
CA GLY H 260 20.51 3.25 -21.23
C GLY H 260 21.68 3.42 -22.18
N ARG H 261 22.61 2.47 -22.13
CA ARG H 261 23.88 2.63 -22.82
C ARG H 261 24.31 1.32 -23.47
N ALA H 262 24.57 1.39 -24.77
CA ALA H 262 25.21 0.30 -25.52
C ALA H 262 26.47 0.87 -26.15
N ASP H 263 27.62 0.58 -25.54
CA ASP H 263 28.88 1.19 -25.96
C ASP H 263 29.35 0.70 -27.32
N CYS H 264 28.74 -0.35 -27.87
CA CYS H 264 29.13 -0.88 -29.17
C CYS H 264 27.88 -1.38 -29.89
N GLY H 265 27.99 -1.50 -31.20
CA GLY H 265 26.88 -1.93 -32.03
C GLY H 265 26.16 -0.76 -32.68
N PHE H 266 25.07 -1.10 -33.36
CA PHE H 266 24.25 -0.13 -34.08
C PHE H 266 22.96 0.11 -33.32
N THR H 267 22.71 1.37 -32.99
CA THR H 267 21.51 1.78 -32.25
C THR H 267 20.68 2.74 -33.09
N SER H 268 19.64 3.29 -32.47
CA SER H 268 18.71 4.16 -33.20
C SER H 268 19.29 5.54 -33.48
N VAL H 269 20.16 6.04 -32.61
CA VAL H 269 20.70 7.38 -32.80
C VAL H 269 21.63 7.42 -34.01
N SER H 270 22.43 6.36 -34.20
CA SER H 270 23.28 6.27 -35.38
C SER H 270 22.46 6.25 -36.66
N TYR H 271 21.40 5.45 -36.67
CA TYR H 271 20.52 5.39 -37.83
C TYR H 271 19.89 6.74 -38.11
N GLN H 272 19.46 7.44 -37.06
CA GLN H 272 18.85 8.77 -37.22
C GLN H 272 19.84 9.76 -37.82
N GLN H 273 21.09 9.74 -37.33
CA GLN H 273 22.12 10.60 -37.91
C GLN H 273 22.32 10.30 -39.38
N GLY H 274 22.42 9.01 -39.72
CA GLY H 274 22.63 8.64 -41.11
C GLY H 274 21.49 9.08 -42.00
N VAL H 275 20.25 8.97 -41.51
CA VAL H 275 19.09 9.36 -42.31
C VAL H 275 19.09 10.86 -42.56
N LEU H 276 19.37 11.67 -41.53
CA LEU H 276 19.41 13.11 -41.77
C LEU H 276 20.52 13.50 -42.73
N SER H 277 21.70 12.88 -42.60
CA SER H 277 22.78 13.17 -43.54
C SER H 277 22.40 12.82 -44.97
N ALA H 278 21.80 11.64 -45.17
CA ALA H 278 21.37 11.23 -46.49
C ALA H 278 20.32 12.17 -47.04
N THR H 279 19.39 12.62 -46.19
CA THR H 279 18.35 13.52 -46.62
C THR H 279 18.93 14.82 -47.15
N ILE H 280 19.86 15.42 -46.41
CA ILE H 280 20.41 16.70 -46.85
C ILE H 280 21.23 16.50 -48.12
N LEU H 281 21.99 15.41 -48.22
CA LEU H 281 22.78 15.17 -49.42
C LEU H 281 21.89 15.00 -50.64
N TYR H 282 20.78 14.28 -50.49
CA TYR H 282 19.89 14.06 -51.62
C TYR H 282 19.16 15.35 -52.00
N GLU H 283 18.85 16.21 -51.04
CA GLU H 283 18.28 17.51 -51.38
C GLU H 283 19.28 18.35 -52.20
N ILE H 284 20.56 18.32 -51.82
CA ILE H 284 21.57 19.04 -52.59
C ILE H 284 21.66 18.50 -54.00
N LEU H 285 21.68 17.17 -54.15
CA LEU H 285 21.75 16.58 -55.47
C LEU H 285 20.51 16.92 -56.31
N LEU H 286 19.33 16.94 -55.68
CA LEU H 286 18.13 17.32 -56.41
C LEU H 286 18.19 18.77 -56.87
N GLY H 287 18.73 19.66 -56.02
CA GLY H 287 18.91 21.03 -56.45
C GLY H 287 19.79 21.14 -57.68
N LYS H 288 20.93 20.44 -57.67
CA LYS H 288 21.81 20.46 -58.84
C LYS H 288 21.10 19.91 -60.08
N ALA H 289 20.38 18.80 -59.92
CA ALA H 289 19.71 18.18 -61.07
C ALA H 289 18.65 19.12 -61.65
N THR H 290 17.86 19.78 -60.79
CA THR H 290 16.83 20.66 -61.31
C THR H 290 17.42 21.92 -61.93
N LEU H 291 18.55 22.40 -61.42
CA LEU H 291 19.23 23.51 -62.09
C LEU H 291 19.66 23.11 -63.49
N TYR H 292 20.27 21.92 -63.62
CA TYR H 292 20.67 21.45 -64.95
C TYR H 292 19.47 21.27 -65.87
N ALA H 293 18.35 20.78 -65.32
CA ALA H 293 17.14 20.63 -66.12
C ALA H 293 16.67 21.98 -66.65
N VAL H 294 16.61 22.98 -65.79
CA VAL H 294 16.17 24.31 -66.23
C VAL H 294 17.12 24.86 -67.28
N LEU H 295 18.42 24.68 -67.07
CA LEU H 295 19.41 25.19 -68.02
C LEU H 295 19.25 24.55 -69.40
N VAL H 296 19.12 23.23 -69.44
CA VAL H 296 19.01 22.55 -70.73
C VAL H 296 17.68 22.87 -71.39
N SER H 297 16.61 23.03 -70.60
CA SER H 297 15.33 23.44 -71.18
C SER H 297 15.41 24.82 -71.80
N ALA H 298 16.09 25.76 -71.12
CA ALA H 298 16.26 27.09 -71.69
C ALA H 298 17.09 27.04 -72.97
N LEU H 299 18.15 26.22 -72.98
CA LEU H 299 18.96 26.08 -74.19
C LEU H 299 18.13 25.53 -75.34
N VAL H 300 17.30 24.52 -75.08
CA VAL H 300 16.43 23.97 -76.11
C VAL H 300 15.45 25.03 -76.61
N LEU H 301 14.91 25.83 -75.68
CA LEU H 301 13.96 26.87 -76.07
C LEU H 301 14.62 27.91 -76.96
N MET H 302 15.84 28.33 -76.62
CA MET H 302 16.57 29.27 -77.46
C MET H 302 16.88 28.68 -78.83
N ALA H 303 17.27 27.40 -78.87
CA ALA H 303 17.54 26.75 -80.15
C ALA H 303 16.29 26.71 -81.02
N MET H 304 15.15 26.34 -80.43
CA MET H 304 13.91 26.29 -81.19
C MET H 304 13.50 27.67 -81.69
N VAL H 305 13.66 28.69 -80.84
CA VAL H 305 13.27 30.05 -81.24
C VAL H 305 14.15 30.55 -82.38
N LYS H 306 15.46 30.35 -82.29
CA LYS H 306 16.35 30.84 -83.33
C LYS H 306 16.31 29.99 -84.60
N ARG H 307 15.88 28.74 -84.50
CA ARG H 307 15.83 27.87 -85.70
C ARG H 307 14.81 28.39 -86.70
N LYS H 308 13.61 28.72 -86.23
CA LYS H 308 12.55 29.20 -87.11
C LYS H 308 12.64 30.71 -87.32
N GLY I 2 -19.51 -32.15 47.82
CA GLY I 2 -20.12 -32.45 46.54
C GLY I 2 -20.09 -31.29 45.58
N SER I 3 -21.27 -30.86 45.13
CA SER I 3 -21.38 -29.75 44.21
C SER I 3 -21.17 -28.42 44.92
N HIS I 4 -20.68 -27.43 44.18
CA HIS I 4 -20.40 -26.11 44.71
C HIS I 4 -20.77 -25.07 43.67
N SER I 5 -20.83 -23.81 44.10
CA SER I 5 -21.24 -22.74 43.20
C SER I 5 -20.62 -21.42 43.66
N MET I 6 -20.49 -20.49 42.72
CA MET I 6 -20.06 -19.13 43.00
C MET I 6 -21.06 -18.18 42.34
N ARG I 7 -21.53 -17.18 43.09
CA ARG I 7 -22.60 -16.31 42.66
C ARG I 7 -22.27 -14.86 42.96
N TYR I 8 -22.74 -13.96 42.11
CA TYR I 8 -22.54 -12.52 42.27
C TYR I 8 -23.86 -11.80 42.03
N PHE I 9 -24.20 -10.87 42.91
CA PHE I 9 -25.44 -10.11 42.86
C PHE I 9 -25.13 -8.62 42.83
N PHE I 10 -25.82 -7.89 41.95
CA PHE I 10 -25.63 -6.46 41.80
C PHE I 10 -26.99 -5.77 41.76
N THR I 11 -27.14 -4.71 42.55
CA THR I 11 -28.36 -3.93 42.60
C THR I 11 -28.01 -2.45 42.48
N SER I 12 -28.81 -1.71 41.70
CA SER I 12 -28.62 -0.28 41.55
C SER I 12 -29.98 0.40 41.57
N VAL I 13 -30.15 1.36 42.48
CA VAL I 13 -31.41 2.06 42.68
C VAL I 13 -31.18 3.54 42.44
N SER I 14 -31.98 4.15 41.57
CA SER I 14 -31.82 5.55 41.25
C SER I 14 -32.48 6.43 42.31
N ARG I 15 -31.84 7.57 42.57
CA ARG I 15 -32.36 8.59 43.50
C ARG I 15 -32.57 9.86 42.70
N PRO I 16 -33.76 10.06 42.14
CA PRO I 16 -33.97 11.14 41.17
C PRO I 16 -33.85 12.55 41.74
N GLY I 17 -33.60 12.71 43.04
CA GLY I 17 -33.52 14.03 43.61
C GLY I 17 -32.16 14.38 44.20
N ARG I 18 -31.38 13.36 44.56
CA ARG I 18 -30.13 13.59 45.26
C ARG I 18 -29.11 12.53 44.86
N GLY I 19 -27.94 12.97 44.40
CA GLY I 19 -26.80 12.10 44.22
C GLY I 19 -26.98 11.09 43.08
N GLU I 20 -25.93 10.29 42.91
CA GLU I 20 -25.90 9.19 41.96
C GLU I 20 -26.64 7.97 42.54
N PRO I 21 -27.00 7.01 41.69
CA PRO I 21 -27.75 5.85 42.20
C PRO I 21 -26.95 5.07 43.25
N ARG I 22 -27.67 4.51 44.20
CA ARG I 22 -27.08 3.64 45.21
C ARG I 22 -26.78 2.28 44.61
N PHE I 23 -25.54 1.81 44.81
CA PHE I 23 -25.06 0.57 44.20
C PHE I 23 -24.55 -0.36 45.29
N ILE I 24 -24.96 -1.63 45.23
CA ILE I 24 -24.56 -2.64 46.20
C ILE I 24 -24.21 -3.93 45.47
N ALA I 25 -23.09 -4.55 45.85
CA ALA I 25 -22.64 -5.80 45.25
C ALA I 25 -22.25 -6.78 46.35
N VAL I 26 -22.63 -8.04 46.18
CA VAL I 26 -22.27 -9.10 47.12
C VAL I 26 -21.83 -10.33 46.35
N GLY I 27 -20.89 -11.07 46.93
CA GLY I 27 -20.39 -12.30 46.34
C GLY I 27 -20.50 -13.46 47.30
N TYR I 28 -20.95 -14.59 46.78
CA TYR I 28 -21.22 -15.77 47.58
C TYR I 28 -20.51 -17.00 47.03
N VAL I 29 -19.98 -17.82 47.92
CA VAL I 29 -19.55 -19.18 47.60
C VAL I 29 -20.46 -20.11 48.38
N ASP I 30 -21.24 -20.92 47.66
CA ASP I 30 -22.33 -21.69 48.28
C ASP I 30 -23.22 -20.76 49.08
N ASP I 31 -23.35 -21.02 50.39
CA ASP I 31 -24.20 -20.21 51.24
C ASP I 31 -23.42 -19.19 52.07
N THR I 32 -22.15 -18.97 51.75
CA THR I 32 -21.29 -18.10 52.54
C THR I 32 -20.95 -16.85 51.74
N GLN I 33 -21.35 -15.69 52.24
CA GLN I 33 -20.88 -14.42 51.67
C GLN I 33 -19.42 -14.23 52.00
N PHE I 34 -18.62 -13.84 51.00
CA PHE I 34 -17.21 -13.62 51.23
C PHE I 34 -16.70 -12.27 50.77
N VAL I 35 -17.53 -11.42 50.17
CA VAL I 35 -17.05 -10.14 49.67
C VAL I 35 -18.24 -9.22 49.48
N ARG I 36 -18.00 -7.90 49.54
CA ARG I 36 -19.07 -6.93 49.38
C ARG I 36 -18.50 -5.59 48.92
N PHE I 37 -19.39 -4.75 48.40
CA PHE I 37 -19.07 -3.38 48.05
C PHE I 37 -20.33 -2.53 48.18
N ASP I 38 -20.17 -1.34 48.76
CA ASP I 38 -21.27 -0.39 48.92
C ASP I 38 -20.79 0.99 48.53
N SER I 39 -21.55 1.66 47.66
CA SER I 39 -21.14 2.97 47.17
C SER I 39 -21.31 4.06 48.21
N ASP I 40 -22.13 3.84 49.23
CA ASP I 40 -22.37 4.83 50.27
C ASP I 40 -21.43 4.68 51.46
N ALA I 41 -20.56 3.68 51.46
CA ALA I 41 -19.58 3.53 52.52
C ALA I 41 -18.39 4.44 52.28
N ALA I 42 -17.61 4.65 53.34
CA ALA I 42 -16.51 5.61 53.27
C ALA I 42 -15.27 5.07 52.58
N SER I 43 -15.06 3.75 52.61
CA SER I 43 -13.82 3.19 52.07
C SER I 43 -13.76 3.30 50.55
N GLN I 44 -14.90 3.10 49.89
CA GLN I 44 -14.97 3.05 48.42
C GLN I 44 -14.04 1.97 47.87
N ARG I 45 -13.96 0.84 48.56
CA ARG I 45 -13.14 -0.29 48.18
C ARG I 45 -13.93 -1.57 48.32
N MET I 46 -13.48 -2.60 47.60
CA MET I 46 -13.99 -3.93 47.84
C MET I 46 -13.48 -4.47 49.17
N GLU I 47 -14.37 -5.05 49.96
CA GLU I 47 -14.05 -5.40 51.33
C GLU I 47 -14.24 -6.89 51.55
N PRO I 48 -13.39 -7.52 52.35
CA PRO I 48 -13.57 -8.94 52.66
C PRO I 48 -14.66 -9.17 53.69
N ARG I 49 -15.22 -10.38 53.64
CA ARG I 49 -16.26 -10.76 54.58
C ARG I 49 -16.08 -12.17 55.12
N ALA I 50 -15.02 -12.87 54.76
CA ALA I 50 -14.70 -14.21 55.24
C ALA I 50 -13.24 -14.27 55.64
N PRO I 51 -12.89 -15.11 56.62
CA PRO I 51 -11.48 -15.19 57.05
C PRO I 51 -10.54 -15.71 55.99
N TRP I 52 -10.99 -16.62 55.12
CA TRP I 52 -10.09 -17.25 54.18
C TRP I 52 -9.80 -16.40 52.94
N ILE I 53 -10.55 -15.33 52.71
CA ILE I 53 -10.30 -14.47 51.56
C ILE I 53 -9.27 -13.39 51.85
N GLU I 54 -8.92 -13.16 53.12
CA GLU I 54 -7.96 -12.13 53.45
C GLU I 54 -6.53 -12.49 53.06
N GLN I 55 -6.28 -13.73 52.63
CA GLN I 55 -4.96 -14.12 52.16
C GLN I 55 -4.55 -13.43 50.87
N GLU I 56 -5.52 -12.92 50.11
CA GLU I 56 -5.21 -12.29 48.83
C GLU I 56 -4.42 -10.99 49.04
N GLY I 57 -3.61 -10.65 48.03
CA GLY I 57 -2.75 -9.49 48.11
C GLY I 57 -3.38 -8.22 47.57
N PRO I 58 -2.63 -7.11 47.65
CA PRO I 58 -3.18 -5.82 47.21
C PRO I 58 -3.63 -5.77 45.77
N GLU I 59 -2.96 -6.49 44.87
CA GLU I 59 -3.32 -6.45 43.45
C GLU I 59 -4.71 -7.02 43.23
N TYR I 60 -5.06 -8.07 43.97
CA TYR I 60 -6.40 -8.64 43.88
C TYR I 60 -7.46 -7.61 44.23
N TRP I 61 -7.26 -6.89 45.34
CA TRP I 61 -8.26 -5.93 45.78
C TRP I 61 -8.34 -4.73 44.84
N ASP I 62 -7.19 -4.28 44.31
CA ASP I 62 -7.21 -3.18 43.35
C ASP I 62 -7.98 -3.56 42.09
N GLY I 63 -7.71 -4.75 41.55
CA GLY I 63 -8.41 -5.18 40.36
C GLY I 63 -9.89 -5.36 40.58
N GLU I 64 -10.27 -5.97 41.70
CA GLU I 64 -11.69 -6.15 41.99
C GLU I 64 -12.40 -4.80 42.15
N THR I 65 -11.76 -3.85 42.83
CA THR I 65 -12.36 -2.53 42.99
C THR I 65 -12.58 -1.87 41.65
N ARG I 66 -11.57 -1.92 40.77
CA ARG I 66 -11.71 -1.29 39.46
C ARG I 66 -12.83 -1.92 38.64
N LYS I 67 -12.91 -3.25 38.64
CA LYS I 67 -13.94 -3.93 37.86
C LYS I 67 -15.35 -3.63 38.40
N VAL I 68 -15.50 -3.59 39.73
CA VAL I 68 -16.83 -3.34 40.28
C VAL I 68 -17.26 -1.89 40.08
N LYS I 69 -16.32 -0.95 40.09
CA LYS I 69 -16.70 0.42 39.74
C LYS I 69 -17.11 0.50 38.28
N ALA I 70 -16.46 -0.27 37.40
CA ALA I 70 -16.93 -0.36 36.02
C ALA I 70 -18.36 -0.91 35.96
N HIS I 71 -18.66 -1.93 36.76
CA HIS I 71 -20.01 -2.45 36.87
C HIS I 71 -21.00 -1.35 37.22
N SER I 72 -20.68 -0.55 38.24
CA SER I 72 -21.60 0.48 38.70
C SER I 72 -21.82 1.55 37.63
N GLN I 73 -20.76 1.93 36.91
CA GLN I 73 -20.93 2.88 35.82
C GLN I 73 -21.85 2.34 34.73
N THR I 74 -21.67 1.06 34.38
CA THR I 74 -22.55 0.43 33.41
C THR I 74 -24.00 0.46 33.88
N HIS I 75 -24.23 0.18 35.16
CA HIS I 75 -25.61 0.21 35.68
C HIS I 75 -26.19 1.61 35.63
N ARG I 76 -25.39 2.63 35.92
CA ARG I 76 -25.89 4.00 35.84
C ARG I 76 -26.34 4.34 34.43
N VAL I 77 -25.50 4.05 33.44
CA VAL I 77 -25.89 4.31 32.05
C VAL I 77 -27.13 3.50 31.69
N ASP I 78 -27.20 2.26 32.17
CA ASP I 78 -28.35 1.40 31.85
C ASP I 78 -29.64 1.97 32.40
N LEU I 79 -29.62 2.48 33.64
CA LEU I 79 -30.81 3.12 34.19
C LEU I 79 -31.21 4.32 33.33
N GLY I 80 -30.24 5.15 32.98
CA GLY I 80 -30.55 6.30 32.14
C GLY I 80 -31.20 5.93 30.82
N THR I 81 -30.71 4.86 30.19
CA THR I 81 -31.27 4.45 28.90
C THR I 81 -32.62 3.77 29.06
N LEU I 82 -32.77 2.90 30.06
CA LEU I 82 -34.01 2.17 30.25
C LEU I 82 -35.15 3.11 30.62
N ARG I 83 -34.84 4.25 31.24
CA ARG I 83 -35.91 5.22 31.48
C ARG I 83 -36.50 5.72 30.15
N GLY I 84 -35.64 6.03 29.18
CA GLY I 84 -36.13 6.44 27.88
C GLY I 84 -36.82 5.32 27.12
N TYR I 85 -36.32 4.09 27.25
CA TYR I 85 -36.88 2.98 26.49
C TYR I 85 -38.34 2.69 26.85
N TYR I 86 -38.77 3.07 28.05
CA TYR I 86 -40.12 2.76 28.52
C TYR I 86 -41.03 3.97 28.60
N ASN I 87 -40.53 5.17 28.27
CA ASN I 87 -41.32 6.39 28.33
C ASN I 87 -41.87 6.64 29.73
N GLN I 88 -40.93 6.80 30.67
CA GLN I 88 -41.26 7.12 32.05
C GLN I 88 -40.72 8.50 32.39
N SER I 89 -41.35 9.13 33.39
CA SER I 89 -40.99 10.48 33.78
C SER I 89 -39.62 10.48 34.46
N GLU I 90 -39.16 11.68 34.82
CA GLU I 90 -37.86 11.86 35.43
C GLU I 90 -37.92 11.92 36.95
N ALA I 91 -39.10 11.74 37.54
CA ALA I 91 -39.28 11.91 38.97
C ALA I 91 -39.29 10.61 39.76
N GLY I 92 -39.55 9.48 39.11
CA GLY I 92 -39.64 8.23 39.82
C GLY I 92 -38.28 7.61 40.12
N SER I 93 -38.30 6.57 40.95
CA SER I 93 -37.11 5.82 41.32
C SER I 93 -37.24 4.40 40.78
N HIS I 94 -36.18 3.91 40.15
CA HIS I 94 -36.21 2.61 39.49
C HIS I 94 -34.96 1.82 39.86
N THR I 95 -35.03 0.51 39.61
CA THR I 95 -34.00 -0.43 40.03
C THR I 95 -33.60 -1.33 38.87
N VAL I 96 -32.30 -1.60 38.76
CA VAL I 96 -31.77 -2.63 37.88
C VAL I 96 -31.06 -3.69 38.72
N GLN I 97 -31.29 -4.95 38.39
CA GLN I 97 -30.68 -6.07 39.08
C GLN I 97 -29.94 -6.96 38.09
N ARG I 98 -28.77 -7.44 38.49
CA ARG I 98 -27.93 -8.29 37.67
C ARG I 98 -27.37 -9.43 38.50
N MET I 99 -27.41 -10.64 37.96
CA MET I 99 -26.89 -11.80 38.67
C MET I 99 -26.26 -12.80 37.69
N TYR I 100 -25.10 -13.32 38.06
CA TYR I 100 -24.44 -14.35 37.26
C TYR I 100 -23.61 -15.24 38.17
N GLY I 101 -23.33 -16.45 37.68
CA GLY I 101 -22.51 -17.39 38.44
C GLY I 101 -22.36 -18.69 37.71
N CYS I 102 -21.67 -19.63 38.36
CA CYS I 102 -21.33 -20.91 37.74
C CYS I 102 -21.42 -22.03 38.78
N ASP I 103 -21.62 -23.25 38.28
CA ASP I 103 -21.75 -24.45 39.09
C ASP I 103 -20.64 -25.43 38.72
N VAL I 104 -20.19 -26.21 39.71
CA VAL I 104 -19.30 -27.35 39.47
C VAL I 104 -19.79 -28.55 40.24
N GLY I 105 -19.44 -29.74 39.75
CA GLY I 105 -19.81 -30.99 40.38
C GLY I 105 -18.79 -31.46 41.39
N SER I 106 -18.96 -32.70 41.84
CA SER I 106 -18.07 -33.26 42.86
C SER I 106 -16.65 -33.41 42.33
N ASP I 107 -16.48 -33.54 41.02
CA ASP I 107 -15.16 -33.60 40.40
C ASP I 107 -14.59 -32.21 40.15
N TRP I 108 -15.31 -31.16 40.53
CA TRP I 108 -14.88 -29.77 40.36
C TRP I 108 -14.67 -29.42 38.90
N ARG I 109 -15.52 -29.98 38.04
CA ARG I 109 -15.57 -29.63 36.63
C ARG I 109 -16.83 -28.80 36.37
N PHE I 110 -16.80 -28.03 35.29
CA PHE I 110 -17.92 -27.16 34.96
C PHE I 110 -19.20 -27.96 34.78
N LEU I 111 -20.29 -27.44 35.34
CA LEU I 111 -21.61 -28.05 35.22
C LEU I 111 -22.60 -27.17 34.48
N ARG I 112 -22.80 -25.93 34.91
CA ARG I 112 -23.69 -25.02 34.22
C ARG I 112 -23.35 -23.59 34.63
N GLY I 113 -23.89 -22.63 33.86
CA GLY I 113 -23.70 -21.23 34.15
C GLY I 113 -24.96 -20.46 33.84
N TYR I 114 -25.00 -19.22 34.32
CA TYR I 114 -26.18 -18.39 34.15
C TYR I 114 -25.82 -16.91 34.30
N HIS I 115 -26.60 -16.09 33.59
CA HIS I 115 -26.41 -14.63 33.55
C HIS I 115 -27.78 -14.02 33.27
N GLN I 116 -28.26 -13.16 34.17
CA GLN I 116 -29.62 -12.64 34.05
C GLN I 116 -29.67 -11.17 34.43
N TYR I 117 -30.63 -10.47 33.82
CA TYR I 117 -30.84 -9.03 33.99
C TYR I 117 -32.30 -8.79 34.29
N ALA I 118 -32.59 -7.72 35.04
CA ALA I 118 -33.96 -7.38 35.39
C ALA I 118 -34.11 -5.89 35.59
N TYR I 119 -35.28 -5.37 35.23
CA TYR I 119 -35.61 -3.96 35.39
C TYR I 119 -36.89 -3.84 36.21
N ASP I 120 -36.82 -3.11 37.32
CA ASP I 120 -37.97 -2.86 38.18
C ASP I 120 -38.65 -4.15 38.65
N GLY I 121 -37.84 -5.17 38.92
CA GLY I 121 -38.32 -6.39 39.53
C GLY I 121 -38.79 -7.47 38.59
N LYS I 122 -38.75 -7.24 37.29
CA LYS I 122 -39.22 -8.23 36.32
C LYS I 122 -38.15 -8.51 35.28
N ASP I 123 -38.22 -9.71 34.70
CA ASP I 123 -37.21 -10.16 33.75
C ASP I 123 -37.07 -9.21 32.58
N TYR I 124 -35.83 -8.94 32.19
CA TYR I 124 -35.54 -8.14 31.00
C TYR I 124 -34.84 -8.95 29.92
N ILE I 125 -33.70 -9.54 30.22
CA ILE I 125 -32.98 -10.34 29.24
C ILE I 125 -32.07 -11.30 29.99
N ALA I 126 -31.94 -12.52 29.45
CA ALA I 126 -31.16 -13.57 30.09
C ALA I 126 -30.41 -14.35 29.01
N LEU I 127 -29.41 -15.11 29.47
CA LEU I 127 -28.69 -16.05 28.62
C LEU I 127 -29.33 -17.43 28.73
N LYS I 128 -29.42 -18.13 27.61
CA LYS I 128 -30.00 -19.47 27.64
C LYS I 128 -29.01 -20.48 28.24
N GLU I 129 -29.51 -21.70 28.40
CA GLU I 129 -28.74 -22.77 29.03
C GLU I 129 -27.45 -23.07 28.27
N ASP I 130 -27.46 -22.93 26.95
CA ASP I 130 -26.27 -23.21 26.15
C ASP I 130 -25.27 -22.06 26.15
N LEU I 131 -25.62 -20.92 26.75
CA LEU I 131 -24.73 -19.77 26.85
C LEU I 131 -24.31 -19.24 25.47
N ARG I 132 -25.17 -19.41 24.47
CA ARG I 132 -24.85 -18.96 23.12
C ARG I 132 -25.90 -18.06 22.50
N SER I 133 -27.12 -18.00 23.04
CA SER I 133 -28.16 -17.13 22.51
C SER I 133 -28.94 -16.53 23.67
N TRP I 134 -29.61 -15.42 23.39
CA TRP I 134 -30.30 -14.63 24.39
C TRP I 134 -31.78 -14.96 24.44
N THR I 135 -32.42 -14.54 25.53
CA THR I 135 -33.86 -14.62 25.69
C THR I 135 -34.37 -13.26 26.16
N ALA I 136 -35.27 -12.67 25.38
CA ALA I 136 -35.84 -11.38 25.69
C ALA I 136 -37.27 -11.54 26.18
N ALA I 137 -37.67 -10.66 27.10
CA ALA I 137 -38.98 -10.75 27.74
C ALA I 137 -40.04 -10.00 26.95
N ASP I 138 -39.85 -8.70 26.75
CA ASP I 138 -40.81 -7.86 26.06
C ASP I 138 -40.18 -7.29 24.79
N MET I 139 -40.95 -6.41 24.12
CA MET I 139 -40.48 -5.84 22.86
C MET I 139 -39.27 -4.93 23.09
N ALA I 140 -39.28 -4.17 24.20
CA ALA I 140 -38.19 -3.24 24.47
C ALA I 140 -36.85 -3.95 24.59
N ALA I 141 -36.85 -5.19 25.08
CA ALA I 141 -35.61 -5.94 25.19
C ALA I 141 -35.05 -6.33 23.82
N GLN I 142 -35.92 -6.52 22.83
CA GLN I 142 -35.50 -7.00 21.52
C GLN I 142 -34.37 -6.14 20.93
N THR I 143 -34.52 -4.82 21.00
CA THR I 143 -33.48 -3.92 20.50
C THR I 143 -32.13 -4.25 21.12
N THR I 144 -32.08 -4.30 22.45
CA THR I 144 -30.85 -4.65 23.15
C THR I 144 -30.33 -6.00 22.67
N LYS I 145 -31.23 -6.98 22.55
CA LYS I 145 -30.84 -8.30 22.06
C LYS I 145 -30.09 -8.17 20.74
N HIS I 146 -30.69 -7.46 19.78
CA HIS I 146 -30.07 -7.28 18.47
C HIS I 146 -28.68 -6.69 18.61
N LYS I 147 -28.56 -5.60 19.39
CA LYS I 147 -27.27 -4.94 19.54
C LYS I 147 -26.23 -5.90 20.11
N TRP I 148 -26.60 -6.66 21.13
CA TRP I 148 -25.65 -7.56 21.74
C TRP I 148 -25.28 -8.68 20.76
N GLU I 149 -26.25 -9.14 19.98
CA GLU I 149 -25.94 -10.16 18.97
C GLU I 149 -24.96 -9.61 17.94
N ALA I 150 -24.99 -8.30 17.73
CA ALA I 150 -24.04 -7.69 16.81
C ALA I 150 -22.67 -7.54 17.44
N ALA I 151 -22.61 -7.44 18.77
CA ALA I 151 -21.37 -7.14 19.46
C ALA I 151 -20.67 -8.37 20.03
N HIS I 152 -21.22 -9.56 19.82
CA HIS I 152 -20.64 -10.82 20.31
C HIS I 152 -20.44 -10.82 21.83
N VAL I 153 -21.43 -10.30 22.55
CA VAL I 153 -21.38 -10.27 24.01
C VAL I 153 -21.38 -11.68 24.58
N ALA I 154 -22.20 -12.56 24.01
CA ALA I 154 -22.33 -13.91 24.54
C ALA I 154 -21.02 -14.68 24.49
N GLU I 155 -20.14 -14.38 23.52
CA GLU I 155 -18.86 -15.07 23.45
C GLU I 155 -17.99 -14.73 24.65
N GLN I 156 -17.90 -13.43 24.98
CA GLN I 156 -17.18 -13.01 26.18
C GLN I 156 -17.77 -13.64 27.43
N LEU I 157 -19.10 -13.61 27.55
CA LEU I 157 -19.73 -14.14 28.74
C LEU I 157 -19.51 -15.64 28.90
N ARG I 158 -19.59 -16.39 27.79
CA ARG I 158 -19.34 -17.82 27.87
C ARG I 158 -17.89 -18.12 28.20
N ALA I 159 -16.95 -17.34 27.65
CA ALA I 159 -15.55 -17.53 27.99
C ALA I 159 -15.31 -17.33 29.48
N TYR I 160 -15.94 -16.30 30.07
CA TYR I 160 -15.78 -16.09 31.50
C TYR I 160 -16.45 -17.19 32.32
N LEU I 161 -17.67 -17.59 31.93
CA LEU I 161 -18.44 -18.50 32.78
C LEU I 161 -17.88 -19.91 32.76
N GLU I 162 -17.55 -20.44 31.58
CA GLU I 162 -17.00 -21.78 31.49
C GLU I 162 -15.51 -21.84 31.85
N GLY I 163 -14.85 -20.70 31.90
CA GLY I 163 -13.42 -20.60 32.12
C GLY I 163 -13.04 -20.08 33.48
N THR I 164 -12.82 -18.76 33.55
CA THR I 164 -12.29 -18.10 34.74
C THR I 164 -13.10 -18.42 36.00
N CYS I 165 -14.43 -18.56 35.86
CA CYS I 165 -15.29 -18.77 37.02
C CYS I 165 -14.92 -20.05 37.76
N VAL I 166 -14.71 -21.14 37.01
CA VAL I 166 -14.40 -22.42 37.63
C VAL I 166 -13.03 -22.38 38.29
N GLU I 167 -12.07 -21.71 37.66
CA GLU I 167 -10.73 -21.61 38.24
C GLU I 167 -10.75 -20.84 39.55
N TRP I 168 -11.47 -19.70 39.57
CA TRP I 168 -11.60 -18.95 40.81
C TRP I 168 -12.29 -19.77 41.89
N LEU I 169 -13.34 -20.50 41.50
CA LEU I 169 -14.05 -21.33 42.47
C LEU I 169 -13.15 -22.41 43.07
N ARG I 170 -12.35 -23.06 42.22
CA ARG I 170 -11.44 -24.09 42.71
C ARG I 170 -10.40 -23.51 43.65
N ARG I 171 -9.84 -22.35 43.30
CA ARG I 171 -8.88 -21.70 44.19
C ARG I 171 -9.50 -21.37 45.54
N TYR I 172 -10.73 -20.83 45.52
CA TYR I 172 -11.41 -20.51 46.77
C TYR I 172 -11.69 -21.76 47.59
N LEU I 173 -12.13 -22.82 46.94
CA LEU I 173 -12.42 -24.07 47.65
C LEU I 173 -11.15 -24.63 48.29
N GLU I 174 -10.01 -24.50 47.61
CA GLU I 174 -8.77 -24.98 48.19
C GLU I 174 -8.34 -24.12 49.38
N ASN I 175 -8.39 -22.80 49.24
CA ASN I 175 -7.92 -21.93 50.31
C ASN I 175 -8.86 -21.88 51.51
N GLY I 176 -10.10 -22.32 51.34
CA GLY I 176 -11.06 -22.30 52.44
C GLY I 176 -11.60 -23.67 52.76
N LYS I 177 -10.72 -24.68 52.73
CA LYS I 177 -11.17 -26.06 52.88
C LYS I 177 -11.82 -26.30 54.23
N GLU I 178 -11.31 -25.66 55.29
CA GLU I 178 -11.82 -25.93 56.63
C GLU I 178 -13.27 -25.54 56.78
N THR I 179 -13.66 -24.39 56.23
CA THR I 179 -15.00 -23.86 56.42
C THR I 179 -15.92 -24.09 55.23
N LEU I 180 -15.41 -24.07 54.00
CA LEU I 180 -16.29 -24.19 52.84
C LEU I 180 -16.75 -25.62 52.60
N GLN I 181 -15.93 -26.61 52.97
CA GLN I 181 -16.25 -28.00 52.70
C GLN I 181 -16.80 -28.72 53.93
N ARG I 182 -17.15 -27.99 54.98
CA ARG I 182 -17.74 -28.60 56.16
C ARG I 182 -19.19 -28.96 55.91
N THR I 183 -19.73 -29.80 56.80
CA THR I 183 -21.14 -30.11 56.84
C THR I 183 -21.55 -30.30 58.29
N ASP I 184 -22.65 -29.68 58.69
CA ASP I 184 -23.14 -29.76 60.05
C ASP I 184 -24.51 -30.40 60.06
N ALA I 185 -24.64 -31.51 60.79
CA ALA I 185 -25.94 -32.14 60.94
C ALA I 185 -26.81 -31.31 61.88
N PRO I 186 -28.11 -31.22 61.62
CA PRO I 186 -28.98 -30.41 62.47
C PRO I 186 -29.14 -31.01 63.85
N LYS I 187 -29.26 -30.13 64.84
CA LYS I 187 -29.69 -30.51 66.18
C LYS I 187 -31.20 -30.47 66.20
N THR I 188 -31.83 -31.57 66.59
CA THR I 188 -33.26 -31.75 66.38
C THR I 188 -33.96 -32.12 67.67
N HIS I 189 -35.11 -31.50 67.90
CA HIS I 189 -35.97 -31.80 69.03
C HIS I 189 -37.38 -31.31 68.68
N MET I 190 -38.37 -31.86 69.39
CA MET I 190 -39.76 -31.50 69.13
C MET I 190 -40.46 -31.14 70.43
N THR I 191 -41.36 -30.18 70.35
CA THR I 191 -42.09 -29.64 71.49
C THR I 191 -43.59 -29.78 71.28
N HIS I 192 -44.33 -29.65 72.38
CA HIS I 192 -45.76 -29.90 72.40
C HIS I 192 -46.46 -28.78 73.16
N HIS I 193 -47.56 -28.28 72.61
CA HIS I 193 -48.33 -27.20 73.23
C HIS I 193 -49.81 -27.44 73.01
N ALA I 194 -50.55 -27.65 74.11
CA ALA I 194 -52.01 -27.75 74.01
C ALA I 194 -52.59 -26.36 73.78
N VAL I 195 -53.50 -26.25 72.82
CA VAL I 195 -53.96 -24.93 72.40
C VAL I 195 -54.85 -24.30 73.48
N SER I 196 -56.04 -24.86 73.72
CA SER I 196 -56.81 -24.48 74.90
C SER I 196 -57.12 -25.68 75.78
N ASP I 197 -57.88 -26.65 75.29
CA ASP I 197 -58.18 -27.86 76.07
C ASP I 197 -58.18 -29.15 75.26
N HIS I 198 -58.43 -29.12 73.96
CA HIS I 198 -58.65 -30.33 73.18
C HIS I 198 -57.56 -30.57 72.14
N GLU I 199 -57.32 -29.63 71.24
CA GLU I 199 -56.29 -29.82 70.24
C GLU I 199 -54.92 -29.55 70.85
N ALA I 200 -53.89 -29.82 70.05
CA ALA I 200 -52.51 -29.52 70.44
C ALA I 200 -51.68 -29.35 69.19
N THR I 201 -50.50 -28.77 69.36
CA THR I 201 -49.55 -28.59 68.26
C THR I 201 -48.23 -29.26 68.61
N LEU I 202 -47.70 -30.03 67.66
CA LEU I 202 -46.38 -30.62 67.76
C LEU I 202 -45.47 -29.95 66.74
N ARG I 203 -44.33 -29.45 67.22
CA ARG I 203 -43.41 -28.68 66.40
C ARG I 203 -42.03 -29.29 66.50
N CYS I 204 -41.50 -29.77 65.38
CA CYS I 204 -40.16 -30.35 65.32
C CYS I 204 -39.21 -29.32 64.72
N TRP I 205 -38.08 -29.12 65.39
CA TRP I 205 -37.14 -28.07 65.04
C TRP I 205 -35.96 -28.64 64.26
N ALA I 206 -35.04 -27.75 63.89
CA ALA I 206 -33.78 -28.12 63.27
C ALA I 206 -32.85 -26.93 63.42
N LEU I 207 -31.78 -27.09 64.18
CA LEU I 207 -30.91 -25.98 64.55
C LEU I 207 -29.49 -26.24 64.08
N SER I 208 -28.83 -25.16 63.64
CA SER I 208 -27.38 -25.14 63.46
C SER I 208 -26.90 -26.19 62.46
N PHE I 209 -27.40 -26.06 61.22
CA PHE I 209 -27.00 -26.96 60.15
C PHE I 209 -26.49 -26.15 58.96
N TYR I 210 -25.54 -26.75 58.24
CA TYR I 210 -24.94 -26.16 57.05
C TYR I 210 -24.65 -27.28 56.06
N PRO I 211 -24.96 -27.09 54.77
CA PRO I 211 -25.57 -25.90 54.17
C PRO I 211 -27.07 -25.78 54.43
N ALA I 212 -27.71 -24.83 53.75
CA ALA I 212 -29.07 -24.39 54.09
C ALA I 212 -30.16 -25.25 53.46
N GLU I 213 -29.82 -26.27 52.68
CA GLU I 213 -30.82 -27.10 52.02
C GLU I 213 -31.19 -28.27 52.92
N ILE I 214 -32.48 -28.42 53.22
CA ILE I 214 -32.97 -29.43 54.15
C ILE I 214 -34.40 -29.77 53.75
N THR I 215 -34.90 -30.90 54.27
CA THR I 215 -36.28 -31.30 54.07
C THR I 215 -36.91 -31.72 55.39
N LEU I 216 -38.10 -31.18 55.67
CA LEU I 216 -38.88 -31.52 56.85
C LEU I 216 -40.23 -32.03 56.41
N THR I 217 -40.68 -33.14 56.99
CA THR I 217 -41.97 -33.72 56.66
C THR I 217 -42.63 -34.29 57.92
N TRP I 218 -43.94 -34.43 57.84
CA TRP I 218 -44.74 -35.05 58.90
C TRP I 218 -45.39 -36.33 58.38
N GLN I 219 -45.43 -37.36 59.21
CA GLN I 219 -46.02 -38.63 58.85
C GLN I 219 -46.95 -39.10 59.96
N ARG I 220 -48.13 -39.56 59.58
CA ARG I 220 -49.10 -40.15 60.50
C ARG I 220 -49.24 -41.62 60.15
N ASP I 221 -48.43 -42.45 60.79
CA ASP I 221 -48.39 -43.89 60.51
C ASP I 221 -48.13 -44.15 59.03
N GLY I 222 -47.21 -43.38 58.46
CA GLY I 222 -46.88 -43.49 57.05
C GLY I 222 -47.63 -42.54 56.14
N GLU I 223 -48.66 -41.87 56.64
CA GLU I 223 -49.43 -40.93 55.82
C GLU I 223 -48.63 -39.64 55.66
N ASP I 224 -48.35 -39.27 54.42
CA ASP I 224 -47.64 -38.03 54.13
C ASP I 224 -48.59 -36.84 54.27
N GLN I 225 -48.32 -35.97 55.24
CA GLN I 225 -49.19 -34.85 55.55
C GLN I 225 -48.72 -33.62 54.77
N THR I 226 -49.07 -33.60 53.48
CA THR I 226 -48.72 -32.45 52.65
C THR I 226 -49.48 -31.20 53.09
N GLN I 227 -50.68 -31.37 53.64
CA GLN I 227 -51.47 -30.28 54.21
C GLN I 227 -51.52 -30.46 55.73
N ASP I 228 -52.30 -29.59 56.38
CA ASP I 228 -52.53 -29.59 57.82
C ASP I 228 -51.26 -29.27 58.61
N THR I 229 -50.18 -28.92 57.92
CA THR I 229 -48.91 -28.60 58.56
C THR I 229 -48.44 -27.23 58.10
N GLU I 230 -47.71 -26.54 58.98
CA GLU I 230 -47.13 -25.24 58.68
C GLU I 230 -45.63 -25.31 58.85
N LEU I 231 -44.89 -24.90 57.82
CA LEU I 231 -43.43 -24.84 57.87
C LEU I 231 -42.97 -23.48 57.39
N VAL I 232 -41.99 -22.92 58.10
CA VAL I 232 -41.49 -21.58 57.82
C VAL I 232 -40.26 -21.68 56.92
N GLU I 233 -39.94 -20.56 56.28
CA GLU I 233 -38.76 -20.48 55.44
C GLU I 233 -37.50 -20.64 56.28
N THR I 234 -36.50 -21.30 55.70
CA THR I 234 -35.20 -21.43 56.35
C THR I 234 -34.61 -20.05 56.61
N ARG I 235 -34.11 -19.84 57.81
CA ARG I 235 -33.65 -18.53 58.23
C ARG I 235 -32.22 -18.61 58.74
N PRO I 236 -31.42 -17.57 58.51
CA PRO I 236 -30.05 -17.56 59.04
C PRO I 236 -30.04 -17.37 60.54
N ALA I 237 -28.98 -17.88 61.16
CA ALA I 237 -28.80 -17.71 62.60
C ALA I 237 -27.90 -16.54 62.96
N GLY I 238 -27.11 -16.04 62.02
CA GLY I 238 -26.21 -14.94 62.28
C GLY I 238 -24.76 -15.32 62.51
N ASP I 239 -24.43 -16.61 62.45
CA ASP I 239 -23.06 -17.05 62.65
C ASP I 239 -22.57 -18.02 61.58
N GLY I 240 -23.38 -18.30 60.56
CA GLY I 240 -23.01 -19.24 59.52
C GLY I 240 -23.87 -20.49 59.46
N THR I 241 -24.88 -20.61 60.31
CA THR I 241 -25.77 -21.75 60.35
C THR I 241 -27.19 -21.31 60.06
N PHE I 242 -28.12 -22.27 60.03
CA PHE I 242 -29.49 -22.00 59.65
C PHE I 242 -30.45 -22.74 60.57
N GLN I 243 -31.69 -22.27 60.60
CA GLN I 243 -32.74 -22.84 61.44
C GLN I 243 -33.98 -23.10 60.62
N LYS I 244 -34.80 -24.04 61.09
CA LYS I 244 -36.10 -24.31 60.50
C LYS I 244 -36.95 -25.06 61.50
N TRP I 245 -38.26 -25.03 61.28
CA TRP I 245 -39.17 -25.86 62.07
C TRP I 245 -40.46 -26.08 61.29
N ALA I 246 -41.15 -27.15 61.65
CA ALA I 246 -42.44 -27.50 61.06
C ALA I 246 -43.37 -27.94 62.17
N ALA I 247 -44.62 -27.49 62.09
CA ALA I 247 -45.60 -27.75 63.13
C ALA I 247 -46.85 -28.37 62.54
N VAL I 248 -47.53 -29.18 63.34
CA VAL I 248 -48.76 -29.85 62.96
C VAL I 248 -49.72 -29.83 64.14
N VAL I 249 -51.01 -29.66 63.86
CA VAL I 249 -52.04 -29.60 64.89
C VAL I 249 -52.81 -30.92 64.90
N VAL I 250 -52.93 -31.51 66.09
CA VAL I 250 -53.48 -32.86 66.23
C VAL I 250 -54.41 -32.89 67.43
N PRO I 251 -55.36 -33.83 67.43
CA PRO I 251 -56.13 -34.09 68.64
C PRO I 251 -55.25 -34.68 69.74
N SER I 252 -55.64 -34.43 70.99
CA SER I 252 -54.87 -34.89 72.12
C SER I 252 -54.93 -36.41 72.23
N GLY I 253 -53.87 -36.99 72.80
CA GLY I 253 -53.77 -38.42 72.97
C GLY I 253 -53.37 -39.19 71.73
N GLN I 254 -53.11 -38.52 70.62
CA GLN I 254 -52.72 -39.15 69.37
C GLN I 254 -51.32 -38.73 68.95
N GLU I 255 -50.46 -38.45 69.93
CA GLU I 255 -49.12 -37.94 69.63
C GLU I 255 -48.23 -39.03 69.08
N GLN I 256 -48.31 -40.25 69.63
CA GLN I 256 -47.47 -41.34 69.17
C GLN I 256 -47.79 -41.74 67.74
N ARG I 257 -48.98 -41.38 67.24
CA ARG I 257 -49.33 -41.67 65.86
C ARG I 257 -48.57 -40.79 64.86
N TYR I 258 -47.95 -39.71 65.32
CA TYR I 258 -47.30 -38.75 64.45
C TYR I 258 -45.79 -38.80 64.62
N THR I 259 -45.07 -38.58 63.52
CA THR I 259 -43.61 -38.52 63.54
C THR I 259 -43.13 -37.47 62.58
N CYS I 260 -41.95 -36.92 62.87
CA CYS I 260 -41.30 -35.90 62.05
C CYS I 260 -40.05 -36.48 61.42
N HIS I 261 -39.92 -36.35 60.11
CA HIS I 261 -38.77 -36.86 59.38
C HIS I 261 -37.92 -35.70 58.87
N VAL I 262 -36.62 -35.78 59.13
CA VAL I 262 -35.64 -34.79 58.67
C VAL I 262 -34.57 -35.49 57.86
N GLN I 263 -34.23 -34.93 56.70
CA GLN I 263 -33.11 -35.41 55.90
C GLN I 263 -32.26 -34.22 55.49
N HIS I 264 -31.00 -34.23 55.93
CA HIS I 264 -29.94 -33.33 55.53
C HIS I 264 -28.85 -34.16 54.87
N GLU I 265 -27.85 -33.51 54.29
CA GLU I 265 -26.74 -34.29 53.75
C GLU I 265 -25.69 -34.59 54.80
N GLY I 266 -25.72 -33.91 55.94
CA GLY I 266 -24.83 -34.23 57.03
C GLY I 266 -25.29 -35.37 57.90
N LEU I 267 -26.46 -35.94 57.59
CA LEU I 267 -26.97 -37.10 58.31
C LEU I 267 -26.66 -38.36 57.51
N PRO I 268 -25.95 -39.33 58.07
CA PRO I 268 -25.72 -40.58 57.33
C PRO I 268 -27.00 -41.32 56.98
N LYS I 269 -28.04 -41.22 57.82
CA LYS I 269 -29.30 -41.90 57.57
C LYS I 269 -30.42 -40.93 57.99
N PRO I 270 -31.46 -40.77 57.17
CA PRO I 270 -32.51 -39.81 57.50
C PRO I 270 -33.19 -40.13 58.82
N LEU I 271 -33.42 -39.10 59.64
CA LEU I 271 -33.84 -39.30 61.00
C LEU I 271 -35.36 -39.49 61.09
N THR I 272 -35.82 -39.81 62.29
CA THR I 272 -37.24 -40.02 62.57
C THR I 272 -37.47 -39.71 64.04
N LEU I 273 -38.28 -38.70 64.32
CA LEU I 273 -38.53 -38.25 65.70
C LEU I 273 -39.96 -38.56 66.10
N ARG I 274 -40.11 -39.14 67.28
CA ARG I 274 -41.41 -39.38 67.90
C ARG I 274 -41.46 -38.63 69.23
N TRP I 275 -42.65 -38.16 69.60
CA TRP I 275 -42.79 -37.34 70.78
C TRP I 275 -42.35 -38.10 72.03
N GLU I 276 -41.36 -37.54 72.73
CA GLU I 276 -40.82 -38.13 73.96
C GLU I 276 -40.38 -39.57 73.76
N MET J 1 -44.50 -2.70 37.07
CA MET J 1 -43.81 -2.51 38.34
C MET J 1 -44.63 -3.12 39.48
N ILE J 2 -44.51 -4.44 39.64
CA ILE J 2 -45.22 -5.13 40.70
C ILE J 2 -44.53 -4.87 42.02
N GLN J 3 -45.32 -4.79 43.09
CA GLN J 3 -44.83 -4.53 44.43
C GLN J 3 -45.16 -5.70 45.34
N ARG J 4 -44.15 -6.24 46.02
CA ARG J 4 -44.30 -7.37 46.91
C ARG J 4 -44.19 -6.92 48.37
N THR J 5 -44.90 -7.62 49.24
CA THR J 5 -45.03 -7.35 50.66
C THR J 5 -44.06 -8.20 51.47
N PRO J 6 -43.31 -7.60 52.39
CA PRO J 6 -42.32 -8.36 53.14
C PRO J 6 -42.95 -9.39 54.07
N LYS J 7 -42.21 -10.48 54.30
CA LYS J 7 -42.51 -11.48 55.31
C LYS J 7 -41.50 -11.35 56.44
N ILE J 8 -41.96 -11.51 57.67
CA ILE J 8 -41.18 -11.15 58.84
C ILE J 8 -41.09 -12.34 59.79
N GLN J 9 -39.88 -12.58 60.30
CA GLN J 9 -39.66 -13.58 61.34
C GLN J 9 -38.80 -12.97 62.43
N VAL J 10 -39.19 -13.19 63.68
CA VAL J 10 -38.48 -12.70 64.86
C VAL J 10 -38.07 -13.89 65.71
N TYR J 11 -36.80 -13.97 66.06
CA TYR J 11 -36.28 -15.12 66.78
C TYR J 11 -34.95 -14.75 67.43
N SER J 12 -34.26 -15.76 67.95
CA SER J 12 -32.98 -15.58 68.59
C SER J 12 -31.97 -16.57 68.01
N ARG J 13 -30.69 -16.21 68.10
CA ARG J 13 -29.64 -17.04 67.53
C ARG J 13 -29.54 -18.39 68.24
N HIS J 14 -29.48 -18.36 69.56
CA HIS J 14 -29.39 -19.55 70.38
C HIS J 14 -30.69 -19.76 71.15
N PRO J 15 -30.99 -20.99 71.58
CA PRO J 15 -32.17 -21.20 72.42
C PRO J 15 -32.11 -20.35 73.67
N ALA J 16 -33.24 -19.74 74.01
CA ALA J 16 -33.29 -18.70 75.02
C ALA J 16 -33.45 -19.30 76.41
N GLU J 17 -32.65 -18.82 77.36
CA GLU J 17 -32.86 -19.10 78.76
C GLU J 17 -32.36 -17.88 79.53
N ASN J 18 -33.06 -17.55 80.61
CA ASN J 18 -32.83 -16.29 81.30
C ASN J 18 -31.44 -16.24 81.90
N GLY J 19 -30.75 -15.11 81.71
CA GLY J 19 -29.52 -14.80 82.41
C GLY J 19 -28.28 -14.65 81.54
N LYS J 20 -28.23 -15.25 80.36
CA LYS J 20 -27.02 -15.17 79.55
C LYS J 20 -27.28 -14.37 78.28
N SER J 21 -26.19 -13.82 77.73
CA SER J 21 -26.28 -13.00 76.52
C SER J 21 -26.70 -13.85 75.33
N ASN J 22 -27.36 -13.18 74.38
CA ASN J 22 -27.88 -13.84 73.18
C ASN J 22 -28.07 -12.76 72.12
N PHE J 23 -28.57 -13.18 70.95
CA PHE J 23 -28.80 -12.29 69.83
C PHE J 23 -30.26 -12.36 69.42
N LEU J 24 -30.86 -11.20 69.20
CA LEU J 24 -32.23 -11.09 68.70
C LEU J 24 -32.20 -10.73 67.22
N ASN J 25 -32.99 -11.44 66.42
CA ASN J 25 -33.00 -11.28 64.96
C ASN J 25 -34.40 -10.98 64.46
N CYS J 26 -34.51 -9.96 63.62
CA CYS J 26 -35.71 -9.72 62.80
C CYS J 26 -35.29 -9.89 61.34
N TYR J 27 -35.92 -10.84 60.66
CA TYR J 27 -35.53 -11.24 59.31
C TYR J 27 -36.68 -10.96 58.34
N VAL J 28 -36.41 -10.14 57.33
CA VAL J 28 -37.42 -9.73 56.36
C VAL J 28 -37.00 -10.25 54.99
N SER J 29 -37.97 -10.71 54.21
CA SER J 29 -37.67 -11.30 52.90
C SER J 29 -38.86 -11.10 51.97
N GLY J 30 -38.58 -11.22 50.68
CA GLY J 30 -39.61 -11.21 49.65
C GLY J 30 -40.32 -9.90 49.43
N PHE J 31 -39.60 -8.79 49.40
CA PHE J 31 -40.20 -7.48 49.19
C PHE J 31 -39.54 -6.78 48.02
N HIS J 32 -40.29 -5.84 47.43
CA HIS J 32 -39.82 -5.01 46.33
C HIS J 32 -40.64 -3.72 46.30
N PRO J 33 -40.02 -2.55 46.17
CA PRO J 33 -38.57 -2.29 46.04
C PRO J 33 -37.79 -2.45 47.34
N SER J 34 -36.54 -2.00 47.34
CA SER J 34 -35.60 -2.32 48.40
C SER J 34 -35.63 -1.34 49.57
N ASP J 35 -36.32 -0.21 49.45
CA ASP J 35 -36.42 0.71 50.58
C ASP J 35 -37.35 0.13 51.64
N ILE J 36 -36.87 0.03 52.87
CA ILE J 36 -37.61 -0.57 53.96
C ILE J 36 -37.15 0.05 55.27
N GLU J 37 -38.01 0.00 56.28
CA GLU J 37 -37.72 0.57 57.60
C GLU J 37 -37.93 -0.51 58.65
N VAL J 38 -36.85 -0.88 59.33
CA VAL J 38 -36.86 -1.97 60.31
C VAL J 38 -36.28 -1.45 61.62
N ASP J 39 -36.97 -1.73 62.72
CA ASP J 39 -36.51 -1.35 64.05
C ASP J 39 -36.73 -2.50 65.02
N LEU J 40 -35.87 -2.58 66.03
CA LEU J 40 -35.99 -3.56 67.11
C LEU J 40 -36.40 -2.84 68.38
N LEU J 41 -37.39 -3.38 69.08
CA LEU J 41 -38.02 -2.69 70.20
C LEU J 41 -37.90 -3.51 71.48
N LYS J 42 -37.53 -2.84 72.57
CA LYS J 42 -37.52 -3.40 73.91
C LYS J 42 -38.54 -2.64 74.74
N ASN J 43 -39.60 -3.33 75.16
CA ASN J 43 -40.71 -2.70 75.87
C ASN J 43 -41.31 -1.55 75.08
N GLY J 44 -41.34 -1.70 73.76
CA GLY J 44 -41.97 -0.74 72.88
C GLY J 44 -41.10 0.40 72.40
N GLU J 45 -39.84 0.46 72.80
CA GLU J 45 -38.96 1.56 72.46
C GLU J 45 -37.76 1.07 71.66
N ARG J 46 -37.23 1.97 70.83
CA ARG J 46 -36.17 1.62 69.90
C ARG J 46 -34.90 1.22 70.63
N ILE J 47 -34.15 0.30 70.01
CA ILE J 47 -32.82 -0.08 70.46
C ILE J 47 -31.79 0.60 69.57
N GLU J 48 -30.83 1.28 70.19
CA GLU J 48 -29.92 2.14 69.44
C GLU J 48 -28.96 1.33 68.57
N LYS J 49 -28.32 0.31 69.14
CA LYS J 49 -27.20 -0.38 68.49
C LYS J 49 -27.73 -1.62 67.77
N VAL J 50 -28.10 -1.44 66.51
CA VAL J 50 -28.62 -2.53 65.68
C VAL J 50 -27.80 -2.58 64.40
N GLU J 51 -27.34 -3.77 64.04
CA GLU J 51 -26.60 -4.00 62.81
C GLU J 51 -27.44 -4.79 61.82
N HIS J 52 -27.14 -4.63 60.54
CA HIS J 52 -27.86 -5.34 59.49
C HIS J 52 -26.88 -5.83 58.44
N SER J 53 -27.33 -6.81 57.66
CA SER J 53 -26.51 -7.45 56.65
C SER J 53 -26.50 -6.61 55.37
N ASP J 54 -25.95 -7.16 54.29
CA ASP J 54 -25.89 -6.48 53.01
C ASP J 54 -27.06 -6.88 52.14
N LEU J 55 -27.55 -5.94 51.36
CA LEU J 55 -28.74 -6.17 50.53
C LEU J 55 -28.47 -7.23 49.48
N SER J 56 -29.40 -8.18 49.34
CA SER J 56 -29.29 -9.24 48.36
C SER J 56 -30.69 -9.70 47.98
N PHE J 57 -30.79 -10.41 46.86
CA PHE J 57 -32.08 -10.85 46.34
C PHE J 57 -32.03 -12.32 45.97
N SER J 58 -33.20 -12.88 45.74
CA SER J 58 -33.39 -14.28 45.43
C SER J 58 -33.62 -14.47 43.93
N LYS J 59 -34.00 -15.69 43.53
CA LYS J 59 -34.19 -16.00 42.12
C LYS J 59 -35.30 -15.17 41.48
N ASP J 60 -36.34 -14.84 42.24
CA ASP J 60 -37.45 -14.05 41.72
C ASP J 60 -37.26 -12.55 41.94
N TRP J 61 -36.03 -12.12 42.18
CA TRP J 61 -35.64 -10.71 42.29
C TRP J 61 -36.23 -10.03 43.53
N SER J 62 -36.62 -10.79 44.55
CA SER J 62 -37.16 -10.22 45.77
C SER J 62 -36.08 -10.16 46.84
N PHE J 63 -35.96 -9.01 47.49
CA PHE J 63 -34.88 -8.72 48.42
C PHE J 63 -35.11 -9.37 49.78
N TYR J 64 -34.03 -9.52 50.54
CA TYR J 64 -34.11 -9.99 51.91
C TYR J 64 -33.01 -9.33 52.74
N LEU J 65 -33.28 -9.16 54.03
CA LEU J 65 -32.34 -8.51 54.95
C LEU J 65 -32.48 -9.15 56.33
N LEU J 66 -31.42 -9.02 57.12
CA LEU J 66 -31.42 -9.50 58.50
C LEU J 66 -30.90 -8.41 59.42
N TYR J 67 -31.66 -8.12 60.48
CA TYR J 67 -31.26 -7.18 61.52
C TYR J 67 -31.04 -7.93 62.83
N TYR J 68 -29.99 -7.57 63.55
CA TYR J 68 -29.65 -8.31 64.76
C TYR J 68 -29.04 -7.38 65.80
N THR J 69 -29.19 -7.76 67.07
CA THR J 69 -28.62 -7.02 68.18
C THR J 69 -28.39 -7.97 69.35
N GLU J 70 -27.52 -7.55 70.27
CA GLU J 70 -27.27 -8.31 71.49
C GLU J 70 -28.30 -7.96 72.56
N PHE J 71 -28.72 -8.97 73.31
CA PHE J 71 -29.69 -8.76 74.38
C PHE J 71 -29.52 -9.88 75.39
N THR J 72 -30.28 -9.79 76.48
CA THR J 72 -30.25 -10.80 77.54
C THR J 72 -31.70 -11.05 77.97
N PRO J 73 -32.31 -12.12 77.50
CA PRO J 73 -33.73 -12.35 77.79
C PRO J 73 -33.99 -12.56 79.28
N THR J 74 -35.10 -11.98 79.75
CA THR J 74 -35.58 -12.17 81.11
C THR J 74 -37.06 -12.52 81.05
N GLU J 75 -37.61 -12.87 82.21
CA GLU J 75 -39.00 -13.27 82.29
C GLU J 75 -39.96 -12.10 82.23
N LYS J 76 -39.47 -10.88 82.45
CA LYS J 76 -40.34 -9.72 82.66
C LYS J 76 -40.05 -8.61 81.64
N ASP J 77 -39.61 -8.98 80.45
CA ASP J 77 -39.30 -8.02 79.39
C ASP J 77 -39.97 -8.46 78.10
N GLU J 78 -40.26 -7.50 77.23
CA GLU J 78 -40.89 -7.76 75.94
C GLU J 78 -40.00 -7.27 74.82
N TYR J 79 -39.98 -8.02 73.73
CA TYR J 79 -39.16 -7.71 72.56
C TYR J 79 -40.00 -7.87 71.30
N ALA J 80 -39.71 -7.03 70.31
CA ALA J 80 -40.45 -7.03 69.05
C ALA J 80 -39.59 -6.36 67.98
N CYS J 81 -40.08 -6.38 66.74
CA CYS J 81 -39.49 -5.59 65.68
C CYS J 81 -40.62 -4.95 64.87
N ARG J 82 -40.38 -3.70 64.46
CA ARG J 82 -41.37 -2.90 63.74
C ARG J 82 -40.88 -2.67 62.32
N VAL J 83 -41.74 -2.97 61.34
CA VAL J 83 -41.39 -2.89 59.93
C VAL J 83 -42.39 -1.99 59.21
N ASN J 84 -41.87 -1.08 58.37
CA ASN J 84 -42.69 -0.22 57.54
C ASN J 84 -42.19 -0.28 56.10
N HIS J 85 -43.11 -0.44 55.16
CA HIS J 85 -42.79 -0.56 53.74
C HIS J 85 -43.81 0.23 52.93
N VAL J 86 -43.45 0.50 51.68
CA VAL J 86 -44.34 1.28 50.81
C VAL J 86 -45.63 0.51 50.51
N THR J 87 -45.58 -0.82 50.57
CA THR J 87 -46.75 -1.64 50.29
C THR J 87 -47.62 -1.87 51.51
N LEU J 88 -47.29 -1.24 52.64
CA LEU J 88 -48.06 -1.38 53.87
C LEU J 88 -48.77 -0.07 54.17
N SER J 89 -50.06 -0.14 54.48
CA SER J 89 -50.81 1.07 54.81
C SER J 89 -50.47 1.56 56.21
N GLN J 90 -50.10 0.67 57.11
CA GLN J 90 -49.68 1.01 58.46
C GLN J 90 -48.54 0.07 58.86
N PRO J 91 -47.69 0.49 59.79
CA PRO J 91 -46.56 -0.35 60.18
C PRO J 91 -47.04 -1.65 60.84
N LYS J 92 -46.22 -2.68 60.71
CA LYS J 92 -46.53 -4.00 61.25
C LYS J 92 -45.55 -4.34 62.37
N ILE J 93 -46.08 -4.70 63.53
CA ILE J 93 -45.29 -5.04 64.70
C ILE J 93 -45.44 -6.52 64.99
N VAL J 94 -44.32 -7.22 65.11
CA VAL J 94 -44.27 -8.65 65.39
C VAL J 94 -43.50 -8.87 66.68
N LYS J 95 -44.13 -9.56 67.63
CA LYS J 95 -43.54 -9.80 68.94
C LYS J 95 -42.70 -11.07 68.95
N TRP J 96 -41.72 -11.11 69.85
CA TRP J 96 -40.86 -12.27 69.98
C TRP J 96 -41.53 -13.31 70.89
N ASP J 97 -41.59 -14.54 70.41
CA ASP J 97 -42.12 -15.66 71.18
C ASP J 97 -41.01 -16.69 71.36
N ARG J 98 -40.85 -17.16 72.60
CA ARG J 98 -39.79 -18.13 72.87
C ARG J 98 -40.04 -19.47 72.18
N ASP J 99 -41.30 -19.81 71.93
CA ASP J 99 -41.65 -21.08 71.31
C ASP J 99 -41.63 -21.05 69.80
N MET J 100 -41.27 -19.92 69.20
CA MET J 100 -41.24 -19.82 67.74
C MET J 100 -39.92 -19.22 67.25
N GLY K 1 -13.52 -14.10 41.72
CA GLY K 1 -13.30 -12.94 40.88
C GLY K 1 -14.52 -12.59 40.05
N VAL K 2 -14.79 -11.29 39.93
CA VAL K 2 -15.93 -10.80 39.17
C VAL K 2 -15.59 -10.82 37.68
N TYR K 3 -16.61 -10.66 36.83
CA TYR K 3 -16.43 -10.69 35.40
C TYR K 3 -15.45 -9.62 34.93
N ASP K 4 -14.48 -10.02 34.11
CA ASP K 4 -13.37 -9.17 33.73
C ASP K 4 -13.26 -8.97 32.22
N GLY K 5 -14.35 -9.10 31.50
CA GLY K 5 -14.36 -8.90 30.06
C GLY K 5 -14.76 -7.50 29.68
N ARG K 6 -15.31 -7.37 28.47
CA ARG K 6 -15.76 -6.07 27.99
C ARG K 6 -17.16 -5.78 28.52
N GLU K 7 -17.36 -4.52 28.94
CA GLU K 7 -18.65 -4.07 29.44
C GLU K 7 -19.54 -3.61 28.28
N HIS K 8 -20.82 -3.94 28.36
CA HIS K 8 -21.80 -3.57 27.35
C HIS K 8 -23.05 -3.05 28.05
N THR K 9 -23.58 -1.93 27.55
CA THR K 9 -24.78 -1.33 28.12
C THR K 9 -26.03 -1.78 27.37
N VAL K 10 -27.15 -1.70 28.06
CA VAL K 10 -28.45 -2.03 27.50
C VAL K 10 -28.89 -0.97 26.51
#